data_8EYI
#
_entry.id   8EYI
#
_cell.length_a   1.00
_cell.length_b   1.00
_cell.length_c   1.00
_cell.angle_alpha   90.00
_cell.angle_beta   90.00
_cell.angle_gamma   90.00
#
_symmetry.space_group_name_H-M   'P 1'
#
loop_
_entity.id
_entity.type
_entity.pdbx_description
1 polymer 'Fatty acid synthase'
2 non-polymer 'NADPH DIHYDRO-NICOTINAMIDE-ADENINE-DINUCLEOTIDE PHOSPHATE'
#
_entity_poly.entity_id   1
_entity_poly.type   'polypeptide(L)'
_entity_poly.pdbx_seq_one_letter_code
;GGSPSAAIYNIDTSSESPDHYLVDHTLDGRVLFPATGYLSIVWKTLARALGLGVEQLPVVFEDVVLHQATILPKTGTVSL
EVRLLEASRAFEVSENGNLVVSGKVYQWDDPDPRLFDHPESPTPNPTEPLFLAQAEVYKELRLRGYDYGPHFQGILEASL
EGDSGRLLWKDNWVSFMDTMLQMSILGSAKHGLYLPTRVTAIHIDPATHRQKLYTLQDKAQVADVVVSRWLRVTVAGGVH
ISGLHTESAPRRQQEQQVPILEKFCFTPHTEEGCLSERAALQEELQLCKGLVQALQTKVTQQGLKMVVPGLDGAQIPRDP
SQQELPRLLSAACRLQLNGNLQLELAQVLAQERPKLPEDPLLSGLLDSPALKACLDTAVENMPSLKMKVVEVLAGHGHLY
SRIPGLLSPHPLLQLSYTATDRHPQALEAAQAELQQHDVAQGQWDPADPAPSALGSADLLVCNCAVAALGDPASALSNMV
AALREGGFLLLHTLLRGHPLGDIVAFLTSTEPQYGQGILSQDAWESLFSRVSLRLVGLKKSFYGSTLFLCRRPTPQDSPI
FLPVDDTSFRWVESLKGILADEDSSRPVWLKAINCATSGVVGLVNCLRREPGGNRLRCVLLSNLSSTSHVPEVDPGSAEL
QKVLQGDLVMNVYRDGAWGAFRHFLLEEDKPEEPTAHAFVSTLTRGDLSSIRWVCSSLRHAQPTCPGAQLCTVYYASLNF
RDIMLATGKLSPDAIPGKWTSQDSLLGMEFSGRDASGKRVMGLVPAKGLATSVLLSPDFLWDVPSNWTLEEAASVPVVYS
TAYYALVVRGRVRPGETLLIHSGSGGVGQAAIAIALSLGCRVFTTVGSAEKRAYLQARFPQLDSTSFANSRDTSFEQHVL
WHTGGKGVDLVLNSLAEEKLQASVRCLATHGRFLEIGKFDLSQNHPLGMAIFLKNVTFHGVLLDAFFNESSADWREVWAL
VQAGIRDGVVRPLKCTVFHGAQVEDAFRYMAQGKHIGKVVVQVLAEEPEAVLKGAKPKLMSAISKTFCPAHKSYIIAGGL
GGFGLELAQWLIQRGVQKLVLTSRSGIRTGYQAKQVRRWRRQGVQVQVSTSNISSLEGARGLIAEAAQLGPVGGVFNLAV
VLRDGLLENQTPEFFQDVCKPKYSGTLNLDRVTREACPELDYFVVFSSVSCGRGNAGQSNYGFANSAMERICEKRRHEGL
PGLAVQWGAIGDVGILVETMSTNDTIVSGTLPQRMASCLEVLDLFLNQPHMVLSSFVLAEKAAAYRDRDSQRDLVEAVAH
ILGIRDLAAVNLDSSLADLGLDSLMSVEVRQTLERELNLVLSVREVRQLTLRKLQELSSKADEASELACPTPKEDGLAQQ
QTQLNLRSLLVNPEGPTLMRLNSVQSSERPLFLVHPIEGSTTVFHSLASRLSIPTYGLQCTRAAPLDSIHSLAAYYIDCI
RQVQPEGPYRVAGYSYGACVAFEMCSQLQAQQSPAPTHNSLFLFDGSPTYVLAYTQSYRAKLTPGCEAEAETEAICFFVQ
QFTDMEHNRVLEALLPLKGLEERVAAAVDLIIKSHQGLDRQELSFAARSFYYKLRAAEQYTPKAKYHGNVMLLRAKTGGA
YGEDLGADYNLSQVCDGKVSVHVIEGDHRTLLEGSGLESIISIIHSSLAEPRVSVREGLESRGPHHHHHH
;
_entity_poly.pdbx_strand_id   E,F
#
# COMPACT_ATOMS: atom_id res chain seq x y z
N SER A 5 -8.83 -23.94 18.35
CA SER A 5 -8.60 -22.70 17.62
C SER A 5 -9.63 -21.65 18.00
N ALA A 6 -10.90 -21.92 17.63
CA ALA A 6 -11.98 -20.99 17.91
C ALA A 6 -12.37 -21.10 19.39
N ALA A 7 -12.07 -20.07 20.16
CA ALA A 7 -12.45 -20.04 21.56
C ALA A 7 -13.94 -19.71 21.66
N ILE A 8 -14.70 -20.60 22.27
CA ILE A 8 -16.14 -20.42 22.42
C ILE A 8 -16.41 -19.75 23.76
N TYR A 9 -17.36 -18.83 23.76
CA TYR A 9 -17.80 -18.16 24.98
C TYR A 9 -19.31 -18.19 25.02
N ASN A 10 -19.87 -18.95 25.96
CA ASN A 10 -21.32 -19.07 26.11
C ASN A 10 -21.77 -17.99 27.08
N ILE A 11 -22.06 -16.81 26.54
CA ILE A 11 -22.56 -15.71 27.34
C ILE A 11 -23.95 -16.07 27.84
N ASP A 12 -24.09 -16.21 29.16
CA ASP A 12 -25.36 -16.51 29.81
C ASP A 12 -25.67 -15.40 30.80
N THR A 13 -26.90 -14.92 30.76
CA THR A 13 -27.33 -13.79 31.59
C THR A 13 -28.15 -14.24 32.79
N SER A 14 -28.11 -15.51 33.15
CA SER A 14 -28.83 -15.99 34.31
C SER A 14 -28.22 -15.42 35.59
N SER A 15 -29.00 -15.50 36.68
CA SER A 15 -28.54 -14.97 37.96
C SER A 15 -27.28 -15.69 38.45
N GLU A 16 -27.23 -17.00 38.30
CA GLU A 16 -26.08 -17.77 38.76
C GLU A 16 -24.88 -17.61 37.83
N SER A 17 -25.08 -17.13 36.61
CA SER A 17 -23.99 -17.01 35.67
C SER A 17 -23.00 -15.93 36.10
N PRO A 18 -21.71 -16.12 35.83
CA PRO A 18 -20.72 -15.07 36.16
C PRO A 18 -20.92 -13.80 35.36
N ASP A 19 -21.64 -13.87 34.23
CA ASP A 19 -21.87 -12.70 33.38
C ASP A 19 -23.27 -12.13 33.56
N HIS A 20 -23.80 -12.19 34.78
CA HIS A 20 -25.13 -11.63 35.04
C HIS A 20 -25.12 -10.10 34.94
N TYR A 21 -23.97 -9.48 35.17
CA TYR A 21 -23.88 -8.02 35.09
C TYR A 21 -24.28 -7.49 33.71
N LEU A 22 -24.15 -8.32 32.67
CA LEU A 22 -24.54 -7.88 31.34
C LEU A 22 -26.03 -7.63 31.22
N VAL A 23 -26.84 -8.14 32.15
CA VAL A 23 -28.27 -7.79 32.15
C VAL A 23 -28.44 -6.30 32.37
N ASP A 24 -27.49 -5.66 33.05
CA ASP A 24 -27.58 -4.25 33.36
C ASP A 24 -27.14 -3.35 32.20
N HIS A 25 -26.70 -3.94 31.09
CA HIS A 25 -26.33 -3.16 29.91
C HIS A 25 -27.50 -3.17 28.92
N THR A 26 -28.47 -2.31 29.20
CA THR A 26 -29.69 -2.22 28.41
C THR A 26 -29.67 -0.94 27.58
N LEU A 27 -29.92 -1.07 26.29
CA LEU A 27 -29.96 0.07 25.37
C LEU A 27 -31.29 0.04 24.64
N ASP A 28 -32.22 0.90 25.10
CA ASP A 28 -33.57 1.01 24.54
C ASP A 28 -34.29 -0.34 24.61
N GLY A 29 -34.53 -0.77 25.85
CA GLY A 29 -35.33 -1.96 26.10
C GLY A 29 -34.72 -3.27 25.65
N ARG A 30 -33.46 -3.28 25.24
CA ARG A 30 -32.79 -4.49 24.78
C ARG A 30 -31.46 -4.65 25.49
N VAL A 31 -31.17 -5.88 25.89
CA VAL A 31 -29.89 -6.20 26.52
C VAL A 31 -28.88 -6.46 25.41
N LEU A 32 -27.95 -5.53 25.24
CA LEU A 32 -26.94 -5.63 24.19
C LEU A 32 -25.60 -6.04 24.79
N PHE A 33 -24.89 -6.90 24.08
CA PHE A 33 -23.53 -7.21 24.48
C PHE A 33 -22.64 -6.00 24.21
N PRO A 34 -21.92 -5.49 25.20
CA PRO A 34 -21.13 -4.28 25.00
C PRO A 34 -19.98 -4.50 24.02
N ALA A 35 -19.59 -3.42 23.36
CA ALA A 35 -18.39 -3.45 22.54
C ALA A 35 -17.16 -3.77 23.38
N THR A 36 -17.08 -3.16 24.57
CA THR A 36 -16.02 -3.50 25.50
C THR A 36 -16.12 -4.94 25.98
N GLY A 37 -17.33 -5.52 25.95
CA GLY A 37 -17.43 -6.96 26.17
C GLY A 37 -16.68 -7.75 25.12
N TYR A 38 -16.81 -7.35 23.84
CA TYR A 38 -16.02 -7.97 22.79
C TYR A 38 -14.53 -7.73 23.01
N LEU A 39 -14.17 -6.53 23.45
CA LEU A 39 -12.77 -6.26 23.72
C LEU A 39 -12.23 -7.22 24.78
N SER A 40 -12.98 -7.41 25.86
CA SER A 40 -12.53 -8.29 26.94
C SER A 40 -12.51 -9.74 26.49
N ILE A 41 -13.47 -10.15 25.65
CA ILE A 41 -13.51 -11.54 25.20
C ILE A 41 -12.33 -11.83 24.29
N VAL A 42 -11.98 -10.88 23.41
CA VAL A 42 -10.79 -11.03 22.57
C VAL A 42 -9.54 -11.00 23.42
N TRP A 43 -9.52 -10.16 24.45
CA TRP A 43 -8.38 -10.11 25.36
C TRP A 43 -8.17 -11.46 26.04
N LYS A 44 -9.25 -12.07 26.50
CA LYS A 44 -9.17 -13.39 27.11
C LYS A 44 -8.66 -14.43 26.12
N THR A 45 -9.16 -14.38 24.88
CA THR A 45 -8.71 -15.34 23.87
C THR A 45 -7.23 -15.17 23.56
N LEU A 46 -6.77 -13.93 23.46
CA LEU A 46 -5.35 -13.69 23.19
C LEU A 46 -4.48 -14.12 24.36
N ALA A 47 -4.93 -13.87 25.59
CA ALA A 47 -4.19 -14.33 26.76
C ALA A 47 -4.10 -15.84 26.79
N ARG A 48 -5.20 -16.52 26.46
CA ARG A 48 -5.17 -17.98 26.40
C ARG A 48 -4.23 -18.49 25.31
N ALA A 49 -4.22 -17.82 24.15
CA ALA A 49 -3.33 -18.21 23.07
C ALA A 49 -1.87 -18.06 23.48
N LEU A 50 -1.53 -16.97 24.17
CA LEU A 50 -0.17 -16.73 24.63
C LEU A 50 0.12 -17.39 25.97
N GLY A 51 -0.85 -18.07 26.57
CA GLY A 51 -0.65 -18.71 27.85
C GLY A 51 -0.39 -17.74 29.00
N LEU A 52 -1.05 -16.58 28.97
CA LEU A 52 -0.92 -15.57 30.00
C LEU A 52 -2.29 -15.28 30.60
N GLY A 53 -2.31 -14.45 31.63
CA GLY A 53 -3.54 -13.94 32.19
C GLY A 53 -3.83 -12.55 31.65
N VAL A 54 -5.12 -12.19 31.67
CA VAL A 54 -5.51 -10.88 31.16
C VAL A 54 -4.86 -9.77 31.97
N GLU A 55 -4.73 -9.97 33.28
CA GLU A 55 -4.08 -8.97 34.12
C GLU A 55 -2.60 -8.85 33.87
N GLN A 56 -1.98 -9.80 33.18
CA GLN A 56 -0.57 -9.77 32.87
C GLN A 56 -0.29 -9.55 31.39
N LEU A 57 -1.31 -9.19 30.61
CA LEU A 57 -1.21 -9.10 29.15
C LEU A 57 -1.59 -7.70 28.69
N PRO A 58 -0.63 -6.79 28.60
CA PRO A 58 -0.91 -5.50 27.93
C PRO A 58 -1.22 -5.73 26.46
N VAL A 59 -2.35 -5.20 26.02
CA VAL A 59 -2.91 -5.53 24.71
C VAL A 59 -3.20 -4.25 23.95
N VAL A 60 -3.20 -4.36 22.62
CA VAL A 60 -3.57 -3.28 21.72
C VAL A 60 -4.57 -3.83 20.71
N PHE A 61 -5.72 -3.17 20.62
CA PHE A 61 -6.70 -3.39 19.57
C PHE A 61 -6.58 -2.26 18.55
N GLU A 62 -6.76 -2.61 17.27
CA GLU A 62 -6.65 -1.65 16.20
C GLU A 62 -7.72 -1.93 15.15
N ASP A 63 -8.33 -0.86 14.64
CA ASP A 63 -9.34 -0.96 13.59
C ASP A 63 -10.46 -1.92 13.99
N VAL A 64 -10.89 -1.83 15.24
CA VAL A 64 -11.99 -2.66 15.71
C VAL A 64 -13.28 -2.21 15.03
N VAL A 65 -13.93 -3.14 14.34
CA VAL A 65 -15.17 -2.86 13.63
C VAL A 65 -16.26 -3.77 14.18
N LEU A 66 -17.37 -3.17 14.57
CA LEU A 66 -18.54 -3.90 15.06
C LEU A 66 -19.56 -3.98 13.94
N HIS A 67 -19.82 -5.20 13.46
CA HIS A 67 -20.67 -5.38 12.30
C HIS A 67 -22.13 -5.60 12.66
N GLN A 68 -22.42 -6.07 13.86
CA GLN A 68 -23.79 -6.20 14.32
C GLN A 68 -23.80 -6.25 15.83
N ALA A 69 -24.98 -6.02 16.40
CA ALA A 69 -25.18 -6.03 17.84
C ALA A 69 -25.78 -7.36 18.26
N THR A 70 -25.19 -7.99 19.26
CA THR A 70 -25.67 -9.28 19.75
C THR A 70 -26.79 -9.07 20.76
N ILE A 71 -27.89 -9.80 20.57
CA ILE A 71 -29.03 -9.73 21.47
C ILE A 71 -28.84 -10.80 22.54
N LEU A 72 -28.79 -10.39 23.80
CA LEU A 72 -28.72 -11.34 24.89
C LEU A 72 -30.14 -11.60 25.40
N PRO A 73 -30.71 -12.77 25.15
CA PRO A 73 -32.08 -13.03 25.60
C PRO A 73 -32.14 -13.23 27.10
N LYS A 74 -33.34 -12.98 27.65
CA LYS A 74 -33.56 -13.21 29.07
C LYS A 74 -33.38 -14.67 29.43
N THR A 75 -33.91 -15.56 28.61
CA THR A 75 -33.77 -17.00 28.79
C THR A 75 -32.96 -17.56 27.64
N GLY A 76 -31.87 -18.26 27.95
CA GLY A 76 -31.00 -18.84 26.96
C GLY A 76 -29.58 -18.30 27.07
N THR A 77 -28.74 -18.74 26.14
CA THR A 77 -27.35 -18.35 26.08
C THR A 77 -26.98 -18.02 24.63
N VAL A 78 -25.95 -17.18 24.48
CA VAL A 78 -25.46 -16.77 23.17
C VAL A 78 -24.00 -17.19 23.06
N SER A 79 -23.67 -17.93 22.00
CA SER A 79 -22.32 -18.43 21.79
C SER A 79 -21.56 -17.47 20.88
N LEU A 80 -20.46 -16.93 21.39
CA LEU A 80 -19.57 -16.08 20.62
C LEU A 80 -18.26 -16.82 20.38
N GLU A 81 -17.89 -16.97 19.11
CA GLU A 81 -16.67 -17.67 18.74
C GLU A 81 -15.62 -16.65 18.37
N VAL A 82 -14.46 -16.71 19.03
CA VAL A 82 -13.35 -15.80 18.76
C VAL A 82 -12.25 -16.62 18.10
N ARG A 83 -11.86 -16.19 16.90
CA ARG A 83 -10.79 -16.83 16.16
C ARG A 83 -9.66 -15.83 15.95
N LEU A 84 -8.43 -16.26 16.20
CA LEU A 84 -7.27 -15.39 16.13
C LEU A 84 -6.38 -15.80 14.98
N LEU A 85 -5.95 -14.83 14.18
CA LEU A 85 -4.93 -15.00 13.17
C LEU A 85 -3.68 -14.31 13.72
N GLU A 86 -2.86 -15.07 14.42
CA GLU A 86 -1.72 -14.50 15.14
C GLU A 86 -0.69 -13.92 14.18
N ALA A 87 -0.50 -14.56 13.02
CA ALA A 87 0.48 -14.08 12.06
C ALA A 87 0.10 -12.69 11.55
N SER A 88 -1.17 -12.48 11.23
CA SER A 88 -1.66 -11.19 10.77
C SER A 88 -2.16 -10.33 11.93
N ARG A 89 -2.05 -10.81 13.17
CA ARG A 89 -2.43 -10.07 14.37
C ARG A 89 -3.92 -9.77 14.42
N ALA A 90 -4.73 -10.46 13.63
CA ALA A 90 -6.15 -10.15 13.51
C ALA A 90 -6.98 -11.05 14.41
N PHE A 91 -8.22 -10.64 14.65
CA PHE A 91 -9.17 -11.44 15.40
C PHE A 91 -10.52 -11.38 14.69
N GLU A 92 -11.42 -12.25 15.11
CA GLU A 92 -12.73 -12.34 14.48
C GLU A 92 -13.71 -12.94 15.49
N VAL A 93 -14.66 -12.14 15.94
CA VAL A 93 -15.73 -12.60 16.81
C VAL A 93 -16.98 -12.78 15.96
N SER A 94 -17.54 -13.99 15.99
CA SER A 94 -18.70 -14.32 15.19
C SER A 94 -19.76 -14.98 16.07
N GLU A 95 -21.01 -14.88 15.64
CA GLU A 95 -22.14 -15.47 16.34
C GLU A 95 -22.97 -16.26 15.34
N ASN A 96 -23.07 -17.57 15.54
CA ASN A 96 -23.83 -18.45 14.67
C ASN A 96 -23.33 -18.36 13.23
N GLY A 97 -22.04 -18.16 13.06
CA GLY A 97 -21.43 -18.06 11.75
C GLY A 97 -21.48 -16.68 11.13
N ASN A 98 -22.12 -15.72 11.77
CA ASN A 98 -22.22 -14.36 11.25
C ASN A 98 -21.17 -13.48 11.91
N LEU A 99 -20.39 -12.77 11.11
CA LEU A 99 -19.34 -11.90 11.65
C LEU A 99 -19.96 -10.81 12.51
N VAL A 100 -19.40 -10.63 13.70
CA VAL A 100 -19.87 -9.63 14.65
C VAL A 100 -18.83 -8.54 14.86
N VAL A 101 -17.59 -8.93 15.17
CA VAL A 101 -16.51 -7.98 15.43
C VAL A 101 -15.27 -8.41 14.67
N SER A 102 -14.58 -7.44 14.08
CA SER A 102 -13.32 -7.69 13.40
C SER A 102 -12.34 -6.58 13.77
N GLY A 103 -11.06 -6.92 13.68
CA GLY A 103 -10.01 -5.97 14.00
C GLY A 103 -8.69 -6.71 14.18
N LYS A 104 -7.72 -5.97 14.69
CA LYS A 104 -6.39 -6.51 14.97
C LYS A 104 -6.15 -6.45 16.47
N VAL A 105 -5.74 -7.58 17.05
CA VAL A 105 -5.43 -7.65 18.47
C VAL A 105 -4.01 -8.19 18.61
N TYR A 106 -3.21 -7.53 19.45
CA TYR A 106 -1.85 -8.03 19.64
C TYR A 106 -1.31 -7.56 20.98
N GLN A 107 -0.47 -8.39 21.58
CA GLN A 107 0.15 -8.04 22.85
C GLN A 107 0.99 -6.78 22.70
N TRP A 108 0.82 -5.87 23.64
CA TRP A 108 1.60 -4.63 23.67
C TRP A 108 3.00 -4.99 24.13
N ASP A 109 3.93 -5.10 23.18
CA ASP A 109 5.27 -5.57 23.50
C ASP A 109 6.00 -4.60 24.43
N ASP A 110 5.85 -3.30 24.19
CA ASP A 110 6.51 -2.27 25.00
C ASP A 110 5.44 -1.32 25.51
N PRO A 111 4.79 -1.65 26.63
CA PRO A 111 3.74 -0.78 27.17
C PRO A 111 4.34 0.52 27.68
N ASP A 112 3.86 1.64 27.14
CA ASP A 112 4.34 2.95 27.54
C ASP A 112 3.38 3.55 28.55
N PRO A 113 3.79 3.75 29.81
CA PRO A 113 2.88 4.42 30.76
C PRO A 113 2.50 5.83 30.34
N ARG A 114 3.40 6.54 29.66
CA ARG A 114 3.14 7.92 29.27
C ARG A 114 1.94 8.04 28.34
N LEU A 115 1.54 6.94 27.69
CA LEU A 115 0.33 6.98 26.87
C LEU A 115 -0.89 7.28 27.72
N PHE A 116 -0.95 6.73 28.93
CA PHE A 116 -2.08 6.97 29.82
C PHE A 116 -1.82 8.19 30.72
N ASP A 117 -1.42 9.28 30.10
CA ASP A 117 -1.30 10.58 30.77
C ASP A 117 -2.40 11.47 30.23
N HIS A 118 -3.23 11.98 31.12
CA HIS A 118 -4.44 12.67 30.69
C HIS A 118 -4.09 13.93 29.92
N PRO A 119 -4.63 14.11 28.72
CA PRO A 119 -4.36 15.34 27.96
C PRO A 119 -4.92 16.56 28.68
N GLU A 120 -4.22 17.68 28.52
CA GLU A 120 -4.69 18.92 29.11
C GLU A 120 -6.00 19.36 28.45
N SER A 121 -6.92 19.84 29.26
CA SER A 121 -8.20 20.27 28.74
C SER A 121 -8.03 21.50 27.85
N PRO A 122 -8.83 21.64 26.78
CA PRO A 122 -8.71 22.84 25.94
C PRO A 122 -8.96 24.13 26.71
N THR A 123 -9.87 24.11 27.67
CA THR A 123 -10.14 25.26 28.52
C THR A 123 -10.33 24.78 29.95
N PRO A 124 -9.93 25.58 30.94
CA PRO A 124 -10.18 25.21 32.34
C PRO A 124 -11.67 25.22 32.65
N ASN A 125 -12.05 24.37 33.60
CA ASN A 125 -13.45 24.25 33.99
C ASN A 125 -13.78 25.31 35.03
N PRO A 126 -14.64 26.28 34.72
CA PRO A 126 -15.00 27.27 35.76
C PRO A 126 -15.93 26.72 36.82
N THR A 127 -16.93 25.93 36.42
CA THR A 127 -17.91 25.38 37.37
C THR A 127 -17.38 24.10 38.00
N GLU A 128 -16.22 24.23 38.64
CA GLU A 128 -15.66 23.10 39.39
C GLU A 128 -16.57 22.62 40.51
N PRO A 129 -17.15 23.49 41.35
CA PRO A 129 -18.07 22.98 42.39
C PRO A 129 -19.29 22.27 41.83
N LEU A 130 -19.79 22.72 40.68
CA LEU A 130 -21.01 22.15 40.09
C LEU A 130 -20.60 21.11 39.05
N PHE A 131 -20.63 19.84 39.45
CA PHE A 131 -20.34 18.73 38.56
C PHE A 131 -21.56 17.83 38.46
N LEU A 132 -21.52 16.93 37.48
CA LEU A 132 -22.59 15.97 37.25
C LEU A 132 -22.39 14.77 38.16
N ALA A 133 -23.31 14.56 39.09
CA ALA A 133 -23.22 13.40 39.96
C ALA A 133 -23.57 12.12 39.19
N GLN A 134 -23.42 10.99 39.86
CA GLN A 134 -23.70 9.71 39.24
C GLN A 134 -25.17 9.60 38.83
N ALA A 135 -26.07 9.97 39.74
CA ALA A 135 -27.50 9.91 39.44
C ALA A 135 -27.85 10.85 38.29
N GLU A 136 -27.29 12.06 38.30
CA GLU A 136 -27.54 13.00 37.22
C GLU A 136 -27.00 12.48 35.89
N VAL A 137 -25.77 11.96 35.91
CA VAL A 137 -25.14 11.46 34.69
C VAL A 137 -26.00 10.36 34.08
N TYR A 138 -26.43 9.41 34.90
CA TYR A 138 -27.16 8.28 34.34
C TYR A 138 -28.62 8.59 34.08
N LYS A 139 -29.20 9.59 34.75
CA LYS A 139 -30.51 10.08 34.32
C LYS A 139 -30.42 10.73 32.95
N GLU A 140 -29.37 11.51 32.70
CA GLU A 140 -29.18 12.09 31.37
C GLU A 140 -28.99 10.99 30.33
N LEU A 141 -28.16 9.99 30.64
CA LEU A 141 -27.94 8.90 29.70
C LEU A 141 -29.22 8.12 29.44
N ARG A 142 -30.02 7.88 30.47
CA ARG A 142 -31.31 7.23 30.30
C ARG A 142 -32.25 8.07 29.46
N LEU A 143 -32.15 9.39 29.57
CA LEU A 143 -32.90 10.27 28.68
C LEU A 143 -32.46 10.08 27.24
N ARG A 144 -31.15 9.95 27.02
CA ARG A 144 -30.65 9.71 25.66
C ARG A 144 -30.98 8.32 25.14
N GLY A 145 -31.46 7.41 26.00
CA GLY A 145 -31.86 6.09 25.58
C GLY A 145 -31.05 4.93 26.13
N TYR A 146 -30.09 5.19 27.02
CA TYR A 146 -29.24 4.15 27.59
C TYR A 146 -29.80 3.79 28.97
N ASP A 147 -30.52 2.68 29.05
CA ASP A 147 -31.13 2.26 30.32
C ASP A 147 -30.15 1.39 31.11
N TYR A 148 -29.01 1.99 31.43
CA TYR A 148 -27.95 1.27 32.11
C TYR A 148 -28.37 0.87 33.52
N GLY A 149 -28.00 -0.34 33.92
CA GLY A 149 -28.27 -0.82 35.26
C GLY A 149 -27.16 -0.46 36.22
N PRO A 150 -27.30 -0.88 37.48
CA PRO A 150 -26.28 -0.52 38.49
C PRO A 150 -24.89 -1.03 38.16
N HIS A 151 -24.77 -2.17 37.51
CA HIS A 151 -23.45 -2.73 37.23
C HIS A 151 -22.65 -1.84 36.28
N PHE A 152 -23.32 -1.28 35.27
CA PHE A 152 -22.66 -0.39 34.33
C PHE A 152 -22.76 1.07 34.72
N GLN A 153 -23.32 1.38 35.89
CA GLN A 153 -23.35 2.75 36.41
C GLN A 153 -22.05 3.04 37.15
N GLY A 154 -20.96 3.05 36.38
CA GLY A 154 -19.64 3.21 36.95
C GLY A 154 -19.13 4.63 37.01
N ILE A 155 -19.88 5.57 36.44
CA ILE A 155 -19.49 6.98 36.47
C ILE A 155 -20.05 7.57 37.76
N LEU A 156 -19.17 7.86 38.71
CA LEU A 156 -19.62 8.48 39.96
C LEU A 156 -19.67 10.00 39.85
N GLU A 157 -18.77 10.59 39.08
CA GLU A 157 -18.69 12.04 38.96
C GLU A 157 -18.19 12.37 37.57
N ALA A 158 -18.74 13.43 36.99
CA ALA A 158 -18.32 13.89 35.67
C ALA A 158 -18.51 15.40 35.60
N SER A 159 -17.64 16.05 34.83
CA SER A 159 -17.77 17.49 34.65
C SER A 159 -18.97 17.80 33.75
N LEU A 160 -19.38 19.07 33.77
CA LEU A 160 -20.54 19.48 32.98
C LEU A 160 -20.28 19.28 31.49
N GLU A 161 -19.06 19.63 31.03
CA GLU A 161 -18.72 19.46 29.62
C GLU A 161 -18.61 17.99 29.23
N GLY A 162 -18.44 17.10 30.20
CA GLY A 162 -18.23 15.70 29.90
C GLY A 162 -16.82 15.34 29.47
N ASP A 163 -15.87 16.23 29.67
CA ASP A 163 -14.48 16.00 29.27
C ASP A 163 -13.63 15.40 30.38
N SER A 164 -14.18 15.23 31.58
CA SER A 164 -13.42 14.66 32.69
C SER A 164 -14.39 14.08 33.70
N GLY A 165 -13.86 13.21 34.54
CA GLY A 165 -14.66 12.59 35.58
C GLY A 165 -13.89 11.48 36.26
N ARG A 166 -14.61 10.68 37.03
CA ARG A 166 -14.04 9.51 37.67
C ARG A 166 -14.95 8.30 37.46
N LEU A 167 -14.33 7.17 37.14
CA LEU A 167 -15.02 5.92 36.88
C LEU A 167 -14.76 4.96 38.02
N LEU A 168 -15.82 4.33 38.51
CA LEU A 168 -15.68 3.36 39.59
C LEU A 168 -15.21 2.02 39.04
N TRP A 169 -14.21 1.44 39.68
CA TRP A 169 -13.59 0.19 39.25
C TRP A 169 -14.10 -0.95 40.12
N LYS A 170 -14.85 -1.88 39.52
CA LYS A 170 -15.38 -3.02 40.22
C LYS A 170 -14.65 -4.31 39.83
N ASP A 171 -13.37 -4.20 39.48
CA ASP A 171 -12.57 -5.32 38.99
C ASP A 171 -13.25 -5.99 37.78
N ASN A 172 -13.81 -5.17 36.90
CA ASN A 172 -14.51 -5.64 35.71
C ASN A 172 -14.12 -4.75 34.55
N TRP A 173 -13.41 -5.31 33.57
CA TRP A 173 -12.93 -4.52 32.44
C TRP A 173 -14.07 -4.12 31.52
N VAL A 174 -15.05 -4.99 31.33
CA VAL A 174 -16.17 -4.69 30.45
C VAL A 174 -16.89 -3.43 30.95
N SER A 175 -17.24 -3.42 32.23
CA SER A 175 -17.95 -2.28 32.80
C SER A 175 -17.09 -1.03 32.77
N PHE A 176 -15.80 -1.17 33.07
CA PHE A 176 -14.92 0.00 33.11
C PHE A 176 -14.82 0.66 31.74
N MET A 177 -14.54 -0.13 30.69
CA MET A 177 -14.42 0.47 29.37
C MET A 177 -15.79 0.90 28.82
N ASP A 178 -16.87 0.24 29.23
CA ASP A 178 -18.19 0.70 28.84
C ASP A 178 -18.50 2.07 29.44
N THR A 179 -18.16 2.27 30.71
CA THR A 179 -18.32 3.59 31.32
C THR A 179 -17.37 4.60 30.69
N MET A 180 -16.22 4.14 30.20
CA MET A 180 -15.33 5.01 29.44
C MET A 180 -16.04 5.52 28.18
N LEU A 181 -16.70 4.62 27.46
CA LEU A 181 -17.48 5.02 26.29
C LEU A 181 -18.63 5.92 26.68
N GLN A 182 -19.28 5.64 27.82
CA GLN A 182 -20.36 6.50 28.30
C GLN A 182 -19.85 7.91 28.57
N MET A 183 -18.68 8.04 29.20
CA MET A 183 -18.10 9.34 29.43
C MET A 183 -17.76 10.03 28.11
N SER A 184 -17.28 9.26 27.13
CA SER A 184 -16.99 9.83 25.82
C SER A 184 -18.25 10.39 25.16
N ILE A 185 -19.37 9.67 25.25
CA ILE A 185 -20.61 10.13 24.61
C ILE A 185 -21.44 11.04 25.51
N LEU A 186 -20.99 11.30 26.74
CA LEU A 186 -21.75 12.14 27.65
C LEU A 186 -21.76 13.59 27.19
N GLY A 187 -20.61 14.10 26.76
CA GLY A 187 -20.51 15.47 26.29
C GLY A 187 -20.75 15.60 24.80
N SER A 188 -21.67 14.79 24.28
CA SER A 188 -21.98 14.76 22.86
C SER A 188 -23.22 15.61 22.59
N ALA A 189 -23.07 16.59 21.70
CA ALA A 189 -24.22 17.44 21.35
C ALA A 189 -25.31 16.64 20.64
N LYS A 190 -24.94 15.59 19.92
CA LYS A 190 -25.92 14.76 19.24
C LYS A 190 -26.79 14.04 20.26
N HIS A 191 -28.07 13.91 19.93
CA HIS A 191 -29.05 13.27 20.79
C HIS A 191 -29.53 11.98 20.14
N GLY A 192 -29.72 10.96 20.96
CA GLY A 192 -30.17 9.66 20.50
C GLY A 192 -29.26 8.56 20.97
N LEU A 193 -29.61 7.34 20.58
CA LEU A 193 -28.87 6.15 20.98
C LEU A 193 -27.66 5.98 20.07
N TYR A 194 -26.50 6.43 20.53
CA TYR A 194 -25.26 6.32 19.78
C TYR A 194 -24.48 5.11 20.27
N LEU A 195 -24.26 4.14 19.38
CA LEU A 195 -23.53 2.94 19.71
C LEU A 195 -22.21 2.91 18.95
N PRO A 196 -21.13 2.45 19.57
CA PRO A 196 -19.86 2.34 18.86
C PRO A 196 -19.95 1.36 17.70
N THR A 197 -19.26 1.68 16.61
CA THR A 197 -19.20 0.78 15.46
C THR A 197 -17.76 0.56 15.06
N ARG A 198 -16.91 1.57 15.28
CA ARG A 198 -15.50 1.48 14.95
C ARG A 198 -14.68 2.12 16.06
N VAL A 199 -13.52 1.53 16.35
CA VAL A 199 -12.53 2.13 17.22
C VAL A 199 -11.17 2.02 16.54
N THR A 200 -10.46 3.14 16.44
CA THR A 200 -9.16 3.14 15.76
C THR A 200 -8.13 2.37 16.57
N ALA A 201 -8.04 2.63 17.87
CA ALA A 201 -7.04 1.97 18.70
C ALA A 201 -7.55 1.91 20.14
N ILE A 202 -7.17 0.85 20.84
CA ILE A 202 -7.49 0.66 22.25
C ILE A 202 -6.28 0.01 22.90
N HIS A 203 -5.56 0.77 23.72
CA HIS A 203 -4.40 0.27 24.44
C HIS A 203 -4.78 0.01 25.88
N ILE A 204 -4.66 -1.24 26.32
CA ILE A 204 -4.95 -1.61 27.70
C ILE A 204 -3.65 -2.12 28.32
N ASP A 205 -3.24 -1.49 29.42
CA ASP A 205 -2.05 -1.91 30.17
C ASP A 205 -2.47 -2.07 31.63
N PRO A 206 -2.88 -3.28 32.04
CA PRO A 206 -3.32 -3.46 33.43
C PRO A 206 -2.24 -3.15 34.45
N ALA A 207 -0.97 -3.26 34.08
CA ALA A 207 0.11 -2.95 35.01
C ALA A 207 0.03 -1.51 35.48
N THR A 208 -0.09 -0.56 34.54
CA THR A 208 -0.28 0.84 34.92
C THR A 208 -1.72 1.15 35.29
N HIS A 209 -2.67 0.30 34.90
CA HIS A 209 -4.04 0.48 35.34
C HIS A 209 -4.16 0.32 36.85
N ARG A 210 -3.43 -0.66 37.40
CA ARG A 210 -3.44 -0.85 38.85
C ARG A 210 -2.85 0.35 39.57
N GLN A 211 -1.76 0.92 39.02
CA GLN A 211 -1.15 2.09 39.63
C GLN A 211 -2.06 3.32 39.52
N LYS A 212 -2.76 3.46 38.40
CA LYS A 212 -3.59 4.64 38.18
C LYS A 212 -4.82 4.64 39.09
N LEU A 213 -5.28 3.47 39.51
CA LEU A 213 -6.42 3.38 40.40
C LEU A 213 -6.08 3.96 41.76
N TYR A 214 -7.01 4.72 42.33
CA TYR A 214 -6.89 5.21 43.70
C TYR A 214 -8.23 5.07 44.38
N THR A 215 -8.20 4.95 45.71
CA THR A 215 -9.39 4.65 46.50
C THR A 215 -9.89 5.90 47.21
N LEU A 216 -11.21 6.06 47.23
CA LEU A 216 -11.83 7.17 47.92
C LEU A 216 -12.12 6.81 49.37
N GLN A 217 -12.80 7.73 50.07
CA GLN A 217 -13.18 7.48 51.46
C GLN A 217 -14.25 6.41 51.59
N ASP A 218 -14.91 6.06 50.49
CA ASP A 218 -15.95 5.03 50.48
C ASP A 218 -15.30 3.63 50.43
N LYS A 219 -13.97 3.58 50.31
CA LYS A 219 -13.20 2.35 50.12
C LYS A 219 -13.56 1.67 48.79
N ALA A 220 -13.84 2.48 47.77
CA ALA A 220 -14.11 2.02 46.43
C ALA A 220 -13.04 2.57 45.50
N GLN A 221 -12.48 1.70 44.66
CA GLN A 221 -11.41 2.10 43.76
C GLN A 221 -11.98 2.85 42.56
N VAL A 222 -11.39 4.01 42.26
CA VAL A 222 -11.83 4.85 41.15
C VAL A 222 -10.62 5.22 40.31
N ALA A 223 -10.90 5.60 39.06
CA ALA A 223 -9.88 6.03 38.13
C ALA A 223 -10.33 7.30 37.42
N ASP A 224 -9.42 8.27 37.32
CA ASP A 224 -9.74 9.51 36.64
C ASP A 224 -9.82 9.29 35.14
N VAL A 225 -10.91 9.74 34.52
CA VAL A 225 -11.13 9.62 33.09
C VAL A 225 -11.14 11.01 32.48
N VAL A 226 -10.46 11.13 31.34
CA VAL A 226 -10.42 12.38 30.57
C VAL A 226 -10.79 12.07 29.13
N VAL A 227 -11.80 12.76 28.62
CA VAL A 227 -12.24 12.63 27.23
C VAL A 227 -11.82 13.89 26.49
N SER A 228 -10.92 13.74 25.52
CA SER A 228 -10.42 14.85 24.73
C SER A 228 -10.91 14.65 23.30
N ARG A 229 -12.02 15.33 22.97
CA ARG A 229 -12.55 15.27 21.61
C ARG A 229 -11.64 15.97 20.61
N TRP A 230 -10.79 16.89 21.07
CA TRP A 230 -9.81 17.50 20.19
C TRP A 230 -8.85 16.45 19.65
N LEU A 231 -8.24 15.67 20.55
CA LEU A 231 -7.39 14.56 20.17
C LEU A 231 -8.19 13.30 19.87
N ARG A 232 -9.49 13.31 20.11
CA ARG A 232 -10.37 12.15 19.91
C ARG A 232 -9.86 10.94 20.69
N VAL A 233 -9.54 11.15 21.96
CA VAL A 233 -9.09 10.08 22.84
C VAL A 233 -9.91 10.09 24.12
N THR A 234 -9.88 8.95 24.80
CA THR A 234 -10.42 8.81 26.14
C THR A 234 -9.41 8.02 26.95
N VAL A 235 -8.95 8.59 28.07
CA VAL A 235 -7.93 7.96 28.90
C VAL A 235 -8.50 7.76 30.29
N ALA A 236 -8.53 6.52 30.75
CA ALA A 236 -8.99 6.22 32.09
C ALA A 236 -8.18 5.05 32.65
N GLY A 237 -7.51 5.28 33.76
CA GLY A 237 -6.68 4.24 34.35
C GLY A 237 -5.61 3.84 33.37
N GLY A 238 -5.57 2.55 33.04
CA GLY A 238 -4.64 2.03 32.07
C GLY A 238 -5.31 1.67 30.76
N VAL A 239 -6.40 2.37 30.43
CA VAL A 239 -7.12 2.15 29.18
C VAL A 239 -7.10 3.45 28.38
N HIS A 240 -6.75 3.34 27.10
CA HIS A 240 -6.66 4.47 26.19
C HIS A 240 -7.43 4.11 24.92
N ILE A 241 -8.57 4.75 24.72
CA ILE A 241 -9.44 4.49 23.57
C ILE A 241 -9.32 5.68 22.63
N SER A 242 -8.66 5.49 21.49
CA SER A 242 -8.44 6.55 20.52
C SER A 242 -9.22 6.24 19.24
N GLY A 243 -9.81 7.27 18.66
CA GLY A 243 -10.57 7.11 17.43
C GLY A 243 -11.84 6.30 17.58
N LEU A 244 -12.61 6.53 18.63
CA LEU A 244 -13.89 5.87 18.81
C LEU A 244 -14.93 6.51 17.92
N HIS A 245 -15.58 5.71 17.08
CA HIS A 245 -16.63 6.19 16.18
C HIS A 245 -17.95 5.54 16.57
N THR A 246 -18.95 6.37 16.80
CA THR A 246 -20.28 5.92 17.20
C THR A 246 -21.30 6.37 16.18
N GLU A 247 -22.22 5.48 15.83
CA GLU A 247 -23.32 5.79 14.93
C GLU A 247 -24.63 5.69 15.69
N SER A 248 -25.61 6.49 15.26
CA SER A 248 -26.88 6.57 15.96
C SER A 248 -27.76 5.39 15.57
N ALA A 249 -27.91 4.45 16.48
CA ALA A 249 -28.81 3.32 16.26
C ALA A 249 -30.25 3.77 16.45
N PRO A 250 -31.12 3.57 15.46
CA PRO A 250 -32.51 4.01 15.62
C PRO A 250 -33.20 3.29 16.77
N ARG A 251 -34.01 4.03 17.51
CA ARG A 251 -34.76 3.46 18.63
C ARG A 251 -35.96 2.67 18.09
N ARG A 252 -36.12 1.45 18.58
CA ARG A 252 -37.16 0.57 18.06
C ARG A 252 -38.55 1.17 18.32
N GLN A 253 -39.39 1.12 17.29
CA GLN A 253 -40.76 1.62 17.40
C GLN A 253 -41.64 0.72 18.26
N GLN A 254 -41.18 -0.49 18.60
CA GLN A 254 -41.95 -1.41 19.43
C GLN A 254 -41.81 -1.02 20.91
N GLU A 255 -42.17 0.22 21.19
CA GLU A 255 -42.12 0.74 22.55
C GLU A 255 -43.42 0.39 23.28
N GLN A 256 -43.29 -0.19 24.47
CA GLN A 256 -44.46 -0.53 25.27
C GLN A 256 -45.22 0.70 25.74
N GLN A 257 -44.63 1.89 25.62
CA GLN A 257 -45.29 3.13 26.03
C GLN A 257 -46.33 3.51 24.99
N VAL A 258 -47.49 2.87 25.09
CA VAL A 258 -48.66 3.25 24.32
C VAL A 258 -49.61 3.93 25.29
N PRO A 259 -49.42 5.21 25.57
CA PRO A 259 -50.11 5.84 26.70
C PRO A 259 -51.61 5.92 26.49
N ILE A 260 -52.33 5.83 27.60
CA ILE A 260 -53.76 6.09 27.64
C ILE A 260 -53.94 7.60 27.80
N LEU A 261 -54.56 8.22 26.80
CA LEU A 261 -54.82 9.65 26.78
C LEU A 261 -56.32 9.87 26.91
N GLU A 262 -56.70 10.76 27.83
CA GLU A 262 -58.10 10.92 28.18
C GLU A 262 -58.41 12.41 28.37
N LYS A 263 -59.69 12.73 28.34
CA LYS A 263 -60.20 14.07 28.59
C LYS A 263 -60.99 14.08 29.89
N PHE A 264 -60.75 15.08 30.72
CA PHE A 264 -61.45 15.28 31.99
C PHE A 264 -62.47 16.39 31.77
N CYS A 265 -63.73 16.00 31.66
CA CYS A 265 -64.78 16.95 31.28
C CYS A 265 -65.96 16.86 32.24
N PHE A 266 -66.68 17.97 32.37
CA PHE A 266 -67.90 17.97 33.14
C PHE A 266 -68.99 17.22 32.40
N THR A 267 -69.66 16.31 33.09
CA THR A 267 -70.71 15.48 32.51
C THR A 267 -71.99 15.64 33.33
N PRO A 268 -73.05 16.20 32.77
CA PRO A 268 -74.31 16.28 33.52
C PRO A 268 -74.88 14.90 33.79
N HIS A 269 -75.61 14.78 34.90
CA HIS A 269 -76.23 13.52 35.29
C HIS A 269 -77.45 13.23 34.43
N ASP A 557 -77.43 8.16 58.18
CA ASP A 557 -77.27 8.67 59.54
C ASP A 557 -77.42 10.18 59.59
N SER A 558 -76.83 10.80 60.61
CA SER A 558 -76.89 12.26 60.74
C SER A 558 -75.89 12.89 59.77
N PRO A 559 -76.34 13.75 58.85
CA PRO A 559 -75.40 14.40 57.92
C PRO A 559 -74.43 15.30 58.67
N ILE A 560 -73.18 15.32 58.21
CA ILE A 560 -72.13 16.18 58.76
C ILE A 560 -71.62 17.07 57.64
N PHE A 561 -71.80 18.37 57.80
CA PHE A 561 -71.43 19.33 56.76
C PHE A 561 -70.01 19.85 57.01
N LEU A 562 -69.18 19.79 55.97
CA LEU A 562 -67.80 20.27 56.06
C LEU A 562 -67.57 21.35 55.04
N PRO A 563 -67.42 22.62 55.45
CA PRO A 563 -67.14 23.69 54.49
C PRO A 563 -65.65 23.81 54.17
N VAL A 564 -65.28 23.59 52.92
CA VAL A 564 -63.88 23.68 52.50
C VAL A 564 -63.58 25.01 51.83
N ASP A 565 -64.50 25.97 51.88
CA ASP A 565 -64.29 27.27 51.25
C ASP A 565 -63.25 28.10 51.97
N ASP A 566 -62.85 27.73 53.18
CA ASP A 566 -61.86 28.50 53.92
C ASP A 566 -60.50 28.42 53.25
N THR A 567 -59.82 29.57 53.17
CA THR A 567 -58.50 29.63 52.55
C THR A 567 -57.38 29.27 53.51
N SER A 568 -57.67 29.15 54.80
CA SER A 568 -56.65 28.79 55.79
C SER A 568 -56.56 27.29 56.03
N PHE A 569 -57.42 26.50 55.39
CA PHE A 569 -57.42 25.05 55.50
C PHE A 569 -57.64 24.56 56.93
N ARG A 570 -58.25 25.39 57.78
CA ARG A 570 -58.52 24.99 59.16
C ARG A 570 -59.56 23.88 59.25
N TRP A 571 -60.31 23.63 58.17
CA TRP A 571 -61.32 22.59 58.17
C TRP A 571 -60.73 21.19 58.12
N VAL A 572 -59.45 21.06 57.73
CA VAL A 572 -58.84 19.74 57.58
C VAL A 572 -58.92 18.96 58.89
N GLU A 573 -58.57 19.61 60.00
CA GLU A 573 -58.69 18.96 61.30
C GLU A 573 -60.13 18.55 61.56
N SER A 574 -61.09 19.42 61.23
CA SER A 574 -62.49 19.05 61.35
C SER A 574 -62.79 17.83 60.49
N LEU A 575 -62.23 17.78 59.28
CA LEU A 575 -62.39 16.59 58.44
C LEU A 575 -61.84 15.36 59.15
N LYS A 576 -60.71 15.51 59.85
CA LYS A 576 -60.19 14.40 60.65
C LYS A 576 -61.21 13.98 61.69
N GLY A 577 -61.87 14.95 62.33
CA GLY A 577 -62.95 14.62 63.25
C GLY A 577 -64.06 13.84 62.57
N ILE A 578 -64.37 14.19 61.31
CA ILE A 578 -65.35 13.42 60.55
C ILE A 578 -64.86 12.00 60.35
N LEU A 579 -63.55 11.80 60.19
CA LEU A 579 -63.00 10.46 60.08
C LEU A 579 -62.98 9.72 61.41
N ALA A 580 -63.18 10.43 62.53
CA ALA A 580 -63.16 9.76 63.82
C ALA A 580 -64.37 8.84 64.01
N ASP A 581 -65.55 9.33 63.66
CA ASP A 581 -66.76 8.55 63.82
C ASP A 581 -66.89 7.49 62.73
N GLU A 582 -67.75 6.50 62.97
CA GLU A 582 -67.99 5.42 62.02
C GLU A 582 -69.43 5.39 61.53
N ASP A 583 -70.40 5.40 62.44
CA ASP A 583 -71.80 5.31 62.05
C ASP A 583 -72.33 6.66 61.56
N SER A 584 -72.22 7.70 62.40
CA SER A 584 -72.70 9.02 62.03
C SER A 584 -71.86 9.67 60.94
N SER A 585 -70.70 9.11 60.62
CA SER A 585 -69.84 9.66 59.58
C SER A 585 -70.23 9.21 58.18
N ARG A 586 -71.23 8.34 58.05
CA ARG A 586 -71.66 7.90 56.72
C ARG A 586 -72.14 9.04 55.84
N PRO A 587 -73.02 9.95 56.29
CA PRO A 587 -73.39 11.08 55.41
C PRO A 587 -72.53 12.31 55.63
N VAL A 588 -71.28 12.25 55.15
CA VAL A 588 -70.38 13.40 55.20
C VAL A 588 -70.55 14.17 53.90
N TRP A 589 -70.99 15.42 54.01
CA TRP A 589 -71.21 16.30 52.86
C TRP A 589 -70.13 17.37 52.89
N LEU A 590 -69.13 17.22 52.02
CA LEU A 590 -68.02 18.17 51.93
C LEU A 590 -68.38 19.18 50.85
N LYS A 591 -68.74 20.38 51.27
CA LYS A 591 -69.29 21.39 50.37
C LYS A 591 -68.41 22.63 50.35
N ALA A 592 -68.18 23.17 49.16
CA ALA A 592 -67.48 24.44 48.96
C ALA A 592 -68.39 25.36 48.16
N ILE A 593 -68.78 26.47 48.78
CA ILE A 593 -69.77 27.35 48.17
C ILE A 593 -69.26 28.76 47.89
N ASN A 594 -68.08 29.14 48.39
CA ASN A 594 -67.58 30.49 48.17
C ASN A 594 -66.81 30.59 46.87
N CYS A 595 -65.75 29.80 46.73
CA CYS A 595 -64.90 29.85 45.55
C CYS A 595 -65.30 28.74 44.58
N ALA A 596 -65.51 29.11 43.32
CA ALA A 596 -65.84 28.13 42.28
C ALA A 596 -64.63 27.32 41.84
N THR A 597 -63.41 27.77 42.16
CA THR A 597 -62.19 27.05 41.84
C THR A 597 -61.63 26.37 43.08
N SER A 598 -62.50 25.87 43.95
CA SER A 598 -62.06 25.24 45.19
C SER A 598 -61.24 23.99 44.90
N GLY A 599 -61.68 23.17 43.94
CA GLY A 599 -60.94 21.99 43.57
C GLY A 599 -60.88 20.92 44.65
N VAL A 600 -62.03 20.60 45.23
CA VAL A 600 -62.12 19.54 46.23
C VAL A 600 -62.32 18.20 45.53
N VAL A 601 -62.29 18.20 44.20
CA VAL A 601 -62.47 16.97 43.45
C VAL A 601 -61.34 15.98 43.75
N GLY A 602 -60.09 16.45 43.64
CA GLY A 602 -58.96 15.60 43.95
C GLY A 602 -58.90 15.24 45.42
N LEU A 603 -59.30 16.17 46.29
CA LEU A 603 -59.39 15.88 47.71
C LEU A 603 -60.30 14.69 47.97
N VAL A 604 -61.51 14.72 47.40
CA VAL A 604 -62.46 13.63 47.59
C VAL A 604 -61.95 12.34 46.95
N ASN A 605 -61.38 12.44 45.75
CA ASN A 605 -60.90 11.25 45.06
C ASN A 605 -59.79 10.56 45.85
N CYS A 606 -58.88 11.34 46.43
CA CYS A 606 -57.79 10.74 47.20
C CYS A 606 -58.30 10.24 48.55
N LEU A 607 -59.21 10.99 49.20
CA LEU A 607 -59.72 10.57 50.50
C LEU A 607 -60.54 9.29 50.38
N ARG A 608 -61.16 9.04 49.23
CA ARG A 608 -61.88 7.80 49.04
C ARG A 608 -60.94 6.60 49.10
N ARG A 609 -59.71 6.76 48.61
CA ARG A 609 -58.74 5.66 48.67
C ARG A 609 -58.26 5.40 50.09
N GLU A 610 -58.16 6.44 50.91
CA GLU A 610 -57.70 6.26 52.28
C GLU A 610 -58.71 5.46 53.08
N PRO A 611 -58.26 4.73 54.10
CA PRO A 611 -59.21 3.98 54.94
C PRO A 611 -60.24 4.90 55.59
N GLY A 612 -61.49 4.43 55.61
CA GLY A 612 -62.58 5.21 56.15
C GLY A 612 -63.25 6.13 55.15
N GLY A 613 -62.62 6.40 54.00
CA GLY A 613 -63.24 7.27 53.02
C GLY A 613 -64.50 6.67 52.42
N ASN A 614 -64.44 5.39 52.06
CA ASN A 614 -65.63 4.72 51.54
C ASN A 614 -66.74 4.65 52.58
N ARG A 615 -66.38 4.33 53.83
CA ARG A 615 -67.36 4.31 54.90
C ARG A 615 -67.92 5.70 55.17
N LEU A 616 -67.05 6.72 55.16
CA LEU A 616 -67.51 8.09 55.36
C LEU A 616 -68.29 8.62 54.17
N ARG A 617 -68.15 7.98 53.01
CA ARG A 617 -68.85 8.39 51.78
C ARG A 617 -68.62 9.87 51.49
N CYS A 618 -67.37 10.30 51.66
CA CYS A 618 -67.00 11.69 51.43
C CYS A 618 -67.31 12.07 49.99
N VAL A 619 -68.24 13.01 49.81
CA VAL A 619 -68.70 13.42 48.49
C VAL A 619 -68.68 14.95 48.43
N LEU A 620 -68.18 15.49 47.33
CA LEU A 620 -68.06 16.92 47.13
C LEU A 620 -69.34 17.50 46.55
N LEU A 621 -69.66 18.72 46.98
CA LEU A 621 -70.73 19.54 46.44
C LEU A 621 -70.08 20.85 46.01
N SER A 622 -69.58 20.89 44.77
CA SER A 622 -68.79 22.01 44.29
C SER A 622 -69.63 22.88 43.37
N ASN A 623 -69.74 24.17 43.70
CA ASN A 623 -70.45 25.14 42.87
C ASN A 623 -69.46 25.80 41.91
N LEU A 624 -69.08 25.04 40.89
CA LEU A 624 -68.11 25.50 39.89
C LEU A 624 -68.86 26.17 38.75
N SER A 625 -69.18 27.44 38.95
CA SER A 625 -69.87 28.24 37.94
C SER A 625 -68.83 28.89 37.04
N SER A 626 -68.76 28.44 35.78
CA SER A 626 -67.75 28.95 34.86
C SER A 626 -67.99 30.42 34.52
N THR A 627 -69.24 30.83 34.40
CA THR A 627 -69.58 32.21 34.05
C THR A 627 -70.11 32.95 35.27
N SER A 628 -69.82 34.25 35.33
CA SER A 628 -70.30 35.07 36.44
C SER A 628 -71.82 35.09 36.50
N HIS A 629 -72.47 35.24 35.34
CA HIS A 629 -73.93 35.23 35.26
C HIS A 629 -74.39 33.78 35.39
N VAL A 630 -74.51 33.32 36.62
CA VAL A 630 -74.85 31.92 36.90
C VAL A 630 -75.99 31.88 37.91
N PRO A 631 -76.77 30.81 37.89
CA PRO A 631 -77.88 30.69 38.87
C PRO A 631 -77.41 30.73 40.32
N GLU A 632 -76.23 30.18 40.62
CA GLU A 632 -75.69 30.15 41.97
C GLU A 632 -76.65 29.46 42.94
N VAL A 633 -76.86 28.15 42.69
CA VAL A 633 -77.82 27.38 43.47
C VAL A 633 -77.47 27.43 44.94
N ASP A 634 -78.49 27.68 45.77
CA ASP A 634 -78.30 27.79 47.21
C ASP A 634 -78.21 26.40 47.83
N PRO A 635 -77.18 26.10 48.62
CA PRO A 635 -77.09 24.78 49.27
C PRO A 635 -77.99 24.63 50.48
N GLY A 636 -78.77 25.65 50.83
CA GLY A 636 -79.70 25.56 51.94
C GLY A 636 -81.13 25.36 51.50
N SER A 637 -81.31 24.93 50.25
CA SER A 637 -82.63 24.78 49.65
C SER A 637 -82.87 23.31 49.28
N ALA A 638 -83.97 23.06 48.58
CA ALA A 638 -84.33 21.71 48.20
C ALA A 638 -83.34 21.07 47.24
N GLU A 639 -82.48 21.87 46.61
CA GLU A 639 -81.45 21.30 45.74
C GLU A 639 -80.49 20.42 46.53
N LEU A 640 -80.11 20.87 47.73
CA LEU A 640 -79.26 20.04 48.59
C LEU A 640 -79.97 18.76 48.99
N GLN A 641 -81.27 18.84 49.27
CA GLN A 641 -82.04 17.64 49.61
C GLN A 641 -82.07 16.66 48.45
N LYS A 642 -82.27 17.17 47.23
CA LYS A 642 -82.26 16.31 46.05
C LYS A 642 -80.89 15.68 45.84
N VAL A 643 -79.83 16.45 46.05
CA VAL A 643 -78.48 15.92 45.91
C VAL A 643 -78.23 14.80 46.93
N LEU A 644 -78.69 15.02 48.18
CA LEU A 644 -78.54 14.00 49.21
C LEU A 644 -79.33 12.75 48.87
N GLN A 645 -80.55 12.92 48.33
CA GLN A 645 -81.35 11.77 47.93
C GLN A 645 -80.67 11.01 46.80
N GLY A 646 -80.04 11.71 45.86
CA GLY A 646 -79.32 11.02 44.80
C GLY A 646 -78.13 10.23 45.30
N ASP A 647 -77.45 10.72 46.33
CA ASP A 647 -76.29 10.07 46.93
C ASP A 647 -75.20 9.79 45.90
N LEU A 648 -74.98 10.74 44.99
CA LEU A 648 -73.95 10.58 43.97
C LEU A 648 -72.57 10.70 44.59
N VAL A 649 -71.58 10.10 43.92
CA VAL A 649 -70.20 10.15 44.40
C VAL A 649 -69.66 11.56 44.35
N MET A 650 -70.19 12.38 43.43
CA MET A 650 -69.78 13.77 43.28
C MET A 650 -70.95 14.59 42.78
N ASN A 651 -70.99 15.87 43.14
CA ASN A 651 -71.99 16.79 42.61
C ASN A 651 -71.32 18.12 42.32
N VAL A 652 -71.38 18.55 41.06
CA VAL A 652 -70.83 19.81 40.61
C VAL A 652 -71.92 20.59 39.90
N TYR A 653 -72.09 21.85 40.28
CA TYR A 653 -73.04 22.74 39.64
C TYR A 653 -72.30 23.59 38.61
N ARG A 654 -72.62 23.38 37.34
CA ARG A 654 -72.00 24.10 36.23
C ARG A 654 -73.08 24.80 35.43
N ASP A 655 -73.28 26.09 35.72
CA ASP A 655 -74.17 26.96 34.94
C ASP A 655 -75.57 26.35 34.83
N GLY A 656 -76.05 25.78 35.92
CA GLY A 656 -77.37 25.17 35.95
C GLY A 656 -77.40 23.68 35.69
N ALA A 657 -76.25 23.03 35.57
CA ALA A 657 -76.19 21.59 35.33
C ALA A 657 -75.62 20.90 36.56
N TRP A 658 -76.37 19.93 37.11
CA TRP A 658 -75.92 19.15 38.25
C TRP A 658 -75.29 17.87 37.72
N GLY A 659 -73.96 17.87 37.61
CA GLY A 659 -73.25 16.75 37.04
C GLY A 659 -72.06 16.36 37.89
N ALA A 660 -71.05 15.79 37.21
CA ALA A 660 -69.81 15.39 37.86
C ALA A 660 -68.67 15.64 36.89
N PHE A 661 -67.48 15.17 37.25
CA PHE A 661 -66.31 15.24 36.38
C PHE A 661 -65.94 13.82 35.98
N ARG A 662 -65.84 13.58 34.67
CA ARG A 662 -65.63 12.24 34.16
C ARG A 662 -64.50 12.22 33.14
N HIS A 663 -63.90 11.04 33.00
CA HIS A 663 -62.83 10.80 32.05
C HIS A 663 -63.39 10.08 30.83
N PHE A 664 -63.12 10.64 29.64
CA PHE A 664 -63.51 10.02 28.39
C PHE A 664 -62.26 9.74 27.55
N LEU A 665 -62.35 8.74 26.69
CA LEU A 665 -61.22 8.42 25.81
C LEU A 665 -61.04 9.52 24.77
N LEU A 666 -59.82 10.03 24.67
CA LEU A 666 -59.53 11.09 23.71
C LEU A 666 -59.51 10.53 22.29
N GLU A 667 -60.00 11.32 21.35
CA GLU A 667 -60.04 10.90 19.95
C GLU A 667 -58.62 10.70 19.42
N GLU A 668 -58.41 9.58 18.74
CA GLU A 668 -57.10 9.24 18.22
C GLU A 668 -56.71 10.04 16.99
N ASP A 669 -57.66 10.72 16.35
CA ASP A 669 -57.36 11.50 15.17
C ASP A 669 -56.50 12.71 15.54
N LYS A 670 -55.42 12.92 14.81
CA LYS A 670 -54.54 14.04 15.10
C LYS A 670 -55.23 15.35 14.75
N PRO A 671 -54.98 16.42 15.50
CA PRO A 671 -55.62 17.71 15.20
C PRO A 671 -55.07 18.30 13.92
N GLU A 672 -55.94 18.45 12.92
CA GLU A 672 -55.59 19.03 11.64
C GLU A 672 -56.08 20.47 11.59
N GLU A 673 -55.21 21.38 11.19
CA GLU A 673 -55.53 22.79 11.11
C GLU A 673 -55.16 23.33 9.74
N PRO A 674 -55.85 24.36 9.26
CA PRO A 674 -55.51 24.98 7.97
C PRO A 674 -54.39 26.00 8.13
N THR A 675 -53.23 25.69 7.55
CA THR A 675 -52.08 26.56 7.60
C THR A 675 -51.45 26.67 6.22
N ALA A 676 -50.76 27.78 6.00
CA ALA A 676 -50.00 27.98 4.76
C ALA A 676 -48.56 27.51 4.88
N HIS A 677 -48.11 27.14 6.08
CA HIS A 677 -46.74 26.72 6.33
C HIS A 677 -46.76 25.31 6.91
N ALA A 678 -46.44 24.32 6.08
CA ALA A 678 -46.40 22.93 6.51
C ALA A 678 -45.25 22.24 5.79
N PHE A 679 -44.79 21.14 6.37
CA PHE A 679 -43.74 20.35 5.76
C PHE A 679 -44.09 18.87 5.86
N VAL A 680 -43.52 18.10 4.94
CA VAL A 680 -43.75 16.66 4.89
C VAL A 680 -42.84 15.98 5.90
N SER A 681 -43.43 15.15 6.76
CA SER A 681 -42.67 14.43 7.77
C SER A 681 -43.19 13.01 7.88
N THR A 682 -42.27 12.10 8.20
CA THR A 682 -42.61 10.71 8.51
C THR A 682 -42.94 10.64 9.99
N LEU A 683 -44.21 10.40 10.32
CA LEU A 683 -44.62 10.34 11.71
C LEU A 683 -43.92 9.19 12.44
N THR A 684 -43.82 8.04 11.80
CA THR A 684 -43.06 6.90 12.31
C THR A 684 -41.91 6.63 11.35
N ARG A 685 -40.69 6.61 11.89
CA ARG A 685 -39.51 6.44 11.05
C ARG A 685 -39.53 5.10 10.34
N GLY A 686 -39.12 5.12 9.07
CA GLY A 686 -39.07 3.92 8.27
C GLY A 686 -40.38 3.48 7.66
N ASP A 687 -41.45 4.24 7.85
CA ASP A 687 -42.77 3.87 7.34
C ASP A 687 -43.25 4.96 6.40
N LEU A 688 -43.31 4.66 5.10
CA LEU A 688 -43.85 5.59 4.13
C LEU A 688 -45.34 5.82 4.31
N SER A 689 -46.05 4.86 4.89
CA SER A 689 -47.49 5.04 5.12
C SER A 689 -47.75 6.18 6.11
N SER A 690 -46.85 6.39 7.07
CA SER A 690 -46.99 7.46 8.04
C SER A 690 -46.27 8.73 7.58
N ILE A 691 -46.57 9.16 6.37
CA ILE A 691 -46.02 10.39 5.80
C ILE A 691 -47.15 11.40 5.73
N ARG A 692 -47.00 12.53 6.41
CA ARG A 692 -48.07 13.49 6.50
C ARG A 692 -47.50 14.91 6.46
N TRP A 693 -48.38 15.85 6.13
CA TRP A 693 -48.06 17.27 6.20
C TRP A 693 -48.35 17.76 7.62
N VAL A 694 -47.34 18.31 8.28
CA VAL A 694 -47.47 18.82 9.63
C VAL A 694 -47.06 20.28 9.65
N CYS A 695 -47.66 21.06 10.55
CA CYS A 695 -47.44 22.50 10.58
C CYS A 695 -45.97 22.81 10.81
N SER A 696 -45.48 23.81 10.10
CA SER A 696 -44.07 24.19 10.15
C SER A 696 -43.83 25.27 11.20
N SER A 697 -42.56 25.43 11.56
CA SER A 697 -42.19 26.45 12.54
C SER A 697 -42.30 27.87 12.00
N LEU A 698 -42.52 28.03 10.70
CA LEU A 698 -42.61 29.36 10.12
C LEU A 698 -43.95 30.03 10.40
N ARG A 699 -45.03 29.26 10.53
CA ARG A 699 -46.33 29.87 10.76
C ARG A 699 -46.48 30.38 12.18
N HIS A 700 -45.98 29.62 13.17
CA HIS A 700 -45.99 30.11 14.55
C HIS A 700 -44.87 31.09 14.83
N ALA A 701 -43.87 31.17 13.97
CA ALA A 701 -42.75 32.10 14.16
C ALA A 701 -42.32 32.59 12.79
N GLN A 702 -42.62 33.85 12.49
CA GLN A 702 -42.25 34.44 11.20
C GLN A 702 -40.94 35.20 11.36
N PRO A 703 -39.83 34.71 10.80
CA PRO A 703 -38.56 35.44 10.91
C PRO A 703 -38.33 36.39 9.76
N THR A 704 -37.77 37.55 10.08
CA THR A 704 -37.45 38.57 9.09
C THR A 704 -36.09 39.17 9.44
N CYS A 705 -35.06 38.80 8.68
CA CYS A 705 -33.71 39.27 8.93
C CYS A 705 -32.95 39.27 7.60
N PRO A 706 -31.95 40.13 7.45
CA PRO A 706 -31.13 40.09 6.24
C PRO A 706 -30.36 38.78 6.15
N GLY A 707 -30.13 38.33 4.92
CA GLY A 707 -29.45 37.07 4.67
C GLY A 707 -30.34 35.86 4.75
N ALA A 708 -31.63 36.03 5.02
CA ALA A 708 -32.58 34.92 5.05
C ALA A 708 -33.81 35.31 4.25
N GLN A 709 -34.30 34.37 3.45
CA GLN A 709 -35.43 34.60 2.56
C GLN A 709 -36.45 33.49 2.74
N LEU A 710 -37.72 33.86 2.85
CA LEU A 710 -38.82 32.91 2.94
C LEU A 710 -39.45 32.78 1.56
N CYS A 711 -39.28 31.62 0.95
CA CYS A 711 -39.76 31.36 -0.40
C CYS A 711 -40.90 30.36 -0.37
N THR A 712 -42.02 30.72 -0.99
CA THR A 712 -43.11 29.79 -1.19
C THR A 712 -42.69 28.72 -2.20
N VAL A 713 -43.00 27.47 -1.88
CA VAL A 713 -42.56 26.33 -2.67
C VAL A 713 -43.75 25.80 -3.46
N TYR A 714 -43.61 25.77 -4.79
CA TYR A 714 -44.60 25.16 -5.65
C TYR A 714 -44.26 23.70 -5.94
N TYR A 715 -42.99 23.41 -6.18
CA TYR A 715 -42.52 22.06 -6.50
C TYR A 715 -41.29 21.74 -5.66
N ALA A 716 -41.27 20.55 -5.07
CA ALA A 716 -40.14 20.09 -4.28
C ALA A 716 -39.72 18.71 -4.78
N SER A 717 -38.44 18.54 -5.09
CA SER A 717 -37.97 17.30 -5.71
C SER A 717 -37.50 16.32 -4.66
N LEU A 718 -38.06 15.11 -4.68
CA LEU A 718 -37.58 14.04 -3.83
C LEU A 718 -36.20 13.60 -4.28
N ASN A 719 -35.32 13.38 -3.32
CA ASN A 719 -33.95 12.94 -3.60
C ASN A 719 -33.71 11.58 -2.96
N PHE A 720 -32.57 10.99 -3.31
CA PHE A 720 -32.21 9.68 -2.79
C PHE A 720 -32.08 9.71 -1.27
N ARG A 721 -31.47 10.77 -0.75
CA ARG A 721 -31.35 10.93 0.69
C ARG A 721 -32.72 11.03 1.34
N ASP A 722 -33.67 11.68 0.67
CA ASP A 722 -35.03 11.77 1.22
C ASP A 722 -35.69 10.41 1.29
N ILE A 723 -35.51 9.57 0.27
CA ILE A 723 -36.06 8.22 0.31
C ILE A 723 -35.42 7.41 1.43
N MET A 724 -34.10 7.52 1.58
CA MET A 724 -33.42 6.80 2.66
C MET A 724 -33.90 7.26 4.02
N LEU A 725 -34.10 8.56 4.20
CA LEU A 725 -34.63 9.08 5.47
C LEU A 725 -36.03 8.55 5.73
N ALA A 726 -36.89 8.59 4.72
CA ALA A 726 -38.27 8.16 4.90
C ALA A 726 -38.36 6.66 5.12
N THR A 727 -37.53 5.88 4.44
CA THR A 727 -37.49 4.44 4.63
C THR A 727 -36.69 4.02 5.84
N GLY A 728 -36.02 4.96 6.51
CA GLY A 728 -35.27 4.66 7.70
C GLY A 728 -33.86 4.15 7.48
N LYS A 729 -33.44 3.94 6.23
CA LYS A 729 -32.10 3.46 5.96
C LYS A 729 -31.03 4.49 6.27
N LEU A 730 -31.38 5.75 6.47
CA LEU A 730 -30.44 6.81 6.79
C LEU A 730 -30.85 7.47 8.09
N SER A 731 -29.89 7.63 8.99
CA SER A 731 -30.16 8.30 10.26
C SER A 731 -30.23 9.81 10.05
N PRO A 732 -31.23 10.47 10.64
CA PRO A 732 -31.31 11.94 10.51
C PRO A 732 -30.09 12.65 11.05
N ASP A 733 -29.39 12.07 12.02
CA ASP A 733 -28.20 12.71 12.58
C ASP A 733 -27.02 12.69 11.60
N ALA A 734 -27.09 11.88 10.54
CA ALA A 734 -26.00 11.83 9.58
C ALA A 734 -25.93 13.10 8.72
N ILE A 735 -27.02 13.83 8.60
CA ILE A 735 -27.03 15.05 7.79
C ILE A 735 -26.38 16.18 8.60
N PRO A 736 -25.38 16.87 8.05
CA PRO A 736 -24.75 17.96 8.79
C PRO A 736 -25.73 19.07 9.10
N GLY A 737 -25.53 19.70 10.26
CA GLY A 737 -26.37 20.79 10.71
C GLY A 737 -26.99 20.51 12.06
N LYS A 738 -27.41 21.59 12.70
CA LYS A 738 -28.03 21.51 14.03
C LYS A 738 -29.51 21.24 13.84
N TRP A 739 -29.88 19.96 13.88
CA TRP A 739 -31.26 19.52 13.69
C TRP A 739 -31.81 19.02 15.01
N THR A 740 -33.03 19.44 15.33
CA THR A 740 -33.70 19.00 16.54
C THR A 740 -34.16 17.55 16.40
N SER A 741 -34.54 16.95 17.53
CA SER A 741 -35.00 15.57 17.52
C SER A 741 -36.28 15.43 16.71
N GLN A 742 -37.21 16.38 16.85
CA GLN A 742 -38.46 16.35 16.12
C GLN A 742 -38.35 16.97 14.73
N ASP A 743 -37.18 17.50 14.36
CA ASP A 743 -37.00 18.11 13.05
C ASP A 743 -37.10 17.05 11.96
N SER A 744 -37.81 17.40 10.89
CA SER A 744 -37.89 16.56 9.70
C SER A 744 -37.01 17.15 8.62
N LEU A 745 -36.11 16.33 8.07
CA LEU A 745 -35.11 16.78 7.11
C LEU A 745 -35.43 16.36 5.68
N LEU A 746 -36.67 15.97 5.42
CA LEU A 746 -37.06 15.57 4.08
C LEU A 746 -37.05 16.78 3.15
N GLY A 747 -36.55 16.57 1.93
CA GLY A 747 -36.48 17.63 0.95
C GLY A 747 -35.17 18.38 0.97
N MET A 748 -34.47 18.38 -0.17
CA MET A 748 -33.20 19.08 -0.31
C MET A 748 -33.24 20.10 -1.44
N GLU A 749 -34.36 20.20 -2.14
CA GLU A 749 -34.45 20.93 -3.40
C GLU A 749 -35.85 21.50 -3.51
N PHE A 750 -35.98 22.70 -4.06
CA PHE A 750 -37.31 23.26 -4.26
C PHE A 750 -37.31 24.23 -5.42
N SER A 751 -38.51 24.52 -5.90
CA SER A 751 -38.74 25.61 -6.83
C SER A 751 -40.01 26.34 -6.39
N GLY A 752 -40.06 27.64 -6.65
CA GLY A 752 -41.22 28.41 -6.24
C GLY A 752 -41.01 29.89 -6.47
N ARG A 753 -41.58 30.69 -5.57
CA ARG A 753 -41.50 32.14 -5.65
C ARG A 753 -40.97 32.69 -4.34
N ASP A 754 -39.98 33.57 -4.43
CA ASP A 754 -39.41 34.17 -3.23
C ASP A 754 -40.39 35.19 -2.66
N ALA A 755 -39.93 35.94 -1.65
CA ALA A 755 -40.80 36.92 -1.01
C ALA A 755 -41.23 38.00 -2.00
N SER A 756 -40.31 38.45 -2.85
CA SER A 756 -40.64 39.45 -3.86
C SER A 756 -41.51 38.91 -4.98
N GLY A 757 -41.73 37.60 -5.02
CA GLY A 757 -42.51 36.99 -6.08
C GLY A 757 -41.73 36.51 -7.27
N LYS A 758 -40.43 36.76 -7.32
CA LYS A 758 -39.61 36.27 -8.41
C LYS A 758 -39.59 34.75 -8.44
N ARG A 759 -39.64 34.18 -9.63
CA ARG A 759 -39.60 32.74 -9.80
C ARG A 759 -38.17 32.26 -9.57
N VAL A 760 -37.97 31.49 -8.50
CA VAL A 760 -36.65 31.04 -8.09
C VAL A 760 -36.67 29.54 -7.87
N MET A 761 -35.49 28.95 -7.82
CA MET A 761 -35.30 27.55 -7.45
C MET A 761 -34.10 27.48 -6.52
N GLY A 762 -34.19 26.63 -5.51
CA GLY A 762 -33.26 26.69 -4.40
C GLY A 762 -32.78 25.33 -3.95
N LEU A 763 -31.57 25.33 -3.41
CA LEU A 763 -30.93 24.18 -2.79
C LEU A 763 -30.89 24.41 -1.29
N VAL A 764 -31.53 23.53 -0.53
CA VAL A 764 -31.61 23.69 0.91
C VAL A 764 -30.94 22.49 1.58
N PRO A 765 -30.31 22.68 2.75
CA PRO A 765 -29.76 21.53 3.48
C PRO A 765 -30.82 20.51 3.87
N ALA A 766 -32.02 20.95 4.19
CA ALA A 766 -33.10 20.07 4.60
C ALA A 766 -34.40 20.87 4.56
N LYS A 767 -35.50 20.19 4.89
CA LYS A 767 -36.83 20.79 4.96
C LYS A 767 -37.27 21.39 3.62
N GLY A 768 -36.79 20.81 2.53
CA GLY A 768 -37.23 21.26 1.22
C GLY A 768 -38.63 20.82 0.86
N LEU A 769 -39.14 19.78 1.51
CA LEU A 769 -40.49 19.27 1.25
C LEU A 769 -41.51 20.02 2.10
N ALA A 770 -41.51 21.34 1.96
CA ALA A 770 -42.38 22.20 2.74
C ALA A 770 -43.09 23.16 1.80
N THR A 771 -44.24 23.66 2.24
CA THR A 771 -44.96 24.67 1.46
C THR A 771 -44.18 25.98 1.40
N SER A 772 -43.25 26.18 2.31
CA SER A 772 -42.38 27.36 2.28
C SER A 772 -41.07 27.00 2.96
N VAL A 773 -39.98 27.60 2.49
CA VAL A 773 -38.66 27.34 3.03
C VAL A 773 -38.01 28.65 3.43
N LEU A 774 -37.11 28.56 4.41
CA LEU A 774 -36.34 29.71 4.89
C LEU A 774 -34.88 29.43 4.57
N LEU A 775 -34.38 30.03 3.49
CA LEU A 775 -33.02 29.77 3.05
C LEU A 775 -32.34 31.08 2.67
N SER A 776 -31.01 31.07 2.73
CA SER A 776 -30.24 32.23 2.33
C SER A 776 -30.38 32.46 0.82
N PRO A 777 -30.35 33.72 0.38
CA PRO A 777 -30.40 33.98 -1.07
C PRO A 777 -29.19 33.46 -1.82
N ASP A 778 -28.10 33.15 -1.13
CA ASP A 778 -26.92 32.59 -1.77
C ASP A 778 -27.16 31.21 -2.35
N PHE A 779 -28.26 30.55 -2.00
CA PHE A 779 -28.61 29.23 -2.51
C PHE A 779 -29.85 29.27 -3.39
N LEU A 780 -30.02 30.36 -4.13
CA LEU A 780 -31.17 30.55 -5.01
C LEU A 780 -30.70 30.91 -6.41
N TRP A 781 -31.41 30.41 -7.41
CA TRP A 781 -31.18 30.73 -8.81
C TRP A 781 -32.48 31.20 -9.43
N ASP A 782 -32.40 32.22 -10.28
CA ASP A 782 -33.59 32.67 -11.01
C ASP A 782 -33.97 31.62 -12.04
N VAL A 783 -35.23 31.25 -12.06
CA VAL A 783 -35.71 30.29 -13.07
C VAL A 783 -35.90 31.03 -14.39
N PRO A 784 -35.25 30.61 -15.47
CA PRO A 784 -35.40 31.31 -16.75
C PRO A 784 -36.82 31.19 -17.28
N SER A 785 -37.15 32.11 -18.20
CA SER A 785 -38.51 32.20 -18.72
C SER A 785 -38.91 30.92 -19.45
N ASN A 786 -37.99 30.35 -20.23
CA ASN A 786 -38.30 29.14 -20.98
C ASN A 786 -38.57 27.95 -20.07
N TRP A 787 -38.04 27.95 -18.85
CA TRP A 787 -38.29 26.88 -17.92
C TRP A 787 -39.65 27.05 -17.24
N THR A 788 -40.11 25.97 -16.61
CA THR A 788 -41.25 26.01 -15.72
C THR A 788 -40.79 25.68 -14.31
N LEU A 789 -41.63 26.00 -13.34
CA LEU A 789 -41.29 25.70 -11.94
C LEU A 789 -41.12 24.19 -11.75
N GLU A 790 -42.02 23.41 -12.35
CA GLU A 790 -41.87 21.96 -12.33
C GLU A 790 -40.56 21.53 -12.96
N GLU A 791 -40.21 22.13 -14.10
CA GLU A 791 -38.96 21.80 -14.76
C GLU A 791 -37.77 22.18 -13.91
N ALA A 792 -37.82 23.36 -13.28
CA ALA A 792 -36.70 23.87 -12.51
C ALA A 792 -36.55 23.20 -11.15
N ALA A 793 -37.57 22.49 -10.66
CA ALA A 793 -37.49 21.85 -9.37
C ALA A 793 -36.45 20.73 -9.31
N SER A 794 -35.95 20.26 -10.46
CA SER A 794 -35.02 19.15 -10.51
C SER A 794 -33.58 19.57 -10.69
N VAL A 795 -33.32 20.86 -10.91
CA VAL A 795 -31.98 21.35 -11.25
C VAL A 795 -31.06 21.52 -10.04
N PRO A 796 -31.47 22.20 -8.96
CA PRO A 796 -30.46 22.62 -7.96
C PRO A 796 -29.58 21.51 -7.40
N VAL A 797 -30.16 20.51 -6.74
CA VAL A 797 -29.34 19.49 -6.08
C VAL A 797 -28.48 18.76 -7.09
N VAL A 798 -29.11 18.28 -8.16
CA VAL A 798 -28.44 17.37 -9.09
C VAL A 798 -27.33 18.10 -9.84
N TYR A 799 -27.62 19.29 -10.35
CA TYR A 799 -26.62 20.00 -11.13
C TYR A 799 -25.54 20.63 -10.24
N SER A 800 -25.88 21.08 -9.04
CA SER A 800 -24.84 21.53 -8.12
C SER A 800 -23.90 20.40 -7.76
N THR A 801 -24.44 19.21 -7.49
CA THR A 801 -23.60 18.06 -7.18
C THR A 801 -22.69 17.72 -8.35
N ALA A 802 -23.26 17.65 -9.56
CA ALA A 802 -22.45 17.30 -10.72
C ALA A 802 -21.38 18.34 -10.99
N TYR A 803 -21.71 19.63 -10.89
CA TYR A 803 -20.73 20.67 -11.14
C TYR A 803 -19.62 20.67 -10.09
N TYR A 804 -19.99 20.49 -8.81
CA TYR A 804 -18.97 20.42 -7.77
C TYR A 804 -18.05 19.22 -7.98
N ALA A 805 -18.62 18.07 -8.33
CA ALA A 805 -17.80 16.88 -8.52
C ALA A 805 -16.87 17.03 -9.73
N LEU A 806 -17.42 17.45 -10.87
CA LEU A 806 -16.65 17.43 -12.10
C LEU A 806 -15.71 18.63 -12.20
N VAL A 807 -16.24 19.84 -12.07
CA VAL A 807 -15.46 21.04 -12.35
C VAL A 807 -14.63 21.46 -11.13
N VAL A 808 -15.28 21.67 -9.99
CA VAL A 808 -14.56 22.17 -8.82
C VAL A 808 -13.59 21.12 -8.29
N ARG A 809 -14.05 19.89 -8.12
CA ARG A 809 -13.23 18.83 -7.55
C ARG A 809 -12.47 18.06 -8.62
N GLY A 810 -13.19 17.45 -9.57
CA GLY A 810 -12.55 16.66 -10.60
C GLY A 810 -11.69 17.47 -11.55
N ARG A 811 -11.98 18.75 -11.70
CA ARG A 811 -11.24 19.64 -12.61
C ARG A 811 -11.20 19.04 -14.02
N VAL A 812 -12.36 18.60 -14.49
CA VAL A 812 -12.44 17.93 -15.77
C VAL A 812 -12.12 18.91 -16.89
N ARG A 813 -11.22 18.51 -17.76
CA ARG A 813 -10.79 19.24 -18.93
C ARG A 813 -11.52 18.71 -20.16
N PRO A 814 -11.69 19.54 -21.20
CA PRO A 814 -12.38 19.07 -22.40
C PRO A 814 -11.67 17.89 -23.04
N GLY A 815 -12.46 16.93 -23.54
CA GLY A 815 -11.93 15.79 -24.23
C GLY A 815 -11.42 14.67 -23.36
N GLU A 816 -11.65 14.73 -22.04
CA GLU A 816 -11.17 13.70 -21.13
C GLU A 816 -12.19 12.57 -21.05
N THR A 817 -11.71 11.34 -21.24
CA THR A 817 -12.57 10.18 -21.10
C THR A 817 -13.08 10.09 -19.66
N LEU A 818 -14.37 9.84 -19.50
CA LEU A 818 -15.01 10.03 -18.21
C LEU A 818 -16.11 9.00 -18.02
N LEU A 819 -16.13 8.36 -16.86
CA LEU A 819 -17.11 7.35 -16.51
C LEU A 819 -18.08 7.91 -15.49
N ILE A 820 -19.37 7.69 -15.73
CA ILE A 820 -20.44 8.14 -14.85
C ILE A 820 -21.26 6.92 -14.45
N HIS A 821 -21.44 6.72 -13.15
CA HIS A 821 -22.25 5.61 -12.67
C HIS A 821 -23.69 6.07 -12.46
N SER A 822 -24.63 5.20 -12.83
CA SER A 822 -26.05 5.51 -12.79
C SER A 822 -26.35 6.76 -13.62
N GLY A 823 -26.02 6.68 -14.91
CA GLY A 823 -26.21 7.81 -15.80
C GLY A 823 -27.65 8.22 -15.97
N SER A 824 -28.58 7.27 -15.92
CA SER A 824 -29.99 7.61 -16.02
C SER A 824 -30.49 8.34 -14.79
N GLY A 825 -29.77 8.29 -13.69
CA GLY A 825 -30.14 9.03 -12.50
C GLY A 825 -29.91 10.52 -12.68
N GLY A 826 -30.41 11.28 -11.72
CA GLY A 826 -30.31 12.72 -11.77
C GLY A 826 -28.88 13.22 -11.85
N VAL A 827 -28.08 12.91 -10.83
CA VAL A 827 -26.68 13.34 -10.83
C VAL A 827 -25.95 12.75 -12.03
N GLY A 828 -26.29 11.51 -12.40
CA GLY A 828 -25.71 10.93 -13.59
C GLY A 828 -26.02 11.73 -14.84
N GLN A 829 -27.29 12.12 -15.00
CA GLN A 829 -27.69 12.89 -16.18
C GLN A 829 -27.01 14.25 -16.20
N ALA A 830 -26.91 14.91 -15.05
CA ALA A 830 -26.23 16.21 -15.01
C ALA A 830 -24.75 16.06 -15.34
N ALA A 831 -24.11 15.02 -14.83
CA ALA A 831 -22.71 14.77 -15.18
C ALA A 831 -22.56 14.50 -16.66
N ILE A 832 -23.49 13.76 -17.25
CA ILE A 832 -23.46 13.52 -18.70
C ILE A 832 -23.55 14.83 -19.45
N ALA A 833 -24.49 15.69 -19.05
CA ALA A 833 -24.67 16.97 -19.74
C ALA A 833 -23.42 17.83 -19.62
N ILE A 834 -22.82 17.89 -18.43
CA ILE A 834 -21.64 18.72 -18.24
C ILE A 834 -20.47 18.17 -19.03
N ALA A 835 -20.27 16.85 -19.02
CA ALA A 835 -19.16 16.25 -19.75
C ALA A 835 -19.33 16.42 -21.25
N LEU A 836 -20.55 16.25 -21.77
CA LEU A 836 -20.77 16.44 -23.19
C LEU A 836 -20.67 17.91 -23.59
N SER A 837 -20.94 18.81 -22.66
CA SER A 837 -20.71 20.23 -22.93
C SER A 837 -19.23 20.51 -23.18
N LEU A 838 -18.35 19.77 -22.50
CA LEU A 838 -16.92 19.90 -22.71
C LEU A 838 -16.39 18.98 -23.80
N GLY A 839 -17.26 18.25 -24.48
CA GLY A 839 -16.82 17.31 -25.50
C GLY A 839 -16.01 16.17 -24.94
N CYS A 840 -16.41 15.62 -23.80
CA CYS A 840 -15.71 14.52 -23.16
C CYS A 840 -16.34 13.20 -23.56
N ARG A 841 -15.50 12.20 -23.82
CA ARG A 841 -16.01 10.86 -24.04
C ARG A 841 -16.57 10.30 -22.76
N VAL A 842 -17.80 9.80 -22.81
CA VAL A 842 -18.55 9.42 -21.63
C VAL A 842 -18.91 7.95 -21.71
N PHE A 843 -18.56 7.20 -20.67
CA PHE A 843 -19.06 5.85 -20.45
C PHE A 843 -20.03 5.91 -19.29
N THR A 844 -21.29 5.57 -19.53
CA THR A 844 -22.31 5.64 -18.49
C THR A 844 -22.82 4.24 -18.17
N THR A 845 -22.99 3.97 -16.88
CA THR A 845 -23.55 2.69 -16.44
C THR A 845 -25.03 2.87 -16.15
N VAL A 846 -25.85 2.00 -16.73
CA VAL A 846 -27.29 2.02 -16.53
C VAL A 846 -27.76 0.63 -16.15
N GLY A 847 -28.96 0.56 -15.57
CA GLY A 847 -29.45 -0.68 -15.00
C GLY A 847 -30.46 -1.43 -15.84
N SER A 848 -30.90 -0.86 -16.96
CA SER A 848 -31.91 -1.51 -17.78
C SER A 848 -31.81 -0.99 -19.21
N ALA A 849 -32.48 -1.70 -20.12
CA ALA A 849 -32.50 -1.29 -21.52
C ALA A 849 -33.34 -0.03 -21.72
N GLU A 850 -34.42 0.13 -20.94
CA GLU A 850 -35.23 1.33 -21.05
C GLU A 850 -34.42 2.57 -20.67
N LYS A 851 -33.60 2.48 -19.62
CA LYS A 851 -32.75 3.59 -19.25
C LYS A 851 -31.68 3.84 -20.30
N ARG A 852 -31.17 2.77 -20.93
CA ARG A 852 -30.25 2.92 -22.04
C ARG A 852 -30.89 3.72 -23.17
N ALA A 853 -32.11 3.35 -23.55
CA ALA A 853 -32.80 4.05 -24.63
C ALA A 853 -33.10 5.49 -24.26
N TYR A 854 -33.49 5.74 -23.02
CA TYR A 854 -33.74 7.11 -22.59
C TYR A 854 -32.48 7.95 -22.65
N LEU A 855 -31.35 7.40 -22.20
CA LEU A 855 -30.11 8.15 -22.25
C LEU A 855 -29.66 8.38 -23.70
N GLN A 856 -29.91 7.40 -24.57
CA GLN A 856 -29.58 7.58 -25.98
C GLN A 856 -30.40 8.70 -26.59
N ALA A 857 -31.71 8.72 -26.31
CA ALA A 857 -32.56 9.76 -26.88
C ALA A 857 -32.27 11.13 -26.29
N ARG A 858 -32.04 11.19 -24.97
CA ARG A 858 -31.78 12.47 -24.32
C ARG A 858 -30.43 13.04 -24.74
N PHE A 859 -29.41 12.19 -24.81
CA PHE A 859 -28.09 12.62 -25.26
C PHE A 859 -27.72 11.87 -26.53
N PRO A 860 -27.94 12.44 -27.72
CA PRO A 860 -27.57 11.74 -28.95
C PRO A 860 -26.08 11.66 -29.19
N GLN A 861 -25.26 12.41 -28.46
CA GLN A 861 -23.81 12.31 -28.60
C GLN A 861 -23.27 11.00 -28.04
N LEU A 862 -24.07 10.24 -27.31
CA LEU A 862 -23.65 8.97 -26.75
C LEU A 862 -23.89 7.87 -27.77
N ASP A 863 -22.84 7.11 -28.09
CA ASP A 863 -22.96 5.99 -29.01
C ASP A 863 -23.33 4.73 -28.24
N SER A 864 -23.40 3.61 -28.97
CA SER A 864 -23.72 2.33 -28.33
C SER A 864 -22.60 1.84 -27.43
N THR A 865 -21.37 2.28 -27.66
CA THR A 865 -20.24 1.88 -26.84
C THR A 865 -20.09 2.72 -25.58
N SER A 866 -20.95 3.70 -25.37
CA SER A 866 -20.90 4.57 -24.20
C SER A 866 -21.71 4.04 -23.03
N PHE A 867 -22.38 2.90 -23.19
CA PHE A 867 -23.29 2.39 -22.18
C PHE A 867 -22.78 1.03 -21.68
N ALA A 868 -22.78 0.88 -20.36
CA ALA A 868 -22.44 -0.37 -19.70
C ALA A 868 -23.48 -0.64 -18.61
N ASN A 869 -23.31 -1.74 -17.90
CA ASN A 869 -24.27 -2.17 -16.90
C ASN A 869 -23.83 -1.70 -15.51
N SER A 870 -24.75 -1.10 -14.77
CA SER A 870 -24.48 -0.65 -13.42
C SER A 870 -24.83 -1.68 -12.37
N ARG A 871 -25.68 -2.65 -12.70
CA ARG A 871 -26.07 -3.69 -11.77
C ARG A 871 -25.06 -4.83 -11.68
N ASP A 872 -24.03 -4.81 -12.53
CA ASP A 872 -22.98 -5.82 -12.52
C ASP A 872 -21.63 -5.13 -12.46
N THR A 873 -20.58 -5.93 -12.32
CA THR A 873 -19.21 -5.45 -12.39
C THR A 873 -18.69 -5.37 -13.82
N SER A 874 -19.42 -5.96 -14.77
CA SER A 874 -18.92 -6.11 -16.13
C SER A 874 -18.55 -4.77 -16.75
N PHE A 875 -19.16 -3.68 -16.27
CA PHE A 875 -18.86 -2.37 -16.84
C PHE A 875 -17.37 -2.13 -16.87
N GLU A 876 -16.66 -2.56 -15.82
CA GLU A 876 -15.22 -2.33 -15.77
C GLU A 876 -14.55 -2.89 -17.02
N GLN A 877 -14.81 -4.17 -17.31
CA GLN A 877 -14.25 -4.76 -18.52
C GLN A 877 -14.62 -3.93 -19.73
N HIS A 878 -15.91 -3.60 -19.85
CA HIS A 878 -16.37 -2.78 -20.97
C HIS A 878 -15.53 -1.52 -21.07
N VAL A 879 -15.38 -0.81 -19.96
CA VAL A 879 -14.60 0.43 -19.98
C VAL A 879 -13.19 0.12 -20.44
N LEU A 880 -12.55 -0.86 -19.81
CA LEU A 880 -11.17 -1.17 -20.14
C LEU A 880 -11.05 -1.74 -21.55
N TRP A 881 -12.14 -2.26 -22.11
CA TRP A 881 -12.06 -2.72 -23.49
C TRP A 881 -12.16 -1.55 -24.47
N HIS A 882 -12.95 -0.53 -24.13
CA HIS A 882 -13.21 0.55 -25.06
C HIS A 882 -12.29 1.75 -24.88
N THR A 883 -11.50 1.77 -23.81
CA THR A 883 -10.51 2.82 -23.59
C THR A 883 -9.11 2.35 -23.91
N GLY A 884 -8.95 1.16 -24.49
CA GLY A 884 -7.63 0.64 -24.79
C GLY A 884 -6.85 0.18 -23.59
N GLY A 885 -7.54 -0.12 -22.48
CA GLY A 885 -6.87 -0.52 -21.26
C GLY A 885 -6.26 0.61 -20.48
N LYS A 886 -6.29 1.84 -21.00
CA LYS A 886 -5.72 2.97 -20.28
C LYS A 886 -6.56 3.32 -19.06
N GLY A 887 -7.87 3.41 -19.24
CA GLY A 887 -8.77 3.78 -18.16
C GLY A 887 -9.56 5.03 -18.48
N VAL A 888 -10.28 5.55 -17.48
CA VAL A 888 -11.08 6.77 -17.63
C VAL A 888 -10.47 7.83 -16.73
N ASP A 889 -10.36 9.05 -17.25
CA ASP A 889 -9.72 10.13 -16.51
C ASP A 889 -10.49 10.49 -15.24
N LEU A 890 -11.82 10.52 -15.32
CA LEU A 890 -12.65 10.80 -14.16
C LEU A 890 -13.65 9.66 -13.99
N VAL A 891 -13.98 9.37 -12.74
CA VAL A 891 -14.98 8.37 -12.38
C VAL A 891 -15.92 9.03 -11.38
N LEU A 892 -17.10 9.44 -11.83
CA LEU A 892 -18.14 9.93 -10.93
C LEU A 892 -18.92 8.71 -10.46
N ASN A 893 -18.61 8.23 -9.27
CA ASN A 893 -19.11 6.95 -8.79
C ASN A 893 -20.09 7.15 -7.65
N SER A 894 -21.28 6.56 -7.80
CA SER A 894 -22.24 6.46 -6.71
C SER A 894 -22.56 5.01 -6.37
N LEU A 895 -21.80 4.06 -6.90
CA LEU A 895 -22.00 2.66 -6.62
C LEU A 895 -21.23 2.26 -5.37
N ALA A 896 -21.54 1.07 -4.85
CA ALA A 896 -21.05 0.65 -3.55
C ALA A 896 -20.42 -0.74 -3.63
N GLU A 897 -19.60 -1.04 -2.61
CA GLU A 897 -18.95 -2.35 -2.43
C GLU A 897 -18.04 -2.62 -3.61
N GLU A 898 -18.08 -3.81 -4.21
CA GLU A 898 -17.12 -4.15 -5.27
C GLU A 898 -17.31 -3.27 -6.50
N LYS A 899 -18.54 -2.84 -6.76
CA LYS A 899 -18.78 -1.93 -7.88
C LYS A 899 -18.01 -0.63 -7.70
N LEU A 900 -17.75 -0.24 -6.46
CA LEU A 900 -16.83 0.87 -6.24
C LEU A 900 -15.41 0.48 -6.60
N GLN A 901 -14.94 -0.67 -6.11
CA GLN A 901 -13.56 -1.07 -6.34
C GLN A 901 -13.29 -1.25 -7.83
N ALA A 902 -14.22 -1.84 -8.56
CA ALA A 902 -14.09 -1.94 -10.00
C ALA A 902 -13.96 -0.56 -10.63
N SER A 903 -14.78 0.39 -10.17
CA SER A 903 -14.66 1.75 -10.67
C SER A 903 -13.29 2.34 -10.34
N VAL A 904 -12.70 1.93 -9.22
CA VAL A 904 -11.32 2.32 -8.93
C VAL A 904 -10.37 1.72 -9.94
N ARG A 905 -10.61 0.47 -10.32
CA ARG A 905 -9.77 -0.20 -11.31
C ARG A 905 -9.90 0.42 -12.70
N CYS A 906 -11.01 1.10 -12.98
CA CYS A 906 -11.19 1.77 -14.26
C CYS A 906 -10.38 3.04 -14.38
N LEU A 907 -9.77 3.51 -13.30
CA LEU A 907 -9.04 4.77 -13.34
C LEU A 907 -7.79 4.65 -14.20
N ALA A 908 -7.50 5.72 -14.94
CA ALA A 908 -6.27 5.81 -15.72
C ALA A 908 -5.20 6.51 -14.89
N THR A 909 -4.02 6.69 -15.49
CA THR A 909 -2.99 7.48 -14.84
C THR A 909 -3.45 8.92 -14.73
N HIS A 910 -3.16 9.55 -13.57
CA HIS A 910 -3.67 10.87 -13.23
C HIS A 910 -5.19 10.89 -13.16
N GLY A 911 -5.80 9.74 -12.89
CA GLY A 911 -7.24 9.69 -12.80
C GLY A 911 -7.78 10.38 -11.56
N ARG A 912 -9.05 10.75 -11.64
CA ARG A 912 -9.76 11.40 -10.54
C ARG A 912 -11.01 10.59 -10.22
N PHE A 913 -11.07 10.05 -9.02
CA PHE A 913 -12.21 9.24 -8.58
C PHE A 913 -13.05 10.11 -7.64
N LEU A 914 -14.18 10.58 -8.13
CA LEU A 914 -15.09 11.40 -7.34
C LEU A 914 -16.15 10.48 -6.75
N GLU A 915 -16.08 10.25 -5.44
CA GLU A 915 -17.00 9.36 -4.75
C GLU A 915 -18.13 10.21 -4.17
N ILE A 916 -19.29 10.18 -4.82
CA ILE A 916 -20.46 10.86 -4.30
C ILE A 916 -21.37 9.93 -3.52
N GLY A 917 -21.13 8.63 -3.58
CA GLY A 917 -21.87 7.69 -2.77
C GLY A 917 -21.45 7.75 -1.31
N LYS A 918 -22.21 7.06 -0.48
CA LYS A 918 -21.99 7.12 0.97
C LYS A 918 -21.86 5.77 1.65
N PHE A 919 -22.28 4.66 1.02
CA PHE A 919 -22.26 3.38 1.71
C PHE A 919 -20.85 2.97 2.07
N ASP A 920 -19.94 2.97 1.10
CA ASP A 920 -18.55 2.62 1.39
C ASP A 920 -17.88 3.68 2.24
N LEU A 921 -18.26 4.95 2.07
CA LEU A 921 -17.70 6.01 2.90
C LEU A 921 -18.11 5.86 4.35
N SER A 922 -19.37 5.53 4.60
CA SER A 922 -19.84 5.41 5.98
C SER A 922 -19.33 4.15 6.65
N GLN A 923 -19.10 3.09 5.87
CA GLN A 923 -18.65 1.82 6.43
C GLN A 923 -17.15 1.74 6.65
N ASN A 924 -16.40 2.78 6.26
CA ASN A 924 -14.93 2.78 6.37
C ASN A 924 -14.34 1.57 5.67
N HIS A 925 -14.88 1.24 4.49
CA HIS A 925 -14.40 0.09 3.76
C HIS A 925 -12.95 0.31 3.32
N PRO A 926 -12.14 -0.74 3.26
CA PRO A 926 -10.74 -0.56 2.89
C PRO A 926 -10.61 -0.15 1.42
N LEU A 927 -9.59 0.65 1.16
CA LEU A 927 -9.23 1.05 -0.20
C LEU A 927 -7.75 0.81 -0.39
N GLY A 928 -7.40 -0.11 -1.29
CA GLY A 928 -6.01 -0.37 -1.58
C GLY A 928 -5.33 0.86 -2.14
N MET A 929 -4.24 1.30 -1.51
CA MET A 929 -3.63 2.55 -1.91
C MET A 929 -2.66 2.41 -3.07
N ALA A 930 -2.46 1.19 -3.58
CA ALA A 930 -1.64 1.02 -4.76
C ALA A 930 -2.21 1.76 -5.97
N ILE A 931 -3.51 2.05 -5.95
CA ILE A 931 -4.10 2.86 -7.02
C ILE A 931 -3.46 4.24 -7.07
N PHE A 932 -3.02 4.75 -5.92
CA PHE A 932 -2.34 6.04 -5.90
C PHE A 932 -0.96 5.99 -6.54
N LEU A 933 -0.47 4.79 -6.87
CA LEU A 933 0.72 4.66 -7.69
C LEU A 933 0.46 5.05 -9.14
N LYS A 934 -0.79 5.27 -9.52
CA LYS A 934 -1.15 5.77 -10.84
C LYS A 934 -1.30 7.28 -10.88
N ASN A 935 -0.72 7.99 -9.91
CA ASN A 935 -0.92 9.42 -9.75
C ASN A 935 -2.40 9.76 -9.58
N VAL A 936 -3.16 8.82 -9.04
CA VAL A 936 -4.61 8.95 -8.96
C VAL A 936 -4.99 9.86 -7.79
N THR A 937 -5.97 10.72 -8.03
CA THR A 937 -6.58 11.52 -6.98
C THR A 937 -7.92 10.90 -6.60
N PHE A 938 -8.21 10.88 -5.30
CA PHE A 938 -9.44 10.32 -4.77
C PHE A 938 -10.17 11.42 -4.01
N HIS A 939 -11.24 11.95 -4.58
CA HIS A 939 -12.04 12.99 -3.96
C HIS A 939 -13.26 12.37 -3.30
N GLY A 940 -13.51 12.77 -2.05
CA GLY A 940 -14.77 12.48 -1.39
C GLY A 940 -15.69 13.68 -1.55
N VAL A 941 -16.62 13.59 -2.50
CA VAL A 941 -17.43 14.73 -2.89
C VAL A 941 -18.71 14.73 -2.06
N LEU A 942 -18.81 15.65 -1.10
CA LEU A 942 -20.02 15.86 -0.32
C LEU A 942 -20.47 17.30 -0.52
N LEU A 943 -21.64 17.49 -1.11
CA LEU A 943 -22.19 18.82 -1.30
C LEU A 943 -22.73 19.41 0.00
N ASP A 944 -23.11 18.56 0.96
CA ASP A 944 -23.68 19.03 2.22
C ASP A 944 -22.74 19.96 2.96
N ALA A 945 -21.43 19.78 2.81
CA ALA A 945 -20.47 20.65 3.47
C ALA A 945 -20.57 22.10 3.02
N PHE A 946 -21.38 22.40 2.01
CA PHE A 946 -21.61 23.77 1.59
C PHE A 946 -22.68 24.48 2.42
N PHE A 947 -23.42 23.75 3.23
CA PHE A 947 -24.46 24.35 4.06
C PHE A 947 -23.95 24.74 5.45
N ASN A 948 -22.71 24.40 5.79
CA ASN A 948 -22.17 24.71 7.11
C ASN A 948 -21.39 26.02 7.13
N GLU A 949 -20.72 26.35 6.03
CA GLU A 949 -19.94 27.59 5.93
C GLU A 949 -20.48 28.55 4.88
N SER A 950 -20.85 28.05 3.69
CA SER A 950 -21.40 28.87 2.62
C SER A 950 -20.47 30.01 2.24
N SER A 951 -19.17 29.73 2.23
CA SER A 951 -18.17 30.72 1.87
C SER A 951 -18.03 30.79 0.35
N ALA A 952 -16.97 31.45 -0.14
CA ALA A 952 -16.79 31.62 -1.57
C ALA A 952 -16.62 30.29 -2.30
N ASP A 953 -16.27 29.22 -1.59
CA ASP A 953 -16.18 27.91 -2.23
C ASP A 953 -17.54 27.48 -2.77
N TRP A 954 -18.61 27.72 -2.01
CA TRP A 954 -19.95 27.46 -2.54
C TRP A 954 -20.33 28.46 -3.62
N ARG A 955 -19.88 29.71 -3.49
CA ARG A 955 -20.20 30.69 -4.52
C ARG A 955 -19.60 30.31 -5.87
N GLU A 956 -18.46 29.60 -5.86
CA GLU A 956 -17.91 29.09 -7.11
C GLU A 956 -18.87 28.11 -7.78
N VAL A 957 -19.43 27.17 -6.99
CA VAL A 957 -20.38 26.21 -7.55
C VAL A 957 -21.65 26.91 -7.99
N TRP A 958 -22.09 27.92 -7.24
CA TRP A 958 -23.28 28.68 -7.63
C TRP A 958 -23.06 29.38 -8.96
N ALA A 959 -21.89 30.00 -9.13
CA ALA A 959 -21.56 30.65 -10.39
C ALA A 959 -21.50 29.63 -11.53
N LEU A 960 -20.94 28.45 -11.26
CA LEU A 960 -20.89 27.41 -12.28
C LEU A 960 -22.28 26.98 -12.71
N VAL A 961 -23.18 26.78 -11.75
CA VAL A 961 -24.54 26.36 -12.08
C VAL A 961 -25.28 27.46 -12.84
N GLN A 962 -25.09 28.72 -12.44
CA GLN A 962 -25.73 29.83 -13.14
C GLN A 962 -25.20 29.94 -14.57
N ALA A 963 -23.89 29.77 -14.76
CA ALA A 963 -23.33 29.82 -16.10
C ALA A 963 -23.84 28.66 -16.95
N GLY A 964 -23.96 27.47 -16.36
CA GLY A 964 -24.51 26.34 -17.09
C GLY A 964 -25.95 26.56 -17.48
N ILE A 965 -26.72 27.21 -16.62
CA ILE A 965 -28.10 27.56 -16.96
C ILE A 965 -28.12 28.56 -18.12
N ARG A 966 -27.28 29.60 -18.04
CA ARG A 966 -27.27 30.62 -19.07
C ARG A 966 -26.78 30.06 -20.40
N ASP A 967 -25.76 29.21 -20.37
CA ASP A 967 -25.19 28.64 -21.59
C ASP A 967 -26.02 27.50 -22.15
N GLY A 968 -27.07 27.07 -21.47
CA GLY A 968 -27.86 25.95 -21.92
C GLY A 968 -27.30 24.60 -21.57
N VAL A 969 -26.14 24.54 -20.92
CA VAL A 969 -25.58 23.26 -20.49
C VAL A 969 -26.50 22.61 -19.47
N VAL A 970 -26.98 23.38 -18.51
CA VAL A 970 -27.89 22.88 -17.48
C VAL A 970 -29.27 22.75 -18.10
N ARG A 971 -29.71 21.53 -18.30
CA ARG A 971 -31.02 21.26 -18.87
C ARG A 971 -31.85 20.46 -17.87
N PRO A 972 -33.09 20.87 -17.58
CA PRO A 972 -33.88 20.17 -16.57
C PRO A 972 -34.16 18.74 -16.95
N LEU A 973 -34.15 17.87 -15.95
CA LEU A 973 -34.40 16.46 -16.16
C LEU A 973 -35.90 16.20 -16.30
N LYS A 974 -36.23 15.01 -16.80
CA LYS A 974 -37.62 14.60 -16.87
C LYS A 974 -38.18 14.45 -15.47
N CYS A 975 -39.35 15.03 -15.23
CA CYS A 975 -39.94 15.08 -13.90
C CYS A 975 -41.25 14.29 -13.88
N THR A 976 -41.34 13.33 -12.96
CA THR A 976 -42.59 12.65 -12.66
C THR A 976 -43.22 13.35 -11.47
N VAL A 977 -44.40 13.93 -11.69
CA VAL A 977 -45.00 14.86 -10.74
C VAL A 977 -46.14 14.15 -10.00
N PHE A 978 -46.08 14.21 -8.67
CA PHE A 978 -47.17 13.74 -7.81
C PHE A 978 -47.73 14.94 -7.04
N HIS A 979 -49.05 14.99 -6.93
CA HIS A 979 -49.68 16.11 -6.25
C HIS A 979 -49.28 16.15 -4.78
N GLY A 980 -49.20 17.38 -4.25
CA GLY A 980 -48.81 17.56 -2.85
C GLY A 980 -49.75 16.89 -1.87
N ALA A 981 -51.01 16.67 -2.25
CA ALA A 981 -51.94 15.98 -1.38
C ALA A 981 -51.55 14.52 -1.18
N GLN A 982 -50.75 13.97 -2.09
CA GLN A 982 -50.29 12.58 -2.01
C GLN A 982 -48.78 12.55 -2.22
N VAL A 983 -48.03 12.57 -1.12
CA VAL A 983 -46.56 12.51 -1.19
C VAL A 983 -46.11 11.09 -0.92
N GLU A 984 -46.93 10.32 -0.21
CA GLU A 984 -46.56 8.95 0.14
C GLU A 984 -46.38 8.10 -1.11
N ASP A 985 -47.32 8.19 -2.05
CA ASP A 985 -47.20 7.41 -3.27
C ASP A 985 -45.98 7.83 -4.08
N ALA A 986 -45.65 9.12 -4.08
CA ALA A 986 -44.41 9.56 -4.72
C ALA A 986 -43.20 8.92 -4.07
N PHE A 987 -43.19 8.89 -2.73
CA PHE A 987 -42.06 8.31 -2.02
C PHE A 987 -41.88 6.85 -2.35
N ARG A 988 -42.96 6.07 -2.32
CA ARG A 988 -42.81 4.64 -2.63
C ARG A 988 -42.50 4.42 -4.11
N TYR A 989 -43.09 5.22 -5.00
CA TYR A 989 -42.82 5.09 -6.42
C TYR A 989 -41.34 5.31 -6.72
N MET A 990 -40.75 6.34 -6.11
CA MET A 990 -39.33 6.55 -6.36
C MET A 990 -38.47 5.55 -5.58
N ALA A 991 -38.98 5.02 -4.47
CA ALA A 991 -38.26 3.97 -3.75
C ALA A 991 -38.14 2.70 -4.58
N GLN A 992 -39.18 2.35 -5.35
CA GLN A 992 -39.09 1.18 -6.21
C GLN A 992 -38.02 1.34 -7.27
N GLY A 993 -37.64 2.58 -7.60
CA GLY A 993 -36.43 2.84 -8.36
C GLY A 993 -36.57 2.77 -9.86
N LYS A 994 -37.75 2.47 -10.39
CA LYS A 994 -37.91 2.46 -11.85
C LYS A 994 -37.99 3.86 -12.43
N HIS A 995 -38.07 4.90 -11.59
CA HIS A 995 -38.20 6.26 -12.06
C HIS A 995 -36.94 6.67 -12.83
N ILE A 996 -37.15 7.52 -13.84
CA ILE A 996 -36.07 8.06 -14.66
C ILE A 996 -36.11 9.57 -14.53
N GLY A 997 -34.96 10.16 -14.22
CA GLY A 997 -34.87 11.61 -14.06
C GLY A 997 -35.08 12.04 -12.60
N LYS A 998 -36.18 12.72 -12.34
CA LYS A 998 -36.50 13.21 -11.02
C LYS A 998 -37.97 12.98 -10.70
N VAL A 999 -38.26 12.82 -9.42
CA VAL A 999 -39.62 12.77 -8.91
C VAL A 999 -39.87 14.06 -8.15
N VAL A 1000 -40.97 14.74 -8.48
CA VAL A 1000 -41.26 16.06 -7.96
C VAL A 1000 -42.66 16.07 -7.38
N VAL A 1001 -42.80 16.60 -6.17
CA VAL A 1001 -44.08 16.79 -5.52
C VAL A 1001 -44.54 18.22 -5.77
N GLN A 1002 -45.74 18.36 -6.32
CA GLN A 1002 -46.33 19.66 -6.65
C GLN A 1002 -47.04 20.19 -5.40
N VAL A 1003 -46.33 20.99 -4.61
CA VAL A 1003 -46.96 21.64 -3.46
C VAL A 1003 -48.04 22.61 -3.93
N LEU A 1004 -47.71 23.43 -4.94
CA LEU A 1004 -48.63 24.42 -5.46
C LEU A 1004 -48.52 24.46 -6.97
N ALA A 1005 -49.67 24.46 -7.64
CA ALA A 1005 -49.67 24.58 -9.10
C ALA A 1005 -49.17 25.96 -9.52
N GLU A 1006 -48.32 25.99 -10.54
CA GLU A 1006 -47.72 27.24 -10.99
C GLU A 1006 -48.75 28.02 -11.80
N GLU A 1007 -49.19 29.15 -11.27
CA GLU A 1007 -50.07 30.03 -12.01
C GLU A 1007 -49.30 30.74 -13.13
N PRO A 1008 -49.96 31.02 -14.26
CA PRO A 1008 -49.24 31.67 -15.36
C PRO A 1008 -48.95 33.13 -15.08
N GLU A 1009 -47.70 33.43 -14.77
CA GLU A 1009 -47.25 34.79 -14.46
C GLU A 1009 -45.73 34.76 -14.33
N ALA A 1010 -45.12 35.93 -14.41
CA ALA A 1010 -43.68 36.06 -14.26
C ALA A 1010 -43.27 36.38 -12.83
N VAL A 1011 -43.85 37.43 -12.24
CA VAL A 1011 -43.55 37.80 -10.86
C VAL A 1011 -44.84 38.21 -10.18
N LEU A 1012 -45.38 37.32 -9.34
CA LEU A 1012 -46.61 37.59 -8.61
C LEU A 1012 -46.28 38.40 -7.36
N LYS A 1013 -47.01 39.50 -7.16
CA LYS A 1013 -46.77 40.35 -6.00
C LYS A 1013 -47.07 39.61 -4.70
N GLY A 1014 -48.17 38.86 -4.66
CA GLY A 1014 -48.55 38.15 -3.47
C GLY A 1014 -47.64 36.96 -3.17
N ALA A 1015 -47.71 35.93 -4.01
CA ALA A 1015 -46.89 34.73 -3.90
C ALA A 1015 -47.06 34.02 -2.57
N LYS A 1016 -48.18 34.26 -1.87
CA LYS A 1016 -48.39 33.60 -0.59
C LYS A 1016 -48.77 32.14 -0.80
N PRO A 1017 -48.35 31.25 0.09
CA PRO A 1017 -48.77 29.84 -0.02
C PRO A 1017 -50.26 29.69 0.22
N LYS A 1018 -50.84 28.69 -0.44
CA LYS A 1018 -52.26 28.40 -0.24
C LYS A 1018 -52.47 27.65 1.07
N LEU A 1019 -53.65 27.83 1.64
CA LEU A 1019 -54.00 27.17 2.89
C LEU A 1019 -54.22 25.69 2.66
N MET A 1020 -53.59 24.84 3.48
CA MET A 1020 -53.77 23.41 3.40
C MET A 1020 -53.93 22.84 4.80
N SER A 1021 -54.61 21.69 4.88
CA SER A 1021 -54.84 21.05 6.16
C SER A 1021 -53.62 20.23 6.55
N ALA A 1022 -53.03 20.55 7.70
CA ALA A 1022 -51.82 19.88 8.15
C ALA A 1022 -51.98 19.53 9.63
N ILE A 1023 -51.24 18.49 10.05
CA ILE A 1023 -51.28 18.07 11.43
C ILE A 1023 -50.70 19.16 12.31
N SER A 1024 -51.43 19.53 13.36
CA SER A 1024 -50.99 20.62 14.23
C SER A 1024 -49.73 20.23 14.99
N LYS A 1025 -48.78 21.15 15.02
CA LYS A 1025 -47.53 20.96 15.76
C LYS A 1025 -47.24 22.24 16.52
N THR A 1026 -46.82 22.10 17.77
CA THR A 1026 -46.63 23.25 18.64
C THR A 1026 -45.28 23.90 18.35
N PHE A 1027 -45.32 25.19 17.99
CA PHE A 1027 -44.12 25.98 17.78
C PHE A 1027 -44.32 27.33 18.43
N CYS A 1028 -43.21 27.97 18.79
CA CYS A 1028 -43.28 29.21 19.53
C CYS A 1028 -42.46 30.30 18.85
N PRO A 1029 -42.93 31.54 18.88
CA PRO A 1029 -42.17 32.64 18.28
C PRO A 1029 -40.85 32.87 19.01
N ALA A 1030 -39.85 33.30 18.25
CA ALA A 1030 -38.55 33.60 18.83
C ALA A 1030 -38.53 34.94 19.55
N HIS A 1031 -39.53 35.80 19.33
CA HIS A 1031 -39.61 37.10 19.96
C HIS A 1031 -40.44 37.09 21.23
N LYS A 1032 -40.96 35.95 21.64
CA LYS A 1032 -41.80 35.84 22.82
C LYS A 1032 -41.07 35.13 23.95
N SER A 1033 -41.41 35.51 25.18
CA SER A 1033 -40.83 34.93 26.38
C SER A 1033 -41.80 33.95 27.00
N TYR A 1034 -41.27 32.84 27.49
CA TYR A 1034 -42.07 31.77 28.08
C TYR A 1034 -41.62 31.51 29.50
N ILE A 1035 -42.58 31.31 30.39
CA ILE A 1035 -42.31 31.10 31.82
C ILE A 1035 -42.66 29.67 32.17
N ILE A 1036 -41.78 29.01 32.89
CA ILE A 1036 -42.03 27.68 33.43
C ILE A 1036 -41.89 27.78 34.95
N ALA A 1037 -43.01 27.68 35.65
CA ALA A 1037 -42.98 27.65 37.10
C ALA A 1037 -42.36 26.35 37.57
N GLY A 1038 -41.29 26.44 38.36
CA GLY A 1038 -40.53 25.25 38.69
C GLY A 1038 -39.81 24.69 37.48
N GLY A 1039 -39.28 25.55 36.62
CA GLY A 1039 -38.59 25.10 35.42
C GLY A 1039 -37.21 24.56 35.66
N LEU A 1040 -36.67 24.73 36.86
CA LEU A 1040 -35.39 24.13 37.23
C LEU A 1040 -35.55 22.71 37.77
N GLY A 1041 -36.77 22.22 37.89
CA GLY A 1041 -36.99 20.84 38.27
C GLY A 1041 -36.74 19.91 37.11
N GLY A 1042 -37.02 18.63 37.35
CA GLY A 1042 -36.80 17.63 36.33
C GLY A 1042 -37.68 17.82 35.11
N PHE A 1043 -38.99 17.66 35.29
CA PHE A 1043 -39.91 17.95 34.20
C PHE A 1043 -39.78 19.40 33.75
N GLY A 1044 -39.42 20.30 34.66
CA GLY A 1044 -39.19 21.68 34.25
C GLY A 1044 -38.07 21.79 33.23
N LEU A 1045 -36.93 21.17 33.52
CA LEU A 1045 -35.81 21.22 32.59
C LEU A 1045 -36.14 20.52 31.27
N GLU A 1046 -36.83 19.38 31.35
CA GLU A 1046 -37.16 18.66 30.13
C GLU A 1046 -38.14 19.43 29.26
N LEU A 1047 -39.17 20.04 29.87
CA LEU A 1047 -40.09 20.87 29.12
C LEU A 1047 -39.40 22.10 28.56
N ALA A 1048 -38.45 22.67 29.30
CA ALA A 1048 -37.69 23.79 28.78
C ALA A 1048 -36.90 23.39 27.55
N GLN A 1049 -36.26 22.22 27.60
CA GLN A 1049 -35.53 21.74 26.42
C GLN A 1049 -36.46 21.49 25.25
N TRP A 1050 -37.64 20.92 25.53
CA TRP A 1050 -38.62 20.68 24.47
C TRP A 1050 -39.08 21.98 23.84
N LEU A 1051 -39.30 23.01 24.66
CA LEU A 1051 -39.68 24.32 24.14
C LEU A 1051 -38.55 24.93 23.31
N ILE A 1052 -37.31 24.75 23.75
CA ILE A 1052 -36.17 25.22 22.96
C ILE A 1052 -36.17 24.54 21.60
N GLN A 1053 -36.43 23.24 21.58
CA GLN A 1053 -36.53 22.52 20.31
C GLN A 1053 -37.72 22.98 19.47
N ARG A 1054 -38.70 23.64 20.08
CA ARG A 1054 -39.88 24.13 19.38
C ARG A 1054 -39.80 25.59 19.02
N GLY A 1055 -38.62 26.21 19.17
CA GLY A 1055 -38.42 27.57 18.74
C GLY A 1055 -38.39 28.63 19.83
N VAL A 1056 -38.45 28.23 21.09
CA VAL A 1056 -38.40 29.21 22.18
C VAL A 1056 -36.98 29.78 22.28
N GLN A 1057 -36.88 31.10 22.28
CA GLN A 1057 -35.60 31.77 22.45
C GLN A 1057 -35.51 32.59 23.73
N LYS A 1058 -36.62 32.81 24.42
CA LYS A 1058 -36.64 33.56 25.68
C LYS A 1058 -37.36 32.72 26.72
N LEU A 1059 -36.63 32.27 27.73
CA LEU A 1059 -37.15 31.40 28.77
C LEU A 1059 -36.88 31.99 30.14
N VAL A 1060 -37.86 31.88 31.03
CA VAL A 1060 -37.73 32.35 32.40
C VAL A 1060 -38.15 31.19 33.31
N LEU A 1061 -37.16 30.43 33.80
CA LEU A 1061 -37.41 29.34 34.73
C LEU A 1061 -37.29 29.86 36.15
N THR A 1062 -38.37 29.75 36.92
CA THR A 1062 -38.41 30.25 38.29
C THR A 1062 -38.32 29.09 39.27
N SER A 1063 -37.42 29.23 40.24
CA SER A 1063 -37.24 28.22 41.28
C SER A 1063 -36.89 28.92 42.58
N ARG A 1064 -37.36 28.35 43.68
CA ARG A 1064 -37.13 28.95 44.99
C ARG A 1064 -35.64 28.94 45.35
N SER A 1065 -34.96 27.83 45.06
CA SER A 1065 -33.60 27.63 45.51
C SER A 1065 -32.54 27.94 44.46
N GLY A 1066 -32.95 28.34 43.25
CA GLY A 1066 -31.96 28.62 42.24
C GLY A 1066 -31.35 27.35 41.67
N ILE A 1067 -30.16 27.52 41.09
CA ILE A 1067 -29.42 26.41 40.48
C ILE A 1067 -28.57 25.75 41.56
N ARG A 1068 -28.84 24.47 41.81
CA ARG A 1068 -28.06 23.69 42.77
C ARG A 1068 -27.35 22.51 42.12
N THR A 1069 -28.08 21.65 41.43
CA THR A 1069 -27.51 20.43 40.90
C THR A 1069 -26.67 20.71 39.65
N GLY A 1070 -25.75 19.81 39.36
CA GLY A 1070 -24.92 19.94 38.17
C GLY A 1070 -25.72 19.78 36.89
N TYR A 1071 -26.75 18.94 36.90
CA TYR A 1071 -27.57 18.75 35.70
C TYR A 1071 -28.27 20.05 35.31
N GLN A 1072 -28.82 20.76 36.30
CA GLN A 1072 -29.49 22.02 36.02
C GLN A 1072 -28.53 23.03 35.41
N ALA A 1073 -27.33 23.15 35.99
CA ALA A 1073 -26.34 24.09 35.47
C ALA A 1073 -25.91 23.70 34.06
N LYS A 1074 -25.72 22.41 33.81
CA LYS A 1074 -25.32 21.97 32.48
C LYS A 1074 -26.39 22.30 31.46
N GLN A 1075 -27.66 22.01 31.77
CA GLN A 1075 -28.73 22.29 30.83
C GLN A 1075 -28.88 23.78 30.58
N VAL A 1076 -28.82 24.58 31.64
CA VAL A 1076 -28.99 26.02 31.49
C VAL A 1076 -27.86 26.61 30.66
N ARG A 1077 -26.62 26.21 30.95
CA ARG A 1077 -25.50 26.76 30.19
C ARG A 1077 -25.49 26.25 28.75
N ARG A 1078 -25.96 25.04 28.51
CA ARG A 1078 -26.07 24.55 27.14
C ARG A 1078 -27.10 25.36 26.36
N TRP A 1079 -28.25 25.66 26.99
CA TRP A 1079 -29.25 26.48 26.32
C TRP A 1079 -28.73 27.89 26.08
N ARG A 1080 -27.99 28.45 27.05
CA ARG A 1080 -27.43 29.79 26.86
C ARG A 1080 -26.42 29.83 25.73
N ARG A 1081 -25.58 28.79 25.64
CA ARG A 1081 -24.63 28.71 24.52
C ARG A 1081 -25.36 28.48 23.21
N GLN A 1082 -26.53 27.84 23.24
CA GLN A 1082 -27.33 27.68 22.04
C GLN A 1082 -27.89 29.01 21.55
N GLY A 1083 -27.83 30.06 22.36
CA GLY A 1083 -28.38 31.35 22.00
C GLY A 1083 -29.70 31.68 22.65
N VAL A 1084 -30.21 30.82 23.54
CA VAL A 1084 -31.49 31.06 24.19
C VAL A 1084 -31.28 31.97 25.39
N GLN A 1085 -32.20 32.92 25.58
CA GLN A 1085 -32.18 33.81 26.74
C GLN A 1085 -32.92 33.13 27.87
N VAL A 1086 -32.20 32.32 28.65
CA VAL A 1086 -32.77 31.62 29.79
C VAL A 1086 -32.51 32.44 31.04
N GLN A 1087 -33.57 32.76 31.77
CA GLN A 1087 -33.49 33.51 33.02
C GLN A 1087 -33.92 32.61 34.17
N VAL A 1088 -33.06 32.48 35.17
CA VAL A 1088 -33.36 31.71 36.36
C VAL A 1088 -33.78 32.71 37.44
N SER A 1089 -35.08 32.73 37.73
CA SER A 1089 -35.65 33.69 38.67
C SER A 1089 -36.00 33.01 39.99
N THR A 1090 -36.02 33.81 41.05
CA THR A 1090 -36.41 33.36 42.37
C THR A 1090 -37.77 33.90 42.77
N SER A 1091 -38.51 34.49 41.83
CA SER A 1091 -39.81 35.07 42.14
C SER A 1091 -40.81 33.95 42.41
N ASN A 1092 -41.41 33.99 43.60
CA ASN A 1092 -42.38 32.96 43.99
C ASN A 1092 -43.75 33.32 43.45
N ILE A 1093 -44.31 32.44 42.61
CA ILE A 1093 -45.66 32.64 42.10
C ILE A 1093 -46.70 32.50 43.21
N SER A 1094 -46.31 32.00 44.38
CA SER A 1094 -47.25 31.89 45.49
C SER A 1094 -47.78 33.25 45.91
N SER A 1095 -46.91 34.25 45.96
CA SER A 1095 -47.30 35.61 46.27
C SER A 1095 -47.66 36.37 45.01
N LEU A 1096 -48.68 37.22 45.11
CA LEU A 1096 -49.11 38.00 43.96
C LEU A 1096 -48.00 38.93 43.48
N GLU A 1097 -47.29 39.56 44.42
CA GLU A 1097 -46.16 40.41 44.04
C GLU A 1097 -45.07 39.60 43.35
N GLY A 1098 -44.82 38.38 43.81
CA GLY A 1098 -43.85 37.53 43.16
C GLY A 1098 -44.23 37.19 41.73
N ALA A 1099 -45.51 36.88 41.50
CA ALA A 1099 -45.96 36.60 40.15
C ALA A 1099 -45.88 37.83 39.27
N ARG A 1100 -46.20 39.01 39.82
CA ARG A 1100 -46.06 40.24 39.06
C ARG A 1100 -44.62 40.48 38.66
N GLY A 1101 -43.68 40.27 39.59
CA GLY A 1101 -42.28 40.43 39.28
C GLY A 1101 -41.79 39.43 38.25
N LEU A 1102 -42.28 38.19 38.34
CA LEU A 1102 -41.93 37.17 37.36
C LEU A 1102 -42.41 37.55 35.96
N ILE A 1103 -43.65 38.02 35.87
CA ILE A 1103 -44.20 38.42 34.57
C ILE A 1103 -43.46 39.64 34.04
N ALA A 1104 -43.07 40.57 34.92
CA ALA A 1104 -42.28 41.72 34.48
C ALA A 1104 -40.91 41.29 33.96
N GLU A 1105 -40.27 40.34 34.65
CA GLU A 1105 -38.98 39.84 34.18
C GLU A 1105 -39.11 39.16 32.83
N ALA A 1106 -40.20 38.40 32.63
CA ALA A 1106 -40.43 37.80 31.33
C ALA A 1106 -40.67 38.85 30.26
N ALA A 1107 -41.46 39.87 30.57
CA ALA A 1107 -41.76 40.93 29.61
C ALA A 1107 -40.50 41.71 29.26
N GLN A 1108 -39.53 41.77 30.17
CA GLN A 1108 -38.26 42.42 29.86
C GLN A 1108 -37.57 41.73 28.70
N LEU A 1109 -37.63 40.40 28.66
CA LEU A 1109 -37.09 39.66 27.52
C LEU A 1109 -37.96 39.86 26.28
N GLY A 1110 -39.28 39.80 26.45
CA GLY A 1110 -40.21 39.93 25.35
C GLY A 1110 -41.62 39.66 25.80
N PRO A 1111 -42.59 39.87 24.90
CA PRO A 1111 -43.99 39.64 25.27
C PRO A 1111 -44.23 38.22 25.74
N VAL A 1112 -45.04 38.07 26.77
CA VAL A 1112 -45.25 36.77 27.41
C VAL A 1112 -46.17 35.94 26.52
N GLY A 1113 -45.64 34.86 25.96
CA GLY A 1113 -46.41 34.00 25.10
C GLY A 1113 -46.93 32.75 25.78
N GLY A 1114 -46.32 32.39 26.90
CA GLY A 1114 -46.73 31.18 27.60
C GLY A 1114 -46.22 31.08 29.02
N VAL A 1115 -47.07 30.57 29.91
CA VAL A 1115 -46.73 30.32 31.29
C VAL A 1115 -47.04 28.87 31.61
N PHE A 1116 -46.04 28.16 32.15
CA PHE A 1116 -46.17 26.76 32.52
C PHE A 1116 -45.99 26.62 34.02
N ASN A 1117 -46.93 25.95 34.67
CA ASN A 1117 -46.96 25.76 36.11
C ASN A 1117 -46.58 24.32 36.40
N LEU A 1118 -45.30 24.10 36.69
CA LEU A 1118 -44.81 22.80 37.12
C LEU A 1118 -44.29 22.82 38.55
N ALA A 1119 -44.24 24.00 39.18
CA ALA A 1119 -43.77 24.11 40.55
C ALA A 1119 -44.59 23.23 41.46
N VAL A 1120 -43.91 22.49 42.34
CA VAL A 1120 -44.58 21.55 43.23
C VAL A 1120 -43.75 21.38 44.49
N VAL A 1121 -44.44 21.30 45.62
CA VAL A 1121 -43.86 20.80 46.87
C VAL A 1121 -44.77 19.68 47.36
N LEU A 1122 -44.18 18.64 47.93
CA LEU A 1122 -44.91 17.44 48.33
C LEU A 1122 -44.92 17.30 49.83
N ARG A 1123 -46.11 17.14 50.39
CA ARG A 1123 -46.31 16.82 51.81
C ARG A 1123 -47.24 15.62 51.85
N ASP A 1124 -46.67 14.43 51.74
CA ASP A 1124 -47.45 13.20 51.65
C ASP A 1124 -47.97 12.81 53.03
N GLY A 1125 -48.56 11.65 53.13
CA GLY A 1125 -49.08 11.18 54.40
C GLY A 1125 -50.59 11.06 54.38
N LEU A 1126 -51.10 10.14 55.20
CA LEU A 1126 -52.53 9.90 55.28
C LEU A 1126 -53.25 11.12 55.86
N LEU A 1127 -54.58 11.10 55.77
CA LEU A 1127 -55.38 12.19 56.31
C LEU A 1127 -55.22 12.29 57.82
N GLU A 1128 -54.99 11.15 58.50
CA GLU A 1128 -54.83 11.18 59.95
C GLU A 1128 -53.60 11.98 60.36
N ASN A 1129 -52.44 11.66 59.77
CA ASN A 1129 -51.21 12.40 60.04
C ASN A 1129 -51.02 13.54 59.05
N GLN A 1130 -52.05 14.38 58.91
CA GLN A 1130 -52.04 15.52 58.02
C GLN A 1130 -52.38 16.78 58.80
N THR A 1131 -51.73 17.88 58.44
CA THR A 1131 -51.95 19.14 59.12
C THR A 1131 -52.33 20.23 58.13
N PRO A 1132 -53.12 21.21 58.56
CA PRO A 1132 -53.48 22.32 57.65
C PRO A 1132 -52.26 23.05 57.08
N GLU A 1133 -51.16 23.11 57.84
CA GLU A 1133 -49.97 23.76 57.33
C GLU A 1133 -49.43 23.03 56.11
N PHE A 1134 -49.50 21.70 56.10
CA PHE A 1134 -49.08 20.93 54.93
C PHE A 1134 -49.96 21.26 53.73
N PHE A 1135 -51.27 21.40 53.94
CA PHE A 1135 -52.16 21.80 52.85
C PHE A 1135 -51.78 23.18 52.33
N GLN A 1136 -51.50 24.12 53.24
CA GLN A 1136 -51.10 25.46 52.81
C GLN A 1136 -49.83 25.42 51.99
N ASP A 1137 -48.82 24.66 52.45
CA ASP A 1137 -47.57 24.57 51.70
C ASP A 1137 -47.77 23.94 50.33
N VAL A 1138 -48.57 22.87 50.26
CA VAL A 1138 -48.76 22.20 48.99
C VAL A 1138 -49.59 23.05 48.02
N CYS A 1139 -50.45 23.91 48.55
CA CYS A 1139 -51.28 24.75 47.70
C CYS A 1139 -50.64 26.09 47.36
N LYS A 1140 -49.57 26.47 48.05
CA LYS A 1140 -48.87 27.71 47.68
C LYS A 1140 -48.39 27.71 46.23
N PRO A 1141 -47.73 26.67 45.70
CA PRO A 1141 -47.27 26.75 44.31
C PRO A 1141 -48.37 26.45 43.30
N LYS A 1142 -49.30 25.57 43.63
CA LYS A 1142 -50.28 25.10 42.67
C LYS A 1142 -51.58 25.91 42.73
N TYR A 1143 -52.16 26.06 43.92
CA TYR A 1143 -53.42 26.77 44.04
C TYR A 1143 -53.19 28.28 43.96
N SER A 1144 -52.47 28.83 44.94
CA SER A 1144 -52.22 30.27 44.96
C SER A 1144 -51.32 30.69 43.81
N GLY A 1145 -50.36 29.84 43.44
CA GLY A 1145 -49.52 30.16 42.31
C GLY A 1145 -50.30 30.31 41.02
N THR A 1146 -51.26 29.41 40.79
CA THR A 1146 -52.07 29.52 39.58
C THR A 1146 -53.06 30.69 39.69
N LEU A 1147 -53.58 30.96 40.90
CA LEU A 1147 -54.36 32.19 41.08
C LEU A 1147 -53.58 33.41 40.61
N ASN A 1148 -52.35 33.55 41.11
CA ASN A 1148 -51.58 34.74 40.78
C ASN A 1148 -51.17 34.77 39.32
N LEU A 1149 -50.80 33.61 38.76
CA LEU A 1149 -50.44 33.55 37.35
C LEU A 1149 -51.63 33.94 36.48
N ASP A 1150 -52.81 33.41 36.78
CA ASP A 1150 -54.01 33.75 36.01
C ASP A 1150 -54.31 35.24 36.13
N ARG A 1151 -54.25 35.78 37.35
CA ARG A 1151 -54.58 37.19 37.54
C ARG A 1151 -53.61 38.09 36.77
N VAL A 1152 -52.31 37.84 36.90
CA VAL A 1152 -51.33 38.72 36.26
C VAL A 1152 -51.38 38.56 34.74
N THR A 1153 -51.61 37.33 34.24
CA THR A 1153 -51.73 37.14 32.80
C THR A 1153 -52.96 37.86 32.26
N ARG A 1154 -54.08 37.81 33.00
CA ARG A 1154 -55.26 38.54 32.57
C ARG A 1154 -55.01 40.04 32.57
N GLU A 1155 -54.29 40.55 33.57
CA GLU A 1155 -54.07 41.98 33.66
C GLU A 1155 -53.11 42.48 32.57
N ALA A 1156 -51.97 41.81 32.40
CA ALA A 1156 -50.91 42.37 31.56
C ALA A 1156 -50.25 41.31 30.69
N CYS A 1157 -51.03 40.38 30.13
CA CYS A 1157 -50.55 39.45 29.11
C CYS A 1157 -51.60 39.30 28.02
N PRO A 1158 -51.82 40.34 27.21
CA PRO A 1158 -52.82 40.22 26.13
C PRO A 1158 -52.47 39.18 25.08
N GLU A 1159 -51.18 38.97 24.80
CA GLU A 1159 -50.75 38.10 23.71
C GLU A 1159 -50.36 36.71 24.18
N LEU A 1160 -50.84 36.29 25.35
CA LEU A 1160 -50.45 35.00 25.89
C LEU A 1160 -51.07 33.87 25.06
N ASP A 1161 -50.23 32.92 24.64
CA ASP A 1161 -50.69 31.80 23.83
C ASP A 1161 -50.93 30.53 24.64
N TYR A 1162 -50.09 30.26 25.65
CA TYR A 1162 -50.19 29.03 26.41
C TYR A 1162 -50.30 29.34 27.89
N PHE A 1163 -51.27 28.73 28.56
CA PHE A 1163 -51.40 28.77 30.02
C PHE A 1163 -51.55 27.31 30.44
N VAL A 1164 -50.43 26.64 30.68
CA VAL A 1164 -50.42 25.21 30.96
C VAL A 1164 -50.04 24.99 32.41
N VAL A 1165 -50.74 24.08 33.07
CA VAL A 1165 -50.40 23.64 34.41
C VAL A 1165 -50.33 22.12 34.41
N PHE A 1166 -49.49 21.57 35.28
CA PHE A 1166 -49.28 20.13 35.33
C PHE A 1166 -49.91 19.57 36.60
N SER A 1167 -51.09 18.98 36.45
CA SER A 1167 -51.76 18.26 37.52
C SER A 1167 -51.39 16.78 37.43
N SER A 1168 -51.95 15.97 38.34
CA SER A 1168 -51.65 14.56 38.40
C SER A 1168 -52.92 13.74 38.27
N VAL A 1169 -52.74 12.48 37.86
CA VAL A 1169 -53.86 11.55 37.81
C VAL A 1169 -54.38 11.24 39.20
N SER A 1170 -53.58 11.52 40.24
CA SER A 1170 -54.08 11.44 41.61
C SER A 1170 -55.30 12.32 41.80
N CYS A 1171 -55.36 13.44 41.06
CA CYS A 1171 -56.58 14.24 41.04
C CYS A 1171 -57.70 13.51 40.29
N GLY A 1172 -57.36 12.87 39.16
CA GLY A 1172 -58.38 12.24 38.35
C GLY A 1172 -59.05 11.06 39.03
N ARG A 1173 -58.26 10.21 39.67
CA ARG A 1173 -58.79 9.00 40.30
C ARG A 1173 -58.56 8.95 41.81
N GLY A 1174 -57.35 9.27 42.26
CA GLY A 1174 -57.08 9.24 43.68
C GLY A 1174 -55.82 8.47 44.03
N ASN A 1175 -55.07 8.98 45.01
CA ASN A 1175 -53.85 8.33 45.47
C ASN A 1175 -53.86 8.28 47.00
N ALA A 1176 -53.29 7.21 47.55
CA ALA A 1176 -53.22 7.07 49.00
C ALA A 1176 -52.22 8.05 49.58
N GLY A 1177 -52.65 8.79 50.60
CA GLY A 1177 -51.77 9.72 51.27
C GLY A 1177 -51.38 10.94 50.48
N GLN A 1178 -52.20 11.34 49.50
CA GLN A 1178 -51.92 12.51 48.67
C GLN A 1178 -53.17 13.34 48.49
N SER A 1179 -53.96 13.49 49.57
CA SER A 1179 -55.20 14.26 49.48
C SER A 1179 -54.93 15.72 49.16
N ASN A 1180 -53.94 16.32 49.82
CA ASN A 1180 -53.62 17.72 49.57
C ASN A 1180 -53.13 17.94 48.14
N TYR A 1181 -52.31 17.02 47.63
CA TYR A 1181 -51.86 17.12 46.25
C TYR A 1181 -53.03 17.06 45.28
N GLY A 1182 -53.97 16.14 45.51
CA GLY A 1182 -55.15 16.06 44.66
C GLY A 1182 -56.00 17.32 44.74
N PHE A 1183 -56.12 17.89 45.94
CA PHE A 1183 -56.89 19.14 46.09
C PHE A 1183 -56.25 20.27 45.30
N ALA A 1184 -54.92 20.41 45.41
CA ALA A 1184 -54.24 21.47 44.67
C ALA A 1184 -54.36 21.26 43.17
N ASN A 1185 -54.23 20.01 42.71
CA ASN A 1185 -54.36 19.72 41.29
C ASN A 1185 -55.76 20.02 40.78
N SER A 1186 -56.79 19.66 41.56
CA SER A 1186 -58.16 19.94 41.16
C SER A 1186 -58.41 21.44 41.12
N ALA A 1187 -57.86 22.20 42.07
CA ALA A 1187 -57.98 23.65 42.01
C ALA A 1187 -57.33 24.21 40.76
N MET A 1188 -56.16 23.69 40.40
CA MET A 1188 -55.50 24.10 39.17
C MET A 1188 -56.36 23.81 37.95
N GLU A 1189 -56.97 22.63 37.92
CA GLU A 1189 -57.83 22.25 36.80
C GLU A 1189 -59.06 23.15 36.72
N ARG A 1190 -59.64 23.49 37.86
CA ARG A 1190 -60.78 24.42 37.87
C ARG A 1190 -60.36 25.79 37.34
N ILE A 1191 -59.18 26.27 37.73
CA ILE A 1191 -58.68 27.54 37.21
C ILE A 1191 -58.55 27.49 35.71
N CYS A 1192 -57.96 26.41 35.19
CA CYS A 1192 -57.77 26.30 33.75
C CYS A 1192 -59.10 26.20 33.01
N GLU A 1193 -60.07 25.48 33.59
CA GLU A 1193 -61.39 25.39 32.97
C GLU A 1193 -62.07 26.74 32.92
N LYS A 1194 -61.99 27.52 34.01
CA LYS A 1194 -62.58 28.85 34.01
C LYS A 1194 -61.88 29.76 33.00
N ARG A 1195 -60.55 29.66 32.91
CA ARG A 1195 -59.82 30.47 31.93
C ARG A 1195 -60.22 30.13 30.51
N ARG A 1196 -60.36 28.84 30.20
CA ARG A 1196 -60.70 28.43 28.84
C ARG A 1196 -62.14 28.78 28.50
N HIS A 1197 -63.06 28.65 29.46
CA HIS A 1197 -64.45 29.00 29.19
C HIS A 1197 -64.61 30.47 28.86
N GLU A 1198 -63.87 31.34 29.57
CA GLU A 1198 -63.94 32.77 29.29
C GLU A 1198 -63.40 33.09 27.90
N GLY A 1199 -62.41 32.34 27.42
CA GLY A 1199 -61.81 32.55 26.12
C GLY A 1199 -60.30 32.60 26.14
N LEU A 1200 -59.70 32.93 27.27
CA LEU A 1200 -58.25 32.94 27.37
C LEU A 1200 -57.71 31.51 27.34
N PRO A 1201 -56.47 31.33 26.90
CA PRO A 1201 -55.90 29.97 26.86
C PRO A 1201 -55.85 29.35 28.24
N GLY A 1202 -56.12 28.04 28.29
CA GLY A 1202 -56.10 27.31 29.54
C GLY A 1202 -55.95 25.83 29.32
N LEU A 1203 -55.02 25.20 30.04
CA LEU A 1203 -54.71 23.80 29.82
C LEU A 1203 -54.19 23.20 31.12
N ALA A 1204 -54.78 22.08 31.55
CA ALA A 1204 -54.32 21.33 32.69
C ALA A 1204 -54.03 19.90 32.24
N VAL A 1205 -52.78 19.48 32.39
CA VAL A 1205 -52.35 18.17 31.92
C VAL A 1205 -52.21 17.26 33.13
N GLN A 1206 -53.04 16.21 33.18
CA GLN A 1206 -53.02 15.26 34.30
C GLN A 1206 -51.99 14.18 34.00
N TRP A 1207 -50.74 14.46 34.38
CA TRP A 1207 -49.66 13.52 34.15
C TRP A 1207 -49.70 12.38 35.16
N GLY A 1208 -49.40 11.18 34.69
CA GLY A 1208 -49.23 10.03 35.55
C GLY A 1208 -47.82 9.95 36.08
N ALA A 1209 -47.38 8.74 36.41
CA ALA A 1209 -45.99 8.53 36.77
C ALA A 1209 -45.09 8.90 35.60
N ILE A 1210 -44.05 9.68 35.88
CA ILE A 1210 -43.20 10.25 34.84
C ILE A 1210 -41.85 9.54 34.88
N GLY A 1211 -41.44 8.99 33.74
CA GLY A 1211 -40.27 8.15 33.70
C GLY A 1211 -38.99 8.89 33.39
N ASP A 1212 -37.89 8.34 33.93
CA ASP A 1212 -36.52 8.73 33.65
C ASP A 1212 -36.17 10.09 34.26
N VAL A 1213 -37.19 10.81 34.74
CA VAL A 1213 -37.02 12.16 35.25
C VAL A 1213 -38.16 12.41 36.23
N GLY A 1214 -37.88 13.16 37.30
CA GLY A 1214 -38.95 13.62 38.16
C GLY A 1214 -38.80 13.32 39.63
N ILE A 1215 -39.93 13.23 40.33
CA ILE A 1215 -39.95 13.01 41.77
C ILE A 1215 -40.06 11.51 42.05
N LEU A 1216 -40.82 10.80 41.22
CA LEU A 1216 -41.01 9.38 41.40
C LEU A 1216 -39.77 8.56 41.06
N VAL A 1217 -38.76 9.17 40.44
CA VAL A 1217 -37.51 8.49 40.15
C VAL A 1217 -36.39 8.90 41.09
N GLU A 1218 -36.52 10.03 41.79
CA GLU A 1218 -35.49 10.48 42.70
C GLU A 1218 -35.82 10.10 44.13
N ILE A 1226 -43.72 0.24 39.49
CA ILE A 1226 -45.15 0.41 39.25
C ILE A 1226 -45.80 1.20 40.38
N VAL A 1227 -46.32 2.38 40.06
CA VAL A 1227 -46.95 3.26 41.03
C VAL A 1227 -48.44 3.33 40.71
N SER A 1228 -49.26 2.90 41.65
CA SER A 1228 -50.72 2.92 41.51
C SER A 1228 -51.19 2.17 40.27
N GLY A 1229 -50.46 1.10 39.90
CA GLY A 1229 -50.80 0.33 38.73
C GLY A 1229 -50.38 0.97 37.41
N THR A 1230 -49.68 2.10 37.45
CA THR A 1230 -49.26 2.82 36.25
C THR A 1230 -47.74 2.89 36.21
N LEU A 1231 -47.17 2.46 35.08
CA LEU A 1231 -45.74 2.56 34.88
C LEU A 1231 -45.33 4.03 34.69
N PRO A 1232 -44.08 4.37 35.01
CA PRO A 1232 -43.61 5.73 34.74
C PRO A 1232 -43.47 5.97 33.25
N GLN A 1233 -44.26 6.90 32.72
CA GLN A 1233 -44.23 7.21 31.30
C GLN A 1233 -42.89 7.86 30.94
N ARG A 1234 -42.24 7.30 29.93
CA ARG A 1234 -40.94 7.82 29.51
C ARG A 1234 -41.09 9.24 28.98
N MET A 1235 -40.02 10.03 29.13
CA MET A 1235 -40.14 11.47 28.91
C MET A 1235 -40.37 11.81 27.44
N ALA A 1236 -39.80 11.03 26.52
CA ALA A 1236 -40.06 11.29 25.11
C ALA A 1236 -41.54 11.14 24.79
N SER A 1237 -42.15 10.07 25.30
CA SER A 1237 -43.59 9.89 25.13
C SER A 1237 -44.36 11.01 25.82
N CYS A 1238 -43.87 11.47 26.97
CA CYS A 1238 -44.52 12.58 27.66
C CYS A 1238 -44.50 13.84 26.81
N LEU A 1239 -43.37 14.13 26.17
CA LEU A 1239 -43.28 15.32 25.33
C LEU A 1239 -44.15 15.18 24.08
N GLU A 1240 -44.22 13.98 23.51
CA GLU A 1240 -45.11 13.76 22.38
C GLU A 1240 -46.57 13.99 22.78
N VAL A 1241 -46.97 13.47 23.93
CA VAL A 1241 -48.34 13.64 24.41
C VAL A 1241 -48.61 15.10 24.72
N LEU A 1242 -47.62 15.81 25.26
CA LEU A 1242 -47.78 17.23 25.53
C LEU A 1242 -47.96 18.02 24.24
N ASP A 1243 -47.20 17.67 23.20
CA ASP A 1243 -47.37 18.30 21.90
C ASP A 1243 -48.77 18.04 21.37
N LEU A 1244 -49.28 16.82 21.54
CA LEU A 1244 -50.65 16.52 21.15
C LEU A 1244 -51.65 17.36 21.94
N PHE A 1245 -51.43 17.49 23.25
CA PHE A 1245 -52.39 18.17 24.11
C PHE A 1245 -52.42 19.68 23.86
N LEU A 1246 -51.27 20.26 23.55
CA LEU A 1246 -51.19 21.70 23.36
C LEU A 1246 -51.98 22.19 22.15
N ASN A 1247 -52.41 21.28 21.28
CA ASN A 1247 -53.21 21.61 20.11
C ASN A 1247 -54.58 20.96 20.20
N GLN A 1248 -55.20 21.02 21.37
CA GLN A 1248 -56.51 20.43 21.61
C GLN A 1248 -57.43 21.48 22.21
N PRO A 1249 -58.73 21.40 21.93
CA PRO A 1249 -59.69 22.35 22.49
C PRO A 1249 -60.23 21.97 23.86
N HIS A 1250 -59.80 20.86 24.43
CA HIS A 1250 -60.32 20.40 25.71
C HIS A 1250 -59.57 21.05 26.86
N MET A 1251 -60.30 21.31 27.94
CA MET A 1251 -59.73 22.05 29.07
C MET A 1251 -58.68 21.23 29.80
N VAL A 1252 -59.01 19.99 30.14
CA VAL A 1252 -58.15 19.13 30.94
C VAL A 1252 -57.97 17.79 30.23
N LEU A 1253 -56.73 17.35 30.10
CA LEU A 1253 -56.45 16.03 29.56
C LEU A 1253 -55.44 15.32 30.45
N SER A 1254 -55.47 13.98 30.38
CA SER A 1254 -54.69 13.10 31.22
C SER A 1254 -53.91 12.12 30.36
N SER A 1255 -52.71 11.77 30.82
CA SER A 1255 -51.84 10.83 30.12
C SER A 1255 -51.26 9.86 31.15
N PHE A 1256 -51.54 8.57 30.97
CA PHE A 1256 -51.06 7.57 31.94
C PHE A 1256 -51.02 6.20 31.28
N VAL A 1257 -50.06 5.38 31.70
CA VAL A 1257 -49.78 4.10 31.07
C VAL A 1257 -50.18 2.98 32.03
N LEU A 1258 -51.04 2.09 31.57
CA LEU A 1258 -51.46 0.95 32.38
C LEU A 1258 -50.44 -0.19 32.33
N ALA A 1259 -50.65 -1.17 33.20
CA ALA A 1259 -49.80 -2.36 33.25
C ALA A 1259 -50.54 -3.56 32.67
N SER B 5 -10.17 -26.35 13.44
CA SER B 5 -8.88 -25.82 13.84
C SER B 5 -8.13 -25.26 12.64
N ALA B 6 -6.81 -25.20 12.75
CA ALA B 6 -5.95 -24.72 11.67
C ALA B 6 -5.42 -25.89 10.88
N ALA B 7 -5.52 -25.81 9.55
CA ALA B 7 -5.04 -26.88 8.69
C ALA B 7 -3.52 -26.81 8.56
N ILE B 8 -2.87 -27.97 8.68
CA ILE B 8 -1.43 -28.08 8.57
C ILE B 8 -1.10 -28.82 7.27
N TYR B 9 -0.25 -28.22 6.45
CA TYR B 9 0.21 -28.84 5.22
C TYR B 9 1.71 -29.01 5.30
N ASN B 10 2.18 -30.26 5.24
CA ASN B 10 3.61 -30.56 5.34
C ASN B 10 4.16 -30.70 3.93
N ILE B 11 4.70 -29.61 3.41
CA ILE B 11 5.28 -29.58 2.07
C ILE B 11 6.62 -30.31 2.12
N ASP B 12 6.69 -31.47 1.45
CA ASP B 12 7.89 -32.28 1.37
C ASP B 12 8.20 -32.52 -0.10
N THR B 13 9.37 -32.06 -0.53
CA THR B 13 9.81 -32.24 -1.92
C THR B 13 10.67 -33.49 -2.08
N SER B 14 10.13 -34.63 -1.65
CA SER B 14 10.81 -35.91 -1.74
C SER B 14 10.28 -36.72 -2.91
N SER B 15 11.07 -37.71 -3.33
CA SER B 15 10.73 -38.49 -4.51
C SER B 15 9.42 -39.25 -4.32
N GLU B 16 9.23 -39.85 -3.15
CA GLU B 16 8.00 -40.58 -2.85
C GLU B 16 6.91 -39.69 -2.27
N SER B 17 7.22 -38.42 -2.01
CA SER B 17 6.22 -37.50 -1.50
C SER B 17 5.14 -37.25 -2.55
N PRO B 18 3.87 -37.08 -2.16
CA PRO B 18 2.83 -36.80 -3.14
C PRO B 18 2.90 -35.40 -3.73
N ASP B 19 3.76 -34.53 -3.19
CA ASP B 19 4.04 -33.23 -3.80
C ASP B 19 5.53 -33.18 -4.06
N HIS B 20 5.94 -33.79 -5.19
CA HIS B 20 7.32 -33.76 -5.63
C HIS B 20 7.53 -32.85 -6.83
N TYR B 21 6.47 -32.55 -7.57
CA TYR B 21 6.56 -31.61 -8.68
C TYR B 21 7.03 -30.23 -8.23
N LEU B 22 6.90 -29.91 -6.94
CA LEU B 22 7.29 -28.60 -6.45
C LEU B 22 8.78 -28.34 -6.60
N VAL B 23 9.59 -29.40 -6.68
CA VAL B 23 11.03 -29.20 -6.91
C VAL B 23 11.29 -28.68 -8.32
N ASP B 24 10.34 -28.87 -9.23
CA ASP B 24 10.45 -28.35 -10.59
C ASP B 24 10.11 -26.87 -10.68
N HIS B 25 9.59 -26.27 -9.62
CA HIS B 25 9.27 -24.84 -9.59
C HIS B 25 10.47 -24.08 -9.02
N THR B 26 11.50 -23.96 -9.84
CA THR B 26 12.74 -23.31 -9.46
C THR B 26 12.79 -21.90 -10.03
N LEU B 27 13.07 -20.92 -9.18
CA LEU B 27 13.20 -19.53 -9.57
C LEU B 27 14.51 -19.01 -9.01
N ASP B 28 15.44 -18.64 -9.89
CA ASP B 28 16.77 -18.15 -9.50
C ASP B 28 17.52 -19.17 -8.66
N GLY B 29 17.36 -20.44 -8.99
CA GLY B 29 18.12 -21.50 -8.35
C GLY B 29 17.58 -21.96 -7.00
N ARG B 30 16.48 -21.39 -6.53
CA ARG B 30 15.88 -21.79 -5.27
C ARG B 30 14.49 -22.37 -5.53
N VAL B 31 14.21 -23.51 -4.92
CA VAL B 31 12.89 -24.13 -5.06
C VAL B 31 11.90 -23.32 -4.23
N LEU B 32 11.14 -22.46 -4.89
CA LEU B 32 10.16 -21.61 -4.22
C LEU B 32 8.79 -22.26 -4.28
N PHE B 33 8.04 -22.12 -3.21
CA PHE B 33 6.67 -22.61 -3.22
C PHE B 33 5.84 -21.73 -4.15
N PRO B 34 5.13 -22.32 -5.12
CA PRO B 34 4.40 -21.50 -6.09
C PRO B 34 3.30 -20.68 -5.42
N ALA B 35 3.08 -19.48 -5.96
CA ALA B 35 1.99 -18.65 -5.47
C ALA B 35 0.65 -19.36 -5.64
N THR B 36 0.54 -20.24 -6.64
CA THR B 36 -0.66 -21.03 -6.81
C THR B 36 -0.71 -22.24 -5.88
N GLY B 37 0.43 -22.63 -5.29
CA GLY B 37 0.40 -23.65 -4.26
C GLY B 37 -0.36 -23.20 -3.03
N TYR B 38 -0.17 -21.95 -2.64
CA TYR B 38 -0.96 -21.39 -1.54
C TYR B 38 -2.44 -21.40 -1.88
N LEU B 39 -2.77 -21.03 -3.12
CA LEU B 39 -4.18 -21.07 -3.53
C LEU B 39 -4.73 -22.48 -3.45
N SER B 40 -3.95 -23.47 -3.87
CA SER B 40 -4.41 -24.85 -3.82
C SER B 40 -4.61 -25.32 -2.37
N ILE B 41 -3.68 -24.99 -1.48
CA ILE B 41 -3.82 -25.45 -0.10
C ILE B 41 -4.97 -24.75 0.59
N VAL B 42 -5.19 -23.46 0.30
CA VAL B 42 -6.34 -22.76 0.87
C VAL B 42 -7.63 -23.33 0.30
N TRP B 43 -7.65 -23.68 -0.99
CA TRP B 43 -8.80 -24.31 -1.59
C TRP B 43 -9.11 -25.64 -0.92
N LYS B 44 -8.06 -26.43 -0.65
CA LYS B 44 -8.25 -27.71 0.04
C LYS B 44 -8.79 -27.50 1.45
N THR B 45 -8.25 -26.50 2.16
CA THR B 45 -8.73 -26.21 3.51
C THR B 45 -10.20 -25.80 3.49
N LEU B 46 -10.58 -24.95 2.54
CA LEU B 46 -11.97 -24.53 2.44
C LEU B 46 -12.88 -25.69 2.09
N ALA B 47 -12.45 -26.55 1.17
CA ALA B 47 -13.24 -27.72 0.81
C ALA B 47 -13.43 -28.65 2.02
N ARG B 48 -12.37 -28.83 2.81
CA ARG B 48 -12.48 -29.60 4.03
C ARG B 48 -13.46 -28.96 5.00
N ALA B 49 -13.39 -27.63 5.13
CA ALA B 49 -14.26 -26.92 6.08
C ALA B 49 -15.72 -27.05 5.69
N LEU B 50 -16.03 -26.95 4.40
CA LEU B 50 -17.41 -27.06 3.94
C LEU B 50 -17.82 -28.49 3.61
N GLY B 51 -16.94 -29.47 3.82
CA GLY B 51 -17.30 -30.86 3.66
C GLY B 51 -17.33 -31.36 2.23
N LEU B 52 -16.93 -30.54 1.27
CA LEU B 52 -16.92 -30.94 -0.13
C LEU B 52 -15.51 -31.26 -0.59
N GLY B 53 -15.42 -31.90 -1.76
CA GLY B 53 -14.13 -32.08 -2.39
C GLY B 53 -13.67 -30.83 -3.10
N VAL B 54 -12.37 -30.80 -3.42
CA VAL B 54 -11.83 -29.65 -4.14
C VAL B 54 -12.44 -29.55 -5.53
N GLU B 55 -12.56 -30.69 -6.23
CA GLU B 55 -13.13 -30.68 -7.57
C GLU B 55 -14.63 -30.45 -7.57
N GLN B 56 -15.29 -30.53 -6.41
CA GLN B 56 -16.70 -30.25 -6.30
C GLN B 56 -16.99 -28.87 -5.72
N LEU B 57 -15.97 -28.04 -5.51
CA LEU B 57 -16.13 -26.75 -4.87
C LEU B 57 -15.57 -25.63 -5.74
N PRO B 58 -16.41 -24.95 -6.52
CA PRO B 58 -15.96 -23.68 -7.11
C PRO B 58 -15.61 -22.69 -6.02
N VAL B 59 -14.52 -21.94 -6.23
CA VAL B 59 -13.95 -21.09 -5.20
C VAL B 59 -13.60 -19.73 -5.79
N VAL B 60 -13.54 -18.74 -4.91
CA VAL B 60 -13.15 -17.38 -5.27
C VAL B 60 -12.15 -16.90 -4.22
N PHE B 61 -10.97 -16.48 -4.69
CA PHE B 61 -9.99 -15.78 -3.89
C PHE B 61 -10.07 -14.30 -4.22
N GLU B 62 -9.88 -13.46 -3.21
CA GLU B 62 -9.97 -12.02 -3.38
C GLU B 62 -8.86 -11.35 -2.59
N ASP B 63 -8.25 -10.33 -3.20
CA ASP B 63 -7.24 -9.50 -2.53
C ASP B 63 -6.12 -10.35 -1.94
N VAL B 64 -5.75 -11.41 -2.67
CA VAL B 64 -4.69 -12.30 -2.20
C VAL B 64 -3.37 -11.53 -2.20
N VAL B 65 -2.68 -11.57 -1.06
CA VAL B 65 -1.41 -10.89 -0.87
C VAL B 65 -0.37 -11.92 -0.46
N LEU B 66 0.79 -11.90 -1.10
CA LEU B 66 1.89 -12.80 -0.80
C LEU B 66 2.98 -11.98 -0.11
N HIS B 67 3.05 -12.10 1.22
CA HIS B 67 3.95 -11.27 2.00
C HIS B 67 5.40 -11.74 1.90
N GLN B 68 5.64 -13.04 1.78
CA GLN B 68 7.00 -13.56 1.66
C GLN B 68 6.96 -14.86 0.87
N ALA B 69 8.12 -15.22 0.34
CA ALA B 69 8.28 -16.44 -0.45
C ALA B 69 8.83 -17.55 0.44
N THR B 70 8.22 -18.72 0.35
CA THR B 70 8.64 -19.88 1.13
C THR B 70 9.61 -20.71 0.32
N ILE B 71 10.84 -20.85 0.83
CA ILE B 71 11.86 -21.65 0.17
C ILE B 71 11.72 -23.09 0.65
N LEU B 72 11.45 -24.00 -0.28
CA LEU B 72 11.35 -25.41 0.08
C LEU B 72 12.74 -26.01 0.18
N PRO B 73 13.11 -26.56 1.33
CA PRO B 73 14.47 -27.10 1.48
C PRO B 73 14.66 -28.36 0.65
N LYS B 74 15.92 -28.63 0.33
CA LYS B 74 16.25 -29.81 -0.47
C LYS B 74 15.80 -31.09 0.25
N THR B 75 16.06 -31.17 1.55
CA THR B 75 15.57 -32.25 2.39
C THR B 75 14.87 -31.66 3.61
N GLY B 76 13.86 -32.39 4.09
CA GLY B 76 13.08 -31.91 5.20
C GLY B 76 11.64 -31.66 4.83
N THR B 77 11.03 -30.66 5.46
CA THR B 77 9.62 -30.36 5.24
C THR B 77 9.34 -28.96 5.76
N VAL B 78 8.48 -28.23 5.05
CA VAL B 78 8.00 -26.92 5.48
C VAL B 78 6.56 -27.05 5.90
N SER B 79 6.24 -26.59 7.11
CA SER B 79 4.89 -26.65 7.63
C SER B 79 4.17 -25.34 7.30
N LEU B 80 3.04 -25.44 6.61
CA LEU B 80 2.23 -24.29 6.26
C LEU B 80 0.90 -24.37 7.01
N GLU B 81 0.56 -23.32 7.73
CA GLU B 81 -0.65 -23.25 8.52
C GLU B 81 -1.67 -22.42 7.76
N VAL B 82 -2.84 -23.00 7.50
CA VAL B 82 -3.93 -22.31 6.82
C VAL B 82 -5.07 -22.15 7.82
N ARG B 83 -5.47 -20.91 8.06
CA ARG B 83 -6.53 -20.57 8.99
C ARG B 83 -7.62 -19.84 8.23
N LEU B 84 -8.87 -20.26 8.43
CA LEU B 84 -10.01 -19.69 7.72
C LEU B 84 -10.92 -18.96 8.70
N LEU B 85 -11.25 -17.71 8.37
CA LEU B 85 -12.26 -16.94 9.08
C LEU B 85 -13.49 -16.92 8.16
N GLU B 86 -14.35 -17.93 8.32
CA GLU B 86 -15.46 -18.12 7.39
C GLU B 86 -16.42 -16.95 7.42
N ALA B 87 -16.73 -16.44 8.61
CA ALA B 87 -17.62 -15.28 8.70
C ALA B 87 -16.99 -14.06 8.05
N SER B 88 -15.68 -13.86 8.25
CA SER B 88 -14.96 -12.82 7.54
C SER B 88 -14.64 -13.20 6.11
N ARG B 89 -14.87 -14.46 5.72
CA ARG B 89 -14.55 -14.99 4.40
C ARG B 89 -13.07 -14.86 4.08
N ALA B 90 -12.22 -14.77 5.10
CA ALA B 90 -10.80 -14.52 4.91
C ALA B 90 -9.99 -15.78 5.20
N PHE B 91 -8.72 -15.74 4.81
CA PHE B 91 -7.80 -16.84 5.03
C PHE B 91 -6.44 -16.28 5.41
N GLU B 92 -5.60 -17.13 5.96
CA GLU B 92 -4.24 -16.79 6.30
C GLU B 92 -3.35 -18.02 6.17
N VAL B 93 -2.18 -17.84 5.57
CA VAL B 93 -1.20 -18.90 5.42
C VAL B 93 0.09 -18.41 6.07
N SER B 94 0.58 -19.17 7.04
CA SER B 94 1.76 -18.83 7.82
C SER B 94 2.77 -19.96 7.74
N GLU B 95 4.05 -19.62 7.90
CA GLU B 95 5.10 -20.63 7.88
C GLU B 95 5.47 -21.09 9.29
N ASN B 96 5.94 -20.16 10.12
CA ASN B 96 6.32 -20.46 11.49
C ASN B 96 5.75 -19.39 12.41
N GLY B 97 4.46 -19.07 12.21
CA GLY B 97 3.87 -17.91 12.83
C GLY B 97 4.14 -16.62 12.09
N ASN B 98 4.87 -16.66 10.99
CA ASN B 98 5.13 -15.50 10.15
C ASN B 98 4.11 -15.45 9.02
N LEU B 99 3.50 -14.29 8.84
CA LEU B 99 2.49 -14.12 7.80
C LEU B 99 3.12 -14.29 6.43
N VAL B 100 2.60 -15.25 5.66
CA VAL B 100 3.08 -15.52 4.31
C VAL B 100 2.06 -15.08 3.27
N VAL B 101 0.82 -15.53 3.40
CA VAL B 101 -0.25 -15.20 2.45
C VAL B 101 -1.47 -14.73 3.21
N SER B 102 -2.09 -13.66 2.73
CA SER B 102 -3.34 -13.18 3.31
C SER B 102 -4.30 -12.83 2.18
N GLY B 103 -5.60 -12.89 2.50
CA GLY B 103 -6.62 -12.57 1.52
C GLY B 103 -7.96 -13.11 1.97
N LYS B 104 -8.89 -13.16 1.03
CA LYS B 104 -10.23 -13.68 1.27
C LYS B 104 -10.46 -14.89 0.36
N VAL B 105 -11.18 -15.87 0.87
CA VAL B 105 -11.52 -17.06 0.09
C VAL B 105 -12.94 -17.49 0.47
N TYR B 106 -13.72 -17.88 -0.54
CA TYR B 106 -15.08 -18.31 -0.26
C TYR B 106 -15.60 -19.17 -1.40
N GLN B 107 -16.62 -19.96 -1.10
CA GLN B 107 -17.25 -20.77 -2.12
C GLN B 107 -17.97 -19.89 -3.13
N TRP B 108 -17.86 -20.22 -4.41
CA TRP B 108 -18.57 -19.52 -5.46
C TRP B 108 -20.00 -20.07 -5.49
N ASP B 109 -20.91 -19.33 -4.86
CA ASP B 109 -22.28 -19.85 -4.68
C ASP B 109 -23.03 -19.94 -6.00
N ASP B 110 -22.79 -19.00 -6.92
CA ASP B 110 -23.46 -18.98 -8.22
C ASP B 110 -22.38 -18.92 -9.29
N PRO B 111 -21.77 -20.05 -9.63
CA PRO B 111 -20.71 -20.04 -10.65
C PRO B 111 -21.24 -19.55 -11.99
N ASP B 112 -20.43 -18.76 -12.67
CA ASP B 112 -20.80 -18.19 -13.96
C ASP B 112 -19.91 -18.76 -15.05
N PRO B 113 -20.40 -19.69 -15.87
CA PRO B 113 -19.58 -20.18 -16.98
C PRO B 113 -19.19 -19.09 -17.96
N ARG B 114 -20.02 -18.04 -18.09
CA ARG B 114 -19.71 -16.96 -19.01
C ARG B 114 -18.51 -16.13 -18.56
N LEU B 115 -18.13 -16.22 -17.29
CA LEU B 115 -16.90 -15.55 -16.87
C LEU B 115 -15.69 -16.17 -17.53
N PHE B 116 -15.70 -17.49 -17.71
CA PHE B 116 -14.61 -18.19 -18.39
C PHE B 116 -14.82 -18.18 -19.90
N ASP B 117 -15.03 -17.00 -20.46
CA ASP B 117 -15.11 -16.80 -21.89
C ASP B 117 -13.93 -15.95 -22.32
N HIS B 118 -13.23 -16.39 -23.34
CA HIS B 118 -11.98 -15.74 -23.72
C HIS B 118 -12.25 -14.35 -24.28
N PRO B 119 -11.70 -13.30 -23.68
CA PRO B 119 -11.90 -11.96 -24.22
C PRO B 119 -11.25 -11.81 -25.59
N GLU B 120 -11.85 -10.97 -26.42
CA GLU B 120 -11.33 -10.73 -27.75
C GLU B 120 -10.00 -10.00 -27.67
N SER B 121 -9.05 -10.42 -28.50
CA SER B 121 -7.73 -9.81 -28.51
C SER B 121 -7.82 -8.38 -29.03
N PRO B 122 -7.03 -7.46 -28.49
CA PRO B 122 -6.98 -6.09 -29.02
C PRO B 122 -6.50 -5.99 -30.46
N THR B 123 -5.72 -6.96 -30.92
CA THR B 123 -5.27 -7.03 -32.31
C THR B 123 -5.58 -8.42 -32.85
N PRO B 124 -6.80 -8.64 -33.33
CA PRO B 124 -7.21 -9.97 -33.74
C PRO B 124 -6.89 -10.36 -35.19
N ASN B 125 -7.00 -11.66 -35.44
CA ASN B 125 -6.58 -12.27 -36.70
C ASN B 125 -5.15 -11.85 -37.01
N PRO B 126 -4.17 -12.22 -36.19
CA PRO B 126 -2.79 -11.74 -36.43
C PRO B 126 -2.18 -12.27 -37.72
N THR B 127 -2.73 -13.36 -38.29
CA THR B 127 -2.20 -13.97 -39.50
C THR B 127 -0.73 -14.33 -39.34
N GLU B 128 -0.37 -14.80 -38.15
CA GLU B 128 1.00 -15.21 -37.86
C GLU B 128 1.07 -16.73 -37.78
N PRO B 129 1.64 -17.41 -38.77
CA PRO B 129 1.77 -18.87 -38.70
C PRO B 129 2.81 -19.33 -37.69
N LEU B 130 3.64 -18.43 -37.18
CA LEU B 130 4.71 -18.77 -36.25
C LEU B 130 4.26 -18.50 -34.83
N PHE B 131 4.37 -19.52 -33.97
CA PHE B 131 4.05 -19.40 -32.56
C PHE B 131 5.24 -19.86 -31.74
N LEU B 132 5.24 -19.51 -30.46
CA LEU B 132 6.27 -19.94 -29.54
C LEU B 132 6.00 -21.37 -29.08
N ALA B 133 6.90 -22.29 -29.42
CA ALA B 133 6.75 -23.65 -28.97
C ALA B 133 7.11 -23.76 -27.49
N GLN B 134 6.79 -24.92 -26.90
CA GLN B 134 7.06 -25.13 -25.49
C GLN B 134 8.55 -24.97 -25.18
N ALA B 135 9.40 -25.56 -26.01
CA ALA B 135 10.83 -25.43 -25.80
C ALA B 135 11.28 -23.98 -25.90
N GLU B 136 10.77 -23.25 -26.90
CA GLU B 136 11.14 -21.85 -27.04
C GLU B 136 10.54 -21.01 -25.91
N VAL B 137 9.31 -21.31 -25.50
CA VAL B 137 8.68 -20.59 -24.41
C VAL B 137 9.54 -20.70 -23.15
N TYR B 138 9.94 -21.91 -22.80
CA TYR B 138 10.68 -22.08 -21.57
C TYR B 138 12.15 -21.72 -21.72
N LYS B 139 12.69 -21.69 -22.94
CA LYS B 139 13.99 -21.07 -23.14
C LYS B 139 13.94 -19.58 -22.83
N GLU B 140 12.90 -18.90 -23.33
CA GLU B 140 12.75 -17.49 -23.02
C GLU B 140 12.53 -17.26 -21.53
N LEU B 141 11.72 -18.12 -20.89
CA LEU B 141 11.48 -17.97 -19.46
C LEU B 141 12.75 -18.22 -18.66
N ARG B 142 13.52 -19.25 -19.02
CA ARG B 142 14.78 -19.53 -18.34
C ARG B 142 15.77 -18.41 -18.54
N LEU B 143 15.73 -17.73 -19.69
CA LEU B 143 16.60 -16.57 -19.89
C LEU B 143 16.29 -15.47 -18.88
N ARG B 144 15.03 -15.33 -18.49
CA ARG B 144 14.63 -14.31 -17.53
C ARG B 144 14.83 -14.75 -16.08
N GLY B 145 15.04 -16.04 -15.83
CA GLY B 145 15.31 -16.51 -14.48
C GLY B 145 14.29 -17.49 -13.94
N TYR B 146 13.59 -18.19 -14.82
CA TYR B 146 12.53 -19.12 -14.45
C TYR B 146 12.98 -20.53 -14.84
N ASP B 147 13.64 -21.24 -13.92
CA ASP B 147 14.14 -22.58 -14.21
C ASP B 147 13.06 -23.63 -13.93
N TYR B 148 11.95 -23.48 -14.63
CA TYR B 148 10.83 -24.40 -14.46
C TYR B 148 11.20 -25.79 -14.96
N GLY B 149 10.89 -26.81 -14.17
CA GLY B 149 11.14 -28.17 -14.54
C GLY B 149 10.01 -28.76 -15.36
N PRO B 150 10.12 -30.04 -15.72
CA PRO B 150 9.12 -30.65 -16.59
C PRO B 150 7.69 -30.60 -16.05
N HIS B 151 7.52 -30.67 -14.73
CA HIS B 151 6.17 -30.61 -14.17
C HIS B 151 5.57 -29.22 -14.30
N PHE B 152 6.39 -28.18 -14.16
CA PHE B 152 5.92 -26.81 -14.31
C PHE B 152 6.13 -26.27 -15.71
N GLN B 153 6.20 -27.15 -16.70
CA GLN B 153 6.27 -26.78 -18.11
C GLN B 153 4.97 -27.23 -18.76
N GLY B 154 3.95 -26.39 -18.67
CA GLY B 154 2.64 -26.73 -19.18
C GLY B 154 2.22 -25.92 -20.39
N ILE B 155 2.98 -24.87 -20.71
CA ILE B 155 2.71 -24.06 -21.89
C ILE B 155 3.30 -24.76 -23.11
N LEU B 156 2.50 -25.59 -23.77
CA LEU B 156 2.99 -26.32 -24.93
C LEU B 156 2.93 -25.53 -26.22
N GLU B 157 2.36 -24.32 -26.20
CA GLU B 157 2.26 -23.48 -27.39
C GLU B 157 1.85 -22.09 -26.95
N ALA B 158 2.46 -21.07 -27.54
CA ALA B 158 2.17 -19.70 -27.16
C ALA B 158 2.30 -18.79 -28.37
N SER B 159 1.47 -17.75 -28.40
CA SER B 159 1.57 -16.74 -29.44
C SER B 159 2.80 -15.86 -29.20
N LEU B 160 3.26 -15.22 -30.27
CA LEU B 160 4.49 -14.44 -30.21
C LEU B 160 4.40 -13.25 -29.26
N GLU B 161 3.20 -12.82 -28.89
CA GLU B 161 3.04 -11.73 -27.94
C GLU B 161 2.54 -12.20 -26.58
N GLY B 162 2.26 -13.49 -26.43
CA GLY B 162 1.91 -14.05 -25.13
C GLY B 162 0.48 -13.83 -24.70
N ASP B 163 -0.36 -13.25 -25.55
CA ASP B 163 -1.75 -13.02 -25.16
C ASP B 163 -2.62 -14.26 -25.27
N SER B 164 -2.15 -15.31 -25.93
CA SER B 164 -2.93 -16.53 -26.08
C SER B 164 -1.98 -17.71 -26.19
N GLY B 165 -2.50 -18.89 -25.89
CA GLY B 165 -1.70 -20.09 -25.97
C GLY B 165 -2.48 -21.30 -25.47
N ARG B 166 -1.76 -22.39 -25.33
CA ARG B 166 -2.31 -23.66 -24.87
C ARG B 166 -1.59 -24.10 -23.60
N LEU B 167 -2.35 -24.55 -22.62
CA LEU B 167 -1.81 -25.00 -21.35
C LEU B 167 -2.10 -26.48 -21.19
N LEU B 168 -1.06 -27.26 -20.93
CA LEU B 168 -1.21 -28.69 -20.70
C LEU B 168 -1.82 -28.94 -19.33
N TRP B 169 -2.86 -29.76 -19.28
CA TRP B 169 -3.54 -30.08 -18.03
C TRP B 169 -3.07 -31.45 -17.58
N LYS B 170 -2.29 -31.48 -16.50
CA LYS B 170 -1.74 -32.71 -15.97
C LYS B 170 -2.44 -33.12 -14.67
N ASP B 171 -3.74 -32.82 -14.57
CA ASP B 171 -4.54 -33.10 -13.37
C ASP B 171 -3.94 -32.45 -12.13
N ASN B 172 -3.23 -31.34 -12.33
CA ASN B 172 -2.60 -30.59 -11.25
C ASN B 172 -3.15 -29.18 -11.26
N TRP B 173 -3.64 -28.72 -10.11
CA TRP B 173 -4.17 -27.37 -10.01
C TRP B 173 -3.09 -26.35 -9.69
N VAL B 174 -1.96 -26.76 -9.11
CA VAL B 174 -0.86 -25.84 -8.86
C VAL B 174 -0.10 -25.53 -10.14
N SER B 175 0.28 -26.57 -10.87
CA SER B 175 1.06 -26.38 -12.09
C SER B 175 0.26 -25.64 -13.15
N PHE B 176 -1.03 -25.94 -13.27
CA PHE B 176 -1.85 -25.29 -14.29
C PHE B 176 -1.93 -23.79 -14.05
N MET B 177 -2.22 -23.38 -12.81
CA MET B 177 -2.32 -21.96 -12.51
C MET B 177 -0.95 -21.29 -12.55
N ASP B 178 0.12 -22.00 -12.20
CA ASP B 178 1.44 -21.41 -12.34
C ASP B 178 1.79 -21.19 -13.80
N THR B 179 1.38 -22.11 -14.68
CA THR B 179 1.55 -21.88 -16.11
C THR B 179 0.69 -20.73 -16.59
N MET B 180 -0.48 -20.53 -15.99
CA MET B 180 -1.27 -19.34 -16.30
C MET B 180 -0.50 -18.07 -15.95
N LEU B 181 0.16 -18.07 -14.78
CA LEU B 181 0.97 -16.92 -14.39
C LEU B 181 2.16 -16.74 -15.34
N GLN B 182 2.78 -17.84 -15.76
CA GLN B 182 3.87 -17.76 -16.73
C GLN B 182 3.39 -17.18 -18.04
N MET B 183 2.18 -17.56 -18.47
CA MET B 183 1.59 -16.97 -19.66
C MET B 183 1.36 -15.48 -19.49
N SER B 184 0.90 -15.08 -18.30
CA SER B 184 0.69 -13.66 -18.03
C SER B 184 1.99 -12.88 -18.11
N ILE B 185 3.09 -13.44 -17.59
CA ILE B 185 4.35 -12.73 -17.55
C ILE B 185 5.21 -12.97 -18.79
N LEU B 186 4.78 -13.83 -19.71
CA LEU B 186 5.59 -14.10 -20.90
C LEU B 186 5.57 -12.92 -21.86
N GLY B 187 4.40 -12.35 -22.10
CA GLY B 187 4.29 -11.20 -22.96
C GLY B 187 4.74 -9.90 -22.35
N SER B 188 5.09 -9.90 -21.07
CA SER B 188 5.51 -8.68 -20.39
C SER B 188 6.86 -8.22 -20.92
N ALA B 189 6.96 -6.93 -21.22
CA ALA B 189 8.21 -6.35 -21.68
C ALA B 189 9.23 -6.20 -20.55
N LYS B 190 8.81 -6.36 -19.30
CA LYS B 190 9.74 -6.24 -18.19
C LYS B 190 10.76 -7.36 -18.21
N HIS B 191 11.96 -7.05 -17.73
CA HIS B 191 13.08 -7.98 -17.74
C HIS B 191 13.41 -8.42 -16.33
N GLY B 192 13.87 -9.66 -16.20
CA GLY B 192 14.24 -10.21 -14.91
C GLY B 192 13.11 -10.98 -14.26
N LEU B 193 13.42 -11.47 -13.05
CA LEU B 193 12.44 -12.23 -12.30
C LEU B 193 11.31 -11.35 -11.80
N TYR B 194 10.08 -11.82 -11.98
CA TYR B 194 8.89 -11.11 -11.52
C TYR B 194 7.98 -12.11 -10.81
N LEU B 195 7.89 -11.98 -9.50
CA LEU B 195 7.07 -12.93 -8.77
C LEU B 195 5.74 -12.30 -8.37
N PRO B 196 4.65 -13.06 -8.41
CA PRO B 196 3.37 -12.51 -7.97
C PRO B 196 3.42 -12.10 -6.52
N THR B 197 2.83 -10.95 -6.22
CA THR B 197 2.71 -10.47 -4.85
C THR B 197 1.28 -10.22 -4.43
N ARG B 198 0.45 -9.67 -5.31
CA ARG B 198 -0.96 -9.45 -5.04
C ARG B 198 -1.78 -9.91 -6.24
N VAL B 199 -2.89 -10.58 -5.97
CA VAL B 199 -3.85 -10.96 -7.00
C VAL B 199 -5.23 -10.48 -6.55
N THR B 200 -5.91 -9.74 -7.44
CA THR B 200 -7.18 -9.13 -7.05
C THR B 200 -8.27 -10.17 -6.85
N ALA B 201 -8.44 -11.08 -7.81
CA ALA B 201 -9.52 -12.04 -7.70
C ALA B 201 -9.25 -13.24 -8.61
N ILE B 202 -9.30 -14.43 -8.03
CA ILE B 202 -9.19 -15.69 -8.78
C ILE B 202 -10.51 -16.43 -8.64
N HIS B 203 -11.14 -16.74 -9.77
CA HIS B 203 -12.35 -17.54 -9.80
C HIS B 203 -12.03 -18.88 -10.41
N ILE B 204 -12.26 -19.95 -9.65
CA ILE B 204 -11.95 -21.31 -10.09
C ILE B 204 -13.24 -22.11 -10.06
N ASP B 205 -13.62 -22.67 -11.20
CA ASP B 205 -14.81 -23.51 -11.30
C ASP B 205 -14.42 -24.80 -12.00
N PRO B 206 -14.11 -25.86 -11.25
CA PRO B 206 -13.75 -27.13 -11.89
C PRO B 206 -14.87 -27.71 -12.74
N ALA B 207 -16.12 -27.34 -12.49
CA ALA B 207 -17.22 -27.86 -13.29
C ALA B 207 -17.08 -27.46 -14.76
N THR B 208 -16.83 -26.17 -15.01
CA THR B 208 -16.56 -25.73 -16.38
C THR B 208 -15.13 -26.01 -16.80
N HIS B 209 -14.21 -26.21 -15.85
CA HIS B 209 -12.85 -26.57 -16.22
C HIS B 209 -12.82 -27.94 -16.89
N ARG B 210 -13.60 -28.89 -16.38
CA ARG B 210 -13.64 -30.22 -16.97
C ARG B 210 -14.21 -30.17 -18.38
N GLN B 211 -15.25 -29.37 -18.60
CA GLN B 211 -15.91 -29.31 -19.89
C GLN B 211 -15.16 -28.43 -20.89
N LYS B 212 -14.22 -27.61 -20.43
CA LYS B 212 -13.41 -26.78 -21.31
C LYS B 212 -12.08 -27.42 -21.68
N LEU B 213 -11.87 -28.67 -21.30
CA LEU B 213 -10.64 -29.38 -21.60
C LEU B 213 -10.87 -30.25 -22.83
N TYR B 214 -10.00 -30.10 -23.83
CA TYR B 214 -10.08 -30.89 -25.06
C TYR B 214 -8.77 -31.62 -25.26
N THR B 215 -8.84 -32.89 -25.62
CA THR B 215 -7.67 -33.73 -25.83
C THR B 215 -7.14 -33.56 -27.25
N LEU B 216 -5.82 -33.45 -27.36
CA LEU B 216 -5.17 -33.31 -28.65
C LEU B 216 -4.95 -34.69 -29.27
N GLN B 217 -4.16 -34.74 -30.34
CA GLN B 217 -3.82 -36.02 -30.95
C GLN B 217 -2.93 -36.87 -30.06
N ASP B 218 -2.29 -36.27 -29.06
CA ASP B 218 -1.44 -36.98 -28.12
C ASP B 218 -2.22 -37.58 -26.96
N LYS B 219 -3.55 -37.47 -26.96
CA LYS B 219 -4.41 -37.95 -25.88
C LYS B 219 -4.11 -37.26 -24.56
N ALA B 220 -3.56 -36.04 -24.61
CA ALA B 220 -3.28 -35.25 -23.43
C ALA B 220 -4.21 -34.04 -23.42
N GLN B 221 -5.10 -33.99 -22.43
CA GLN B 221 -6.08 -32.91 -22.36
C GLN B 221 -5.39 -31.58 -22.09
N VAL B 222 -5.80 -30.55 -22.80
CA VAL B 222 -5.23 -29.22 -22.68
C VAL B 222 -6.36 -28.20 -22.59
N ALA B 223 -6.00 -26.98 -22.24
CA ALA B 223 -6.94 -25.87 -22.19
C ALA B 223 -6.36 -24.69 -22.96
N ASP B 224 -7.21 -23.76 -23.32
CA ASP B 224 -6.80 -22.56 -24.05
C ASP B 224 -6.70 -21.39 -23.08
N VAL B 225 -5.52 -20.78 -23.02
CA VAL B 225 -5.26 -19.66 -22.12
C VAL B 225 -5.24 -18.38 -22.95
N VAL B 226 -5.90 -17.36 -22.43
CA VAL B 226 -5.90 -16.03 -23.03
C VAL B 226 -5.51 -15.02 -21.96
N VAL B 227 -4.54 -14.18 -22.29
CA VAL B 227 -4.07 -13.12 -21.39
C VAL B 227 -4.45 -11.79 -22.03
N SER B 228 -5.27 -11.02 -21.34
CA SER B 228 -5.69 -9.69 -21.77
C SER B 228 -5.03 -8.69 -20.83
N ARG B 229 -3.99 -8.02 -21.33
CA ARG B 229 -3.35 -6.97 -20.55
C ARG B 229 -4.23 -5.74 -20.45
N TRP B 230 -5.10 -5.52 -21.44
CA TRP B 230 -6.05 -4.42 -21.36
C TRP B 230 -7.04 -4.64 -20.21
N LEU B 231 -7.67 -5.80 -20.18
CA LEU B 231 -8.58 -6.13 -19.08
C LEU B 231 -7.86 -6.64 -17.84
N ARG B 232 -6.55 -6.92 -17.94
CA ARG B 232 -5.78 -7.51 -16.86
C ARG B 232 -6.46 -8.78 -16.36
N VAL B 233 -6.57 -9.76 -17.26
CA VAL B 233 -7.34 -10.97 -17.00
C VAL B 233 -6.71 -12.13 -17.75
N THR B 234 -6.47 -13.23 -17.03
CA THR B 234 -5.96 -14.46 -17.61
C THR B 234 -7.01 -15.55 -17.43
N VAL B 235 -7.50 -16.10 -18.53
CA VAL B 235 -8.54 -17.13 -18.48
C VAL B 235 -7.99 -18.39 -19.12
N ALA B 236 -8.10 -19.51 -18.41
CA ALA B 236 -7.76 -20.80 -18.99
C ALA B 236 -8.60 -21.87 -18.31
N GLY B 237 -9.32 -22.64 -19.13
CA GLY B 237 -10.20 -23.66 -18.57
C GLY B 237 -11.21 -23.03 -17.65
N GLY B 238 -11.28 -23.54 -16.42
CA GLY B 238 -12.18 -22.99 -15.43
C GLY B 238 -11.48 -22.10 -14.43
N VAL B 239 -10.37 -21.49 -14.83
CA VAL B 239 -9.59 -20.61 -13.96
C VAL B 239 -9.56 -19.23 -14.58
N HIS B 240 -9.87 -18.21 -13.76
CA HIS B 240 -9.90 -16.82 -14.20
C HIS B 240 -9.18 -15.98 -13.16
N ILE B 241 -7.99 -15.49 -13.50
CA ILE B 241 -7.21 -14.62 -12.63
C ILE B 241 -7.39 -13.19 -13.11
N SER B 242 -7.72 -12.29 -12.19
CA SER B 242 -7.89 -10.89 -12.51
C SER B 242 -7.10 -10.05 -11.51
N GLY B 243 -6.43 -9.03 -12.01
CA GLY B 243 -5.67 -8.14 -11.16
C GLY B 243 -4.39 -8.71 -10.61
N LEU B 244 -3.80 -9.69 -11.28
CA LEU B 244 -2.52 -10.24 -10.84
C LEU B 244 -1.44 -9.18 -10.91
N HIS B 245 -0.77 -8.94 -9.79
CA HIS B 245 0.30 -7.96 -9.70
C HIS B 245 1.60 -8.73 -9.40
N THR B 246 2.61 -8.49 -10.22
CA THR B 246 3.91 -9.13 -10.05
C THR B 246 4.96 -8.06 -9.74
N GLU B 247 5.74 -8.28 -8.71
CA GLU B 247 6.80 -7.38 -8.31
C GLU B 247 8.15 -8.03 -8.63
N SER B 248 9.14 -7.19 -8.95
CA SER B 248 10.46 -7.70 -9.32
C SER B 248 11.12 -8.39 -8.13
N ALA B 249 11.70 -9.54 -8.39
CA ALA B 249 12.46 -10.27 -7.38
C ALA B 249 13.93 -10.20 -7.73
N PRO B 250 14.78 -9.62 -6.88
CA PRO B 250 16.20 -9.53 -7.19
C PRO B 250 16.81 -10.92 -7.36
N ARG B 251 17.74 -11.03 -8.31
CA ARG B 251 18.41 -12.29 -8.60
C ARG B 251 19.57 -12.48 -7.63
N ARG B 252 19.55 -13.57 -6.89
CA ARG B 252 20.55 -13.81 -5.85
C ARG B 252 21.93 -13.97 -6.47
N GLN B 253 22.94 -13.43 -5.78
CA GLN B 253 24.32 -13.57 -6.23
C GLN B 253 24.86 -14.97 -6.02
N GLN B 254 24.25 -15.76 -5.11
CA GLN B 254 24.68 -17.14 -4.92
C GLN B 254 24.45 -17.96 -6.19
N GLU B 255 23.31 -17.76 -6.84
CA GLU B 255 23.04 -18.45 -8.10
C GLU B 255 23.92 -17.95 -9.23
N GLN B 256 24.57 -16.81 -9.07
CA GLN B 256 25.43 -16.26 -10.11
C GLN B 256 26.72 -17.08 -10.17
N GLN B 257 26.90 -17.81 -11.27
CA GLN B 257 28.08 -18.63 -11.44
C GLN B 257 29.32 -17.76 -11.61
N VAL B 258 30.44 -18.23 -11.08
CA VAL B 258 31.72 -17.54 -11.22
C VAL B 258 32.51 -18.21 -12.33
N PRO B 259 32.71 -17.55 -13.47
CA PRO B 259 33.44 -18.20 -14.58
C PRO B 259 34.94 -17.90 -14.55
N ILE B 260 35.71 -18.94 -14.84
CA ILE B 260 37.14 -18.78 -15.05
C ILE B 260 37.38 -18.24 -16.45
N LEU B 261 38.13 -17.13 -16.52
CA LEU B 261 38.41 -16.42 -17.76
C LEU B 261 39.91 -16.38 -17.96
N GLU B 262 40.36 -16.73 -19.16
CA GLU B 262 41.77 -16.80 -19.50
C GLU B 262 42.02 -16.07 -20.80
N LYS B 263 43.29 -15.75 -21.04
CA LYS B 263 43.75 -15.23 -22.32
C LYS B 263 44.60 -16.30 -23.00
N PHE B 264 44.27 -16.61 -24.24
CA PHE B 264 44.90 -17.67 -25.01
C PHE B 264 45.89 -17.02 -25.96
N CYS B 265 47.18 -17.01 -25.57
CA CYS B 265 48.18 -16.26 -26.29
C CYS B 265 49.40 -17.12 -26.58
N PHE B 266 50.15 -16.71 -27.60
CA PHE B 266 51.37 -17.40 -27.97
C PHE B 266 52.48 -17.07 -26.98
N THR B 267 53.26 -18.09 -26.61
CA THR B 267 54.42 -17.91 -25.75
C THR B 267 55.57 -18.73 -26.29
N PRO B 268 56.74 -18.12 -26.48
CA PRO B 268 57.90 -18.88 -26.95
C PRO B 268 58.36 -19.88 -25.91
N HIS B 269 58.95 -20.98 -26.38
CA HIS B 269 59.53 -21.96 -25.49
C HIS B 269 60.67 -21.35 -24.67
N THR B 270 61.50 -20.53 -25.31
CA THR B 270 62.57 -19.81 -24.64
C THR B 270 62.13 -18.37 -24.41
N GLU B 271 62.05 -17.97 -23.15
CA GLU B 271 61.66 -16.63 -22.77
C GLU B 271 62.71 -16.03 -21.84
N GLU B 272 63.03 -14.76 -22.05
CA GLU B 272 64.01 -14.04 -21.25
C GLU B 272 63.46 -12.69 -20.85
N GLY B 273 63.99 -12.15 -19.75
CA GLY B 273 63.55 -10.86 -19.27
C GLY B 273 62.17 -10.87 -18.64
N CYS B 274 61.74 -12.01 -18.10
CA CYS B 274 60.43 -12.09 -17.47
C CYS B 274 60.41 -11.31 -16.16
N LEU B 275 59.21 -10.91 -15.75
CA LEU B 275 58.98 -10.14 -14.53
C LEU B 275 59.73 -8.81 -14.53
N SER B 276 59.98 -8.24 -15.72
CA SER B 276 60.65 -6.95 -15.79
C SER B 276 59.73 -5.82 -15.37
N GLU B 277 58.43 -5.94 -15.65
CA GLU B 277 57.48 -4.88 -15.31
C GLU B 277 57.25 -4.76 -13.81
N ARG B 278 57.66 -5.75 -13.02
CA ARG B 278 57.48 -5.72 -11.58
C ARG B 278 58.50 -4.78 -10.97
N ALA B 279 58.02 -3.63 -10.47
CA ALA B 279 58.93 -2.66 -9.86
C ALA B 279 59.41 -3.09 -8.48
N ALA B 280 58.57 -3.83 -7.75
CA ALA B 280 58.98 -4.30 -6.42
C ALA B 280 60.17 -5.25 -6.51
N LEU B 281 60.15 -6.14 -7.50
CA LEU B 281 61.28 -7.05 -7.68
C LEU B 281 62.56 -6.30 -8.03
N GLN B 282 62.45 -5.29 -8.89
CA GLN B 282 63.62 -4.48 -9.24
C GLN B 282 64.16 -3.74 -8.03
N GLU B 283 63.27 -3.18 -7.21
CA GLU B 283 63.70 -2.48 -6.00
C GLU B 283 64.37 -3.42 -5.02
N GLU B 284 63.81 -4.63 -4.86
CA GLU B 284 64.44 -5.61 -3.97
C GLU B 284 65.81 -6.03 -4.49
N LEU B 285 65.94 -6.22 -5.80
CA LEU B 285 67.23 -6.56 -6.38
C LEU B 285 68.24 -5.45 -6.18
N GLN B 286 67.82 -4.20 -6.36
CA GLN B 286 68.72 -3.06 -6.13
C GLN B 286 69.16 -2.98 -4.67
N LEU B 287 68.23 -3.20 -3.74
CA LEU B 287 68.57 -3.18 -2.33
C LEU B 287 69.54 -4.32 -1.99
N CYS B 288 69.32 -5.50 -2.55
CA CYS B 288 70.23 -6.62 -2.32
C CYS B 288 71.62 -6.33 -2.88
N LYS B 289 71.68 -5.73 -4.07
CA LYS B 289 72.97 -5.37 -4.65
C LYS B 289 73.69 -4.34 -3.79
N GLY B 290 72.95 -3.35 -3.29
CA GLY B 290 73.55 -2.36 -2.41
C GLY B 290 74.08 -2.96 -1.13
N LEU B 291 73.31 -3.88 -0.53
CA LEU B 291 73.76 -4.56 0.68
C LEU B 291 75.00 -5.40 0.41
N VAL B 292 75.04 -6.10 -0.73
CA VAL B 292 76.20 -6.90 -1.08
C VAL B 292 77.43 -6.01 -1.28
N GLN B 293 77.25 -4.88 -1.95
CA GLN B 293 78.36 -3.94 -2.15
C GLN B 293 78.86 -3.39 -0.83
N ALA B 294 77.95 -3.05 0.09
CA ALA B 294 78.35 -2.57 1.40
C ALA B 294 79.10 -3.64 2.17
N LEU B 295 78.64 -4.88 2.11
CA LEU B 295 79.35 -5.98 2.78
C LEU B 295 80.73 -6.18 2.20
N GLN B 296 80.86 -6.11 0.87
CA GLN B 296 82.17 -6.25 0.23
C GLN B 296 83.09 -5.10 0.62
N THR B 297 82.57 -3.89 0.67
CA THR B 297 83.37 -2.71 1.04
C THR B 297 83.50 -2.60 2.54
N PRO B 320 59.14 -4.94 1.32
CA PRO B 320 60.34 -4.39 0.67
C PRO B 320 61.62 -4.75 1.43
N SER B 321 62.08 -3.83 2.28
CA SER B 321 63.28 -4.07 3.07
C SER B 321 63.06 -5.04 4.22
N GLN B 322 61.81 -5.39 4.51
CA GLN B 322 61.48 -6.29 5.61
C GLN B 322 61.39 -7.75 5.15
N GLN B 323 61.68 -8.03 3.88
CA GLN B 323 61.60 -9.40 3.38
C GLN B 323 62.74 -10.24 3.96
N GLU B 324 62.66 -11.55 3.69
CA GLU B 324 63.61 -12.48 4.28
C GLU B 324 65.03 -12.22 3.80
N LEU B 325 65.21 -12.05 2.48
CA LEU B 325 66.55 -11.81 1.95
C LEU B 325 67.15 -10.50 2.41
N PRO B 326 66.46 -9.36 2.36
CA PRO B 326 67.04 -8.14 2.93
C PRO B 326 67.35 -8.24 4.41
N ARG B 327 66.49 -8.93 5.18
CA ARG B 327 66.76 -9.11 6.60
C ARG B 327 68.02 -9.93 6.83
N LEU B 328 68.19 -11.01 6.06
CA LEU B 328 69.40 -11.82 6.17
C LEU B 328 70.64 -11.02 5.77
N LEU B 329 70.53 -10.21 4.73
CA LEU B 329 71.66 -9.39 4.31
C LEU B 329 72.02 -8.36 5.38
N SER B 330 71.02 -7.74 6.01
CA SER B 330 71.28 -6.79 7.08
C SER B 330 71.92 -7.48 8.29
N ALA B 331 71.44 -8.68 8.62
CA ALA B 331 72.05 -9.43 9.72
C ALA B 331 73.50 -9.78 9.43
N ALA B 332 73.78 -10.19 8.19
CA ALA B 332 75.16 -10.49 7.81
C ALA B 332 76.04 -9.23 7.87
N CYS B 333 75.49 -8.10 7.43
CA CYS B 333 76.25 -6.84 7.50
C CYS B 333 76.53 -6.46 8.95
N ARG B 334 75.55 -6.65 9.84
CA ARG B 334 75.78 -6.35 11.24
C ARG B 334 76.87 -7.24 11.84
N LEU B 335 76.87 -8.52 11.49
CA LEU B 335 77.88 -9.45 11.98
C LEU B 335 79.23 -9.19 11.31
N ALA B 346 76.21 -17.93 9.68
CA ALA B 346 76.15 -19.33 10.06
C ALA B 346 74.88 -19.63 10.84
N GLN B 347 74.85 -19.21 12.10
CA GLN B 347 73.67 -19.42 12.93
C GLN B 347 72.46 -18.67 12.39
N VAL B 348 72.68 -17.42 11.95
CA VAL B 348 71.57 -16.63 11.40
C VAL B 348 71.06 -17.26 10.12
N LEU B 349 71.96 -17.72 9.25
CA LEU B 349 71.54 -18.37 8.02
C LEU B 349 70.79 -19.67 8.31
N ALA B 350 71.28 -20.45 9.28
CA ALA B 350 70.58 -21.69 9.64
C ALA B 350 69.19 -21.41 10.20
N GLN B 351 69.05 -20.33 10.98
CA GLN B 351 67.75 -19.99 11.55
C GLN B 351 66.79 -19.47 10.48
N GLU B 352 67.30 -18.70 9.52
CA GLU B 352 66.46 -18.06 8.51
C GLU B 352 66.28 -18.89 7.25
N ARG B 353 66.92 -20.06 7.17
CA ARG B 353 66.74 -20.92 6.01
C ARG B 353 65.28 -21.29 5.76
N PRO B 354 64.47 -21.61 6.77
CA PRO B 354 63.07 -21.99 6.50
C PRO B 354 62.26 -20.91 5.79
N LYS B 355 62.52 -19.63 6.09
CA LYS B 355 61.80 -18.54 5.46
C LYS B 355 62.45 -18.04 4.17
N LEU B 356 63.64 -18.55 3.84
CA LEU B 356 64.33 -18.10 2.63
C LEU B 356 63.55 -18.39 1.35
N PRO B 357 63.00 -19.58 1.13
CA PRO B 357 62.29 -19.82 -0.15
C PRO B 357 61.10 -18.91 -0.37
N GLU B 358 60.49 -18.39 0.69
CA GLU B 358 59.33 -17.53 0.57
C GLU B 358 59.67 -16.10 0.15
N ASP B 359 60.95 -15.82 -0.16
CA ASP B 359 61.33 -14.49 -0.57
C ASP B 359 60.71 -14.14 -1.92
N PRO B 360 60.30 -12.88 -2.12
CA PRO B 360 59.69 -12.52 -3.41
C PRO B 360 60.62 -12.74 -4.60
N LEU B 361 61.92 -12.48 -4.44
CA LEU B 361 62.85 -12.67 -5.54
C LEU B 361 63.07 -14.16 -5.83
N LEU B 362 63.19 -14.97 -4.78
CA LEU B 362 63.42 -16.40 -4.98
C LEU B 362 62.18 -17.12 -5.47
N SER B 363 61.01 -16.50 -5.38
CA SER B 363 59.76 -17.11 -5.82
C SER B 363 59.06 -16.24 -6.86
N GLY B 364 59.82 -15.41 -7.58
CA GLY B 364 59.21 -14.55 -8.58
C GLY B 364 58.58 -15.33 -9.71
N LEU B 365 59.30 -16.32 -10.25
CA LEU B 365 58.75 -17.15 -11.31
C LEU B 365 57.70 -18.10 -10.79
N LEU B 366 57.78 -18.49 -9.51
CA LEU B 366 56.78 -19.37 -8.94
C LEU B 366 55.41 -18.71 -8.90
N ASP B 367 55.37 -17.38 -8.80
CA ASP B 367 54.13 -16.60 -8.82
C ASP B 367 54.01 -15.80 -10.12
N SER B 368 54.46 -16.38 -11.22
CA SER B 368 54.49 -15.74 -12.52
C SER B 368 53.80 -16.62 -13.55
N PRO B 369 53.35 -16.05 -14.66
CA PRO B 369 52.71 -16.87 -15.70
C PRO B 369 53.64 -17.90 -16.32
N ALA B 370 54.95 -17.77 -16.16
CA ALA B 370 55.87 -18.74 -16.75
C ALA B 370 55.66 -20.13 -16.16
N LEU B 371 55.45 -20.22 -14.85
CA LEU B 371 55.18 -21.51 -14.22
C LEU B 371 53.88 -22.11 -14.75
N LYS B 372 52.84 -21.28 -14.90
CA LYS B 372 51.59 -21.78 -15.43
C LYS B 372 51.74 -22.28 -16.86
N ALA B 373 52.52 -21.56 -17.68
CA ALA B 373 52.77 -21.99 -19.04
C ALA B 373 53.52 -23.32 -19.07
N CYS B 374 54.53 -23.47 -18.22
CA CYS B 374 55.28 -24.73 -18.18
C CYS B 374 54.39 -25.88 -17.73
N LEU B 375 53.52 -25.64 -16.73
CA LEU B 375 52.60 -26.68 -16.30
C LEU B 375 51.62 -27.05 -17.40
N ASP B 376 51.11 -26.05 -18.13
CA ASP B 376 50.21 -26.34 -19.23
C ASP B 376 50.91 -27.14 -20.33
N THR B 377 52.18 -26.81 -20.60
CA THR B 377 52.95 -27.60 -21.56
C THR B 377 53.11 -29.03 -21.08
N ALA B 378 53.37 -29.21 -19.79
CA ALA B 378 53.54 -30.56 -19.25
C ALA B 378 52.25 -31.37 -19.37
N VAL B 379 51.12 -30.79 -18.98
CA VAL B 379 49.86 -31.53 -19.05
C VAL B 379 49.40 -31.70 -20.50
N GLU B 380 49.88 -30.84 -21.40
CA GLU B 380 49.51 -30.98 -22.81
C GLU B 380 50.11 -32.25 -23.41
N ASN B 381 51.37 -32.54 -23.09
CA ASN B 381 52.04 -33.73 -23.59
C ASN B 381 51.88 -34.87 -22.58
N MET B 382 50.65 -35.35 -22.49
CA MET B 382 50.28 -36.40 -21.55
C MET B 382 49.50 -37.49 -22.27
N PRO B 383 49.62 -38.74 -21.83
CA PRO B 383 48.83 -39.80 -22.47
C PRO B 383 47.34 -39.66 -22.25
N SER B 384 46.91 -39.46 -21.01
CA SER B 384 45.50 -39.32 -20.67
C SER B 384 45.35 -38.20 -19.65
N LEU B 385 44.16 -38.10 -19.06
CA LEU B 385 43.90 -37.07 -18.06
C LEU B 385 44.65 -37.29 -16.76
N LYS B 386 45.19 -38.49 -16.53
CA LYS B 386 45.91 -38.77 -15.31
C LYS B 386 47.22 -37.99 -15.28
N MET B 387 47.50 -37.36 -14.14
CA MET B 387 48.71 -36.55 -13.97
C MET B 387 49.39 -36.98 -12.66
N LYS B 388 50.45 -37.79 -12.79
CA LYS B 388 51.23 -38.22 -11.64
C LYS B 388 52.39 -37.24 -11.48
N VAL B 389 52.27 -36.35 -10.50
CA VAL B 389 53.25 -35.30 -10.27
C VAL B 389 53.94 -35.55 -8.93
N VAL B 390 55.26 -35.51 -8.94
CA VAL B 390 56.07 -35.71 -7.75
C VAL B 390 56.97 -34.49 -7.58
N GLU B 391 57.15 -34.06 -6.33
CA GLU B 391 57.99 -32.91 -6.01
C GLU B 391 59.19 -33.38 -5.21
N VAL B 392 60.37 -32.89 -5.59
CA VAL B 392 61.61 -33.21 -4.91
C VAL B 392 61.97 -32.08 -3.96
N LEU B 393 62.27 -32.44 -2.71
CA LEU B 393 62.61 -31.49 -1.66
C LEU B 393 61.52 -30.44 -1.49
N ALA B 394 60.31 -30.92 -1.19
CA ALA B 394 59.16 -30.04 -1.01
C ALA B 394 59.26 -29.18 0.24
N GLY B 395 60.16 -29.52 1.17
CA GLY B 395 60.30 -28.72 2.37
C GLY B 395 60.75 -27.30 2.08
N HIS B 396 61.71 -27.14 1.18
CA HIS B 396 62.17 -25.83 0.76
C HIS B 396 61.71 -25.45 -0.64
N GLY B 397 60.93 -26.30 -1.30
CA GLY B 397 60.44 -26.01 -2.63
C GLY B 397 59.18 -25.18 -2.65
N HIS B 398 58.23 -25.52 -1.78
CA HIS B 398 56.97 -24.80 -1.65
C HIS B 398 56.19 -24.76 -2.97
N LEU B 399 56.33 -25.82 -3.76
CA LEU B 399 55.59 -25.95 -5.00
C LEU B 399 54.23 -26.63 -4.80
N TYR B 400 53.95 -27.10 -3.58
CA TYR B 400 52.67 -27.74 -3.31
C TYR B 400 51.53 -26.72 -3.20
N SER B 401 51.85 -25.44 -2.98
CA SER B 401 50.84 -24.42 -2.82
C SER B 401 50.52 -23.68 -4.12
N ARG B 402 51.22 -23.99 -5.21
CA ARG B 402 51.03 -23.30 -6.48
C ARG B 402 50.58 -24.24 -7.59
N ILE B 403 51.26 -25.39 -7.74
CA ILE B 403 50.96 -26.27 -8.87
C ILE B 403 49.52 -26.78 -8.87
N PRO B 404 48.99 -27.34 -7.77
CA PRO B 404 47.59 -27.81 -7.83
C PRO B 404 46.59 -26.69 -7.99
N GLY B 405 46.86 -25.51 -7.42
CA GLY B 405 46.01 -24.36 -7.67
C GLY B 405 46.06 -23.90 -9.11
N LEU B 406 47.26 -23.96 -9.72
CA LEU B 406 47.39 -23.56 -11.11
C LEU B 406 46.71 -24.55 -12.06
N LEU B 407 46.74 -25.84 -11.73
CA LEU B 407 46.12 -26.85 -12.56
C LEU B 407 44.66 -27.11 -12.20
N SER B 408 44.15 -26.47 -11.15
CA SER B 408 42.73 -26.59 -10.82
C SER B 408 41.80 -26.14 -11.94
N PRO B 409 42.05 -25.03 -12.65
CA PRO B 409 41.10 -24.63 -13.71
C PRO B 409 40.94 -25.65 -14.82
N HIS B 410 41.86 -26.60 -14.99
CA HIS B 410 41.69 -27.64 -15.98
C HIS B 410 40.48 -28.49 -15.62
N PRO B 411 39.49 -28.64 -16.51
CA PRO B 411 38.25 -29.30 -16.11
C PRO B 411 38.39 -30.81 -15.95
N LEU B 412 39.05 -31.48 -16.87
CA LEU B 412 39.11 -32.94 -16.87
C LEU B 412 40.43 -33.49 -16.37
N LEU B 413 41.33 -32.65 -15.86
CA LEU B 413 42.63 -33.12 -15.39
C LEU B 413 42.48 -33.83 -14.06
N GLN B 414 42.98 -35.07 -14.00
CA GLN B 414 43.06 -35.84 -12.75
C GLN B 414 44.48 -35.72 -12.23
N LEU B 415 44.65 -34.93 -11.17
CA LEU B 415 45.97 -34.60 -10.67
C LEU B 415 46.31 -35.45 -9.44
N SER B 416 47.52 -36.01 -9.45
CA SER B 416 48.03 -36.79 -8.32
C SER B 416 49.38 -36.19 -7.92
N TYR B 417 49.36 -35.30 -6.95
CA TYR B 417 50.55 -34.59 -6.51
C TYR B 417 51.09 -35.23 -5.23
N THR B 418 52.39 -35.48 -5.20
CA THR B 418 53.06 -36.05 -4.04
C THR B 418 54.22 -35.16 -3.64
N ALA B 419 54.28 -34.80 -2.37
CA ALA B 419 55.35 -33.98 -1.82
C ALA B 419 56.35 -34.88 -1.11
N THR B 420 57.59 -34.86 -1.56
CA THR B 420 58.64 -35.74 -1.04
C THR B 420 59.81 -34.92 -0.54
N ASP B 421 60.43 -35.41 0.53
CA ASP B 421 61.61 -34.76 1.09
C ASP B 421 62.44 -35.80 1.82
N ARG B 422 63.73 -35.50 2.00
CA ARG B 422 64.61 -36.41 2.71
C ARG B 422 64.21 -36.55 4.17
N HIS B 423 63.88 -35.43 4.82
CA HIS B 423 63.45 -35.44 6.21
C HIS B 423 61.95 -35.18 6.28
N PRO B 424 61.15 -36.13 6.74
CA PRO B 424 59.70 -35.89 6.81
C PRO B 424 59.31 -34.73 7.71
N GLN B 425 60.08 -34.49 8.78
CA GLN B 425 59.74 -33.41 9.71
C GLN B 425 59.73 -32.06 9.01
N ALA B 426 60.57 -31.88 7.98
CA ALA B 426 60.59 -30.62 7.25
C ALA B 426 59.27 -30.33 6.56
N LEU B 427 58.46 -31.36 6.29
CA LEU B 427 57.15 -31.16 5.71
C LEU B 427 56.06 -30.95 6.75
N GLU B 428 56.38 -31.15 8.04
CA GLU B 428 55.36 -31.05 9.08
C GLU B 428 54.72 -29.68 9.12
N ALA B 429 55.53 -28.62 9.00
CA ALA B 429 55.00 -27.27 8.98
C ALA B 429 54.04 -27.03 7.82
N ALA B 430 54.17 -27.80 6.74
CA ALA B 430 53.28 -27.70 5.59
C ALA B 430 52.16 -28.72 5.64
N GLN B 431 52.08 -29.52 6.71
CA GLN B 431 51.14 -30.64 6.76
C GLN B 431 49.71 -30.18 6.47
N ALA B 432 49.25 -29.15 7.17
CA ALA B 432 47.90 -28.65 6.94
C ALA B 432 47.71 -28.20 5.50
N GLU B 433 48.71 -27.53 4.94
CA GLU B 433 48.64 -27.15 3.52
C GLU B 433 48.53 -28.38 2.65
N LEU B 434 49.28 -29.43 2.96
CA LEU B 434 49.19 -30.67 2.19
C LEU B 434 47.80 -31.30 2.32
N GLN B 435 47.10 -30.99 3.41
CA GLN B 435 45.72 -31.47 3.55
C GLN B 435 44.77 -30.66 2.68
N GLN B 436 45.08 -29.40 2.41
CA GLN B 436 44.18 -28.57 1.63
C GLN B 436 44.16 -28.99 0.17
N HIS B 437 45.33 -29.32 -0.40
CA HIS B 437 45.45 -29.65 -1.81
C HIS B 437 45.37 -31.14 -2.09
N ASP B 438 45.10 -31.96 -1.07
CA ASP B 438 45.04 -33.42 -1.22
C ASP B 438 46.33 -33.96 -1.84
N VAL B 439 47.46 -33.50 -1.31
CA VAL B 439 48.78 -33.87 -1.80
C VAL B 439 49.32 -35.00 -0.94
N ALA B 440 49.74 -36.08 -1.58
CA ALA B 440 50.32 -37.21 -0.86
C ALA B 440 51.72 -36.86 -0.36
N GLN B 441 52.18 -37.63 0.62
CA GLN B 441 53.47 -37.42 1.25
C GLN B 441 54.35 -38.65 1.07
N GLY B 442 55.66 -38.42 1.09
CA GLY B 442 56.62 -39.50 0.97
C GLY B 442 58.00 -39.01 1.33
N GLN B 443 58.92 -39.97 1.46
CA GLN B 443 60.30 -39.69 1.80
C GLN B 443 61.20 -40.21 0.68
N TRP B 444 62.06 -39.33 0.17
CA TRP B 444 63.01 -39.72 -0.87
C TRP B 444 64.13 -38.69 -0.93
N ASP B 445 65.36 -39.13 -0.74
CA ASP B 445 66.52 -38.27 -0.90
C ASP B 445 66.94 -38.23 -2.37
N PRO B 446 67.12 -37.04 -2.95
CA PRO B 446 67.49 -36.96 -4.37
C PRO B 446 68.79 -37.67 -4.71
N ALA B 447 69.70 -37.82 -3.74
CA ALA B 447 70.94 -38.54 -3.99
C ALA B 447 70.76 -40.05 -4.07
N ASP B 448 69.57 -40.55 -3.76
CA ASP B 448 69.27 -41.97 -3.76
C ASP B 448 68.17 -42.28 -4.77
N PRO B 449 68.10 -43.52 -5.27
CA PRO B 449 67.05 -43.87 -6.22
C PRO B 449 65.67 -43.72 -5.61
N ALA B 450 64.72 -43.34 -6.46
CA ALA B 450 63.35 -43.11 -6.01
C ALA B 450 62.68 -44.43 -5.62
N PRO B 451 61.74 -44.40 -4.68
CA PRO B 451 60.99 -45.60 -4.34
C PRO B 451 60.13 -46.07 -5.51
N SER B 452 59.83 -47.37 -5.50
CA SER B 452 59.03 -47.95 -6.57
C SER B 452 57.64 -47.33 -6.63
N ALA B 453 57.10 -46.89 -5.49
CA ALA B 453 55.79 -46.25 -5.49
C ALA B 453 55.83 -44.91 -6.20
N LEU B 454 56.94 -44.19 -6.12
CA LEU B 454 57.10 -42.89 -6.76
C LEU B 454 57.64 -42.98 -8.18
N GLY B 455 57.89 -44.19 -8.69
CA GLY B 455 58.41 -44.34 -10.02
C GLY B 455 57.33 -44.16 -11.08
N SER B 456 57.81 -44.07 -12.34
CA SER B 456 56.93 -43.89 -13.50
C SER B 456 56.07 -42.63 -13.35
N ALA B 457 56.66 -41.58 -12.79
CA ALA B 457 55.95 -40.33 -12.62
C ALA B 457 55.79 -39.60 -13.95
N ASP B 458 54.70 -38.85 -14.07
CA ASP B 458 54.45 -38.09 -15.29
C ASP B 458 55.21 -36.75 -15.26
N LEU B 459 55.17 -36.05 -14.14
CA LEU B 459 55.85 -34.77 -13.99
C LEU B 459 56.66 -34.78 -12.70
N LEU B 460 57.87 -34.23 -12.77
CA LEU B 460 58.75 -34.12 -11.61
C LEU B 460 59.14 -32.66 -11.47
N VAL B 461 58.85 -32.09 -10.31
CA VAL B 461 59.06 -30.66 -10.06
C VAL B 461 60.02 -30.48 -8.89
N CYS B 462 61.01 -29.62 -9.08
CA CYS B 462 61.98 -29.31 -8.04
C CYS B 462 62.19 -27.80 -7.98
N ASN B 463 62.46 -27.31 -6.77
CA ASN B 463 62.79 -25.89 -6.56
C ASN B 463 64.06 -25.87 -5.71
N CYS B 464 65.20 -25.94 -6.37
CA CYS B 464 66.50 -26.00 -5.70
C CYS B 464 67.15 -24.63 -5.54
N ALA B 465 66.35 -23.56 -5.50
CA ALA B 465 66.90 -22.24 -5.27
C ALA B 465 67.52 -22.14 -3.88
N VAL B 466 66.86 -22.70 -2.87
CA VAL B 466 67.35 -22.72 -1.51
C VAL B 466 67.79 -24.12 -1.08
N ALA B 467 67.01 -25.14 -1.43
CA ALA B 467 67.35 -26.51 -1.06
C ALA B 467 68.60 -26.97 -1.79
N ALA B 468 69.39 -27.78 -1.11
CA ALA B 468 70.64 -28.31 -1.66
C ALA B 468 70.40 -29.74 -2.16
N LEU B 469 70.72 -29.98 -3.43
CA LEU B 469 70.54 -31.30 -4.03
C LEU B 469 71.73 -32.22 -3.80
N GLY B 470 72.83 -31.72 -3.26
CA GLY B 470 74.01 -32.53 -3.07
C GLY B 470 74.85 -32.64 -4.33
N ASP B 471 74.98 -33.86 -4.86
CA ASP B 471 75.70 -34.06 -6.10
C ASP B 471 74.74 -33.89 -7.28
N PRO B 472 74.93 -32.89 -8.13
CA PRO B 472 73.96 -32.67 -9.22
C PRO B 472 73.83 -33.84 -10.18
N ALA B 473 74.95 -34.50 -10.50
CA ALA B 473 74.90 -35.57 -11.50
C ALA B 473 74.13 -36.78 -10.98
N SER B 474 74.46 -37.22 -9.76
CA SER B 474 73.80 -38.40 -9.19
C SER B 474 72.30 -38.16 -9.03
N ALA B 475 71.92 -36.98 -8.51
CA ALA B 475 70.50 -36.66 -8.39
C ALA B 475 69.83 -36.65 -9.76
N LEU B 476 70.38 -35.86 -10.69
CA LEU B 476 69.79 -35.75 -12.01
C LEU B 476 69.56 -37.12 -12.63
N SER B 477 70.51 -38.04 -12.44
CA SER B 477 70.29 -39.43 -12.84
C SER B 477 69.14 -40.05 -12.06
N ASN B 478 69.04 -39.74 -10.76
CA ASN B 478 68.03 -40.37 -9.92
C ASN B 478 66.61 -40.04 -10.38
N MET B 479 66.30 -38.75 -10.54
CA MET B 479 64.96 -38.46 -11.08
C MET B 479 64.91 -38.40 -12.61
N VAL B 480 65.97 -38.74 -13.32
CA VAL B 480 65.81 -39.17 -14.71
C VAL B 480 65.26 -40.60 -14.74
N ALA B 481 65.83 -41.47 -13.92
CA ALA B 481 65.32 -42.84 -13.81
C ALA B 481 63.91 -42.86 -13.23
N ALA B 482 63.64 -42.00 -12.24
CA ALA B 482 62.32 -41.96 -11.63
C ALA B 482 61.25 -41.56 -12.63
N LEU B 483 61.53 -40.58 -13.48
CA LEU B 483 60.57 -40.15 -14.48
C LEU B 483 60.40 -41.23 -15.55
N ARG B 484 59.16 -41.42 -15.99
CA ARG B 484 58.87 -42.37 -17.05
C ARG B 484 59.28 -41.79 -18.41
N GLU B 485 59.23 -42.64 -19.43
CA GLU B 485 59.54 -42.19 -20.78
C GLU B 485 58.54 -41.14 -21.23
N GLY B 486 59.05 -40.03 -21.77
CA GLY B 486 58.21 -38.92 -22.16
C GLY B 486 57.82 -38.00 -21.03
N GLY B 487 58.31 -38.23 -19.81
CA GLY B 487 57.97 -37.38 -18.69
C GLY B 487 58.67 -36.04 -18.77
N PHE B 488 58.23 -35.12 -17.91
CA PHE B 488 58.72 -33.76 -17.89
C PHE B 488 59.32 -33.43 -16.52
N LEU B 489 60.43 -32.71 -16.54
CA LEU B 489 61.11 -32.22 -15.35
C LEU B 489 61.11 -30.71 -15.37
N LEU B 490 60.61 -30.10 -14.30
CA LEU B 490 60.55 -28.66 -14.14
C LEU B 490 61.31 -28.28 -12.88
N LEU B 491 62.46 -27.64 -13.04
CA LEU B 491 63.28 -27.23 -11.89
C LEU B 491 63.48 -25.73 -11.90
N HIS B 492 63.19 -25.10 -10.77
CA HIS B 492 63.41 -23.67 -10.60
C HIS B 492 64.71 -23.47 -9.82
N THR B 493 65.63 -22.70 -10.41
CA THR B 493 66.96 -22.56 -9.83
C THR B 493 67.47 -21.14 -10.06
N LEU B 494 68.67 -20.87 -9.57
CA LEU B 494 69.36 -19.61 -9.78
C LEU B 494 70.62 -19.86 -10.60
N LEU B 495 70.90 -18.96 -11.53
CA LEU B 495 72.02 -19.12 -12.45
C LEU B 495 73.25 -18.40 -11.92
N ARG B 496 74.38 -19.11 -11.91
CA ARG B 496 75.64 -18.50 -11.52
C ARG B 496 76.07 -17.46 -12.56
N GLY B 497 76.68 -16.39 -12.10
CA GLY B 497 77.01 -15.27 -12.94
C GLY B 497 75.92 -14.24 -13.09
N HIS B 498 74.91 -14.27 -12.23
CA HIS B 498 73.78 -13.36 -12.24
C HIS B 498 73.64 -12.69 -10.89
N PRO B 499 73.01 -11.51 -10.83
CA PRO B 499 72.93 -10.78 -9.54
C PRO B 499 72.38 -11.61 -8.39
N LEU B 500 71.21 -12.23 -8.56
CA LEU B 500 70.65 -13.05 -7.49
C LEU B 500 71.54 -14.24 -7.18
N GLY B 501 72.05 -14.91 -8.22
CA GLY B 501 72.91 -16.05 -8.00
C GLY B 501 74.22 -15.66 -7.31
N ASP B 502 74.82 -14.56 -7.75
CA ASP B 502 76.07 -14.10 -7.12
C ASP B 502 75.82 -13.71 -5.66
N ILE B 503 74.70 -13.03 -5.39
CA ILE B 503 74.38 -12.66 -4.01
C ILE B 503 74.19 -13.89 -3.15
N VAL B 504 73.47 -14.90 -3.67
CA VAL B 504 73.25 -16.12 -2.91
C VAL B 504 74.57 -16.83 -2.65
N ALA B 505 75.45 -16.90 -3.66
CA ALA B 505 76.74 -17.55 -3.48
C ALA B 505 77.59 -16.82 -2.45
N PHE B 506 77.59 -15.49 -2.49
CA PHE B 506 78.36 -14.72 -1.52
C PHE B 506 77.81 -14.90 -0.10
N LEU B 507 76.48 -14.93 0.05
CA LEU B 507 75.89 -15.13 1.36
C LEU B 507 76.20 -16.52 1.90
N THR B 508 76.13 -17.54 1.04
CA THR B 508 76.39 -18.91 1.45
C THR B 508 77.87 -19.20 1.68
N SER B 509 78.76 -18.34 1.20
CA SER B 509 80.19 -18.54 1.38
C SER B 509 80.69 -17.84 2.63
N GLN B 516 77.88 -29.05 -5.95
CA GLN B 516 76.93 -28.55 -4.96
C GLN B 516 76.95 -27.03 -4.90
N GLY B 517 75.77 -26.43 -4.82
CA GLY B 517 75.66 -24.98 -4.74
C GLY B 517 75.02 -24.36 -5.96
N ILE B 518 75.39 -23.12 -6.26
CA ILE B 518 74.82 -22.41 -7.42
C ILE B 518 75.57 -22.84 -8.67
N LEU B 519 74.82 -23.22 -9.70
CA LEU B 519 75.38 -23.67 -10.96
C LEU B 519 74.98 -22.72 -12.07
N SER B 520 75.86 -22.57 -13.06
CA SER B 520 75.61 -21.67 -14.18
C SER B 520 74.69 -22.35 -15.20
N GLN B 521 74.18 -21.54 -16.14
CA GLN B 521 73.29 -22.07 -17.17
C GLN B 521 74.03 -23.06 -18.06
N ASP B 522 75.28 -22.77 -18.42
CA ASP B 522 76.06 -23.71 -19.21
C ASP B 522 76.26 -25.03 -18.47
N ALA B 523 76.57 -24.96 -17.18
CA ALA B 523 76.73 -26.16 -16.39
C ALA B 523 75.42 -26.94 -16.31
N TRP B 524 74.30 -26.23 -16.14
CA TRP B 524 73.00 -26.89 -16.09
C TRP B 524 72.70 -27.61 -17.40
N GLU B 525 72.97 -26.95 -18.53
CA GLU B 525 72.72 -27.57 -19.82
C GLU B 525 73.63 -28.78 -20.04
N SER B 526 74.90 -28.67 -19.64
CA SER B 526 75.80 -29.80 -19.77
C SER B 526 75.35 -30.98 -18.91
N LEU B 527 74.88 -30.69 -17.69
CA LEU B 527 74.38 -31.76 -16.82
C LEU B 527 73.12 -32.40 -17.41
N PHE B 528 72.24 -31.59 -17.99
CA PHE B 528 71.05 -32.14 -18.64
C PHE B 528 71.42 -33.05 -19.80
N SER B 529 72.40 -32.62 -20.61
CA SER B 529 72.87 -33.46 -21.70
C SER B 529 73.54 -34.74 -21.19
N ARG B 530 74.19 -34.66 -20.03
CA ARG B 530 74.84 -35.84 -19.46
C ARG B 530 73.81 -36.91 -19.09
N VAL B 531 72.68 -36.50 -18.52
CA VAL B 531 71.64 -37.43 -18.08
C VAL B 531 70.59 -37.66 -19.18
N SER B 532 70.89 -37.25 -20.42
CA SER B 532 69.99 -37.46 -21.56
C SER B 532 68.63 -36.80 -21.31
N LEU B 533 68.67 -35.49 -21.12
CA LEU B 533 67.46 -34.68 -20.97
C LEU B 533 67.45 -33.61 -22.05
N ARG B 534 66.33 -33.49 -22.76
CA ARG B 534 66.20 -32.54 -23.85
C ARG B 534 65.47 -31.31 -23.32
N LEU B 535 66.11 -30.14 -23.42
CA LEU B 535 65.53 -28.91 -22.92
C LEU B 535 64.46 -28.44 -23.89
N VAL B 536 63.22 -28.33 -23.40
CA VAL B 536 62.10 -27.90 -24.24
C VAL B 536 61.52 -26.56 -23.80
N GLY B 537 61.88 -26.07 -22.62
CA GLY B 537 61.38 -24.79 -22.16
C GLY B 537 62.48 -24.03 -21.44
N LEU B 538 62.42 -22.70 -21.56
CA LEU B 538 63.40 -21.82 -20.94
C LEU B 538 62.70 -20.52 -20.56
N LYS B 539 62.54 -20.30 -19.26
CA LYS B 539 61.96 -19.07 -18.73
C LYS B 539 62.99 -18.43 -17.81
N LYS B 540 63.60 -17.35 -18.28
CA LYS B 540 64.67 -16.67 -17.54
C LYS B 540 64.19 -15.29 -17.11
N SER B 541 64.46 -14.96 -15.84
CA SER B 541 64.12 -13.64 -15.31
C SER B 541 65.26 -12.66 -15.58
N PHE B 542 65.03 -11.41 -15.18
CA PHE B 542 66.04 -10.38 -15.32
C PHE B 542 67.14 -10.52 -14.27
N TYR B 543 66.84 -11.08 -13.11
CA TYR B 543 67.82 -11.20 -12.03
C TYR B 543 68.47 -12.58 -11.97
N GLY B 544 68.18 -13.47 -12.92
CA GLY B 544 68.91 -14.70 -13.09
C GLY B 544 68.14 -15.97 -12.76
N SER B 545 67.09 -15.89 -11.95
CA SER B 545 66.33 -17.08 -11.61
C SER B 545 65.65 -17.64 -12.84
N THR B 546 65.73 -18.97 -13.01
CA THR B 546 65.32 -19.62 -14.23
C THR B 546 64.53 -20.90 -13.93
N LEU B 547 63.47 -21.10 -14.71
CA LEU B 547 62.69 -22.34 -14.69
C LEU B 547 63.11 -23.18 -15.89
N PHE B 548 63.83 -24.27 -15.64
CA PHE B 548 64.26 -25.18 -16.69
C PHE B 548 63.23 -26.29 -16.87
N LEU B 549 62.79 -26.48 -18.11
CA LEU B 549 61.85 -27.54 -18.47
C LEU B 549 62.58 -28.51 -19.40
N CYS B 550 62.70 -29.76 -18.97
CA CYS B 550 63.37 -30.80 -19.72
C CYS B 550 62.45 -31.99 -19.91
N ARG B 551 62.74 -32.80 -20.91
CA ARG B 551 61.96 -33.99 -21.21
C ARG B 551 62.88 -35.18 -21.40
N ARG B 552 62.39 -36.35 -20.99
CA ARG B 552 63.11 -37.59 -21.24
C ARG B 552 62.78 -38.09 -22.63
N PRO B 553 63.76 -38.21 -23.53
CA PRO B 553 63.45 -38.65 -24.89
C PRO B 553 62.87 -40.06 -24.92
N THR B 554 61.95 -40.28 -25.85
CA THR B 554 61.32 -41.58 -26.03
C THR B 554 61.70 -42.16 -27.37
N PRO B 555 62.21 -43.40 -27.40
CA PRO B 555 62.60 -44.00 -28.68
C PRO B 555 61.42 -44.09 -29.64
N GLN B 556 61.54 -43.39 -30.77
CA GLN B 556 60.49 -43.35 -31.78
C GLN B 556 61.08 -43.71 -33.14
N ASP B 557 60.22 -44.27 -33.99
CA ASP B 557 60.63 -44.66 -35.33
C ASP B 557 60.65 -43.42 -36.24
N SER B 558 60.78 -43.64 -37.54
CA SER B 558 60.81 -42.53 -38.48
C SER B 558 59.45 -41.84 -38.51
N PRO B 559 59.36 -40.55 -38.24
CA PRO B 559 58.06 -39.88 -38.25
C PRO B 559 57.50 -39.75 -39.66
N ILE B 560 56.18 -39.68 -39.73
CA ILE B 560 55.45 -39.50 -40.98
C ILE B 560 54.99 -38.06 -41.03
N PHE B 561 55.45 -37.31 -42.03
CA PHE B 561 55.14 -35.90 -42.14
C PHE B 561 53.90 -35.72 -43.00
N LEU B 562 52.81 -35.27 -42.37
CA LEU B 562 51.54 -35.07 -43.05
C LEU B 562 51.26 -33.58 -43.18
N PRO B 563 51.19 -33.02 -44.38
CA PRO B 563 50.86 -31.59 -44.53
C PRO B 563 49.34 -31.38 -44.47
N VAL B 564 48.90 -30.63 -43.48
CA VAL B 564 47.48 -30.36 -43.29
C VAL B 564 47.11 -28.95 -43.77
N ASP B 565 47.91 -28.37 -44.64
CA ASP B 565 47.67 -27.02 -45.15
C ASP B 565 46.85 -27.01 -46.42
N ASP B 566 46.41 -28.17 -46.91
CA ASP B 566 45.61 -28.22 -48.12
C ASP B 566 44.25 -27.58 -47.90
N THR B 567 43.85 -26.68 -48.81
CA THR B 567 42.56 -26.02 -48.69
C THR B 567 41.41 -26.96 -49.02
N SER B 568 41.69 -28.01 -49.78
CA SER B 568 40.65 -28.99 -50.14
C SER B 568 40.35 -29.97 -49.02
N PHE B 569 41.12 -29.94 -47.93
CA PHE B 569 40.94 -30.86 -46.80
C PHE B 569 41.02 -32.31 -47.26
N ARG B 570 41.88 -32.58 -48.24
CA ARG B 570 42.13 -33.94 -48.68
C ARG B 570 43.10 -34.67 -47.76
N TRP B 571 43.81 -33.95 -46.89
CA TRP B 571 44.74 -34.60 -45.97
C TRP B 571 44.03 -35.34 -44.86
N VAL B 572 42.73 -35.10 -44.66
CA VAL B 572 42.01 -35.80 -43.60
C VAL B 572 41.89 -37.29 -43.91
N GLU B 573 41.78 -37.66 -45.18
CA GLU B 573 41.75 -39.08 -45.54
C GLU B 573 43.08 -39.75 -45.20
N SER B 574 44.19 -39.10 -45.51
CA SER B 574 45.50 -39.65 -45.16
C SER B 574 45.67 -39.72 -43.64
N LEU B 575 45.17 -38.72 -42.92
CA LEU B 575 45.23 -38.73 -41.47
C LEU B 575 44.42 -39.89 -40.90
N LYS B 576 43.23 -40.13 -41.45
CA LYS B 576 42.43 -41.28 -41.03
C LYS B 576 43.15 -42.59 -41.33
N GLY B 577 43.77 -42.69 -42.50
CA GLY B 577 44.47 -43.90 -42.86
C GLY B 577 45.65 -44.20 -41.95
N ILE B 578 46.46 -43.18 -41.65
CA ILE B 578 47.63 -43.38 -40.80
C ILE B 578 47.18 -43.66 -39.37
N LEU B 579 46.10 -43.03 -38.92
CA LEU B 579 45.59 -43.27 -37.57
C LEU B 579 44.64 -44.46 -37.50
N ALA B 580 44.36 -45.12 -38.63
CA ALA B 580 43.48 -46.28 -38.62
C ALA B 580 44.10 -47.49 -37.93
N ASP B 581 45.42 -47.54 -37.81
CA ASP B 581 46.11 -48.67 -37.20
C ASP B 581 46.41 -48.35 -35.74
N GLU B 582 46.34 -49.38 -34.89
CA GLU B 582 46.60 -49.22 -33.46
C GLU B 582 47.91 -49.86 -33.02
N ASP B 583 48.40 -50.86 -33.75
CA ASP B 583 49.63 -51.53 -33.35
C ASP B 583 50.84 -50.62 -33.49
N SER B 584 50.97 -49.96 -34.64
CA SER B 584 52.12 -49.09 -34.87
C SER B 584 52.00 -47.82 -34.04
N SER B 585 53.11 -47.43 -33.40
CA SER B 585 53.16 -46.25 -32.57
C SER B 585 54.12 -45.20 -33.13
N ARG B 586 54.40 -45.24 -34.43
CA ARG B 586 55.32 -44.29 -35.03
C ARG B 586 54.72 -42.89 -35.01
N PRO B 587 55.48 -41.88 -34.60
CA PRO B 587 54.92 -40.52 -34.49
C PRO B 587 54.52 -39.97 -35.85
N VAL B 588 53.46 -39.16 -35.84
CA VAL B 588 52.94 -38.51 -37.04
C VAL B 588 53.02 -37.01 -36.82
N TRP B 589 53.82 -36.33 -37.62
CA TRP B 589 54.05 -34.91 -37.47
C TRP B 589 53.18 -34.16 -38.47
N LEU B 590 52.21 -33.40 -37.98
CA LEU B 590 51.42 -32.54 -38.85
C LEU B 590 52.18 -31.25 -39.13
N LYS B 591 52.12 -30.82 -40.40
CA LYS B 591 52.88 -29.66 -40.82
C LYS B 591 51.96 -28.68 -41.53
N ALA B 592 52.14 -27.39 -41.21
CA ALA B 592 51.33 -26.30 -41.73
C ALA B 592 52.22 -25.14 -42.18
N ILE B 593 53.24 -25.45 -42.98
CA ILE B 593 54.19 -24.42 -43.41
C ILE B 593 53.48 -23.30 -44.14
N ASN B 594 52.61 -23.65 -45.08
CA ASN B 594 51.79 -22.66 -45.76
C ASN B 594 50.49 -22.48 -44.98
N CYS B 595 49.70 -21.47 -45.39
CA CYS B 595 48.41 -21.16 -44.77
C CYS B 595 48.60 -20.89 -43.26
N ALA B 596 49.28 -19.77 -43.00
CA ALA B 596 49.64 -19.42 -41.63
C ALA B 596 48.42 -19.33 -40.72
N THR B 597 47.24 -19.05 -41.28
CA THR B 597 45.99 -19.05 -40.51
C THR B 597 45.40 -20.45 -40.48
N SER B 598 46.22 -21.40 -40.07
CA SER B 598 45.83 -22.81 -40.02
C SER B 598 45.25 -23.13 -38.64
N GLY B 599 44.24 -23.99 -38.63
CA GLY B 599 43.59 -24.38 -37.40
C GLY B 599 44.13 -25.67 -36.83
N VAL B 600 45.38 -26.00 -37.16
CA VAL B 600 45.96 -27.26 -36.75
C VAL B 600 46.07 -27.39 -35.24
N VAL B 601 46.13 -26.27 -34.52
CA VAL B 601 46.27 -26.33 -33.06
C VAL B 601 45.02 -26.93 -32.45
N GLY B 602 43.85 -26.45 -32.84
CA GLY B 602 42.61 -27.00 -32.32
C GLY B 602 42.40 -28.45 -32.73
N LEU B 603 42.75 -28.78 -33.97
CA LEU B 603 42.61 -30.15 -34.44
C LEU B 603 43.49 -31.09 -33.61
N VAL B 604 44.73 -30.70 -33.37
CA VAL B 604 45.63 -31.53 -32.59
C VAL B 604 45.12 -31.65 -31.15
N ASN B 605 44.68 -30.54 -30.56
CA ASN B 605 44.18 -30.57 -29.19
C ASN B 605 42.97 -31.49 -29.09
N CYS B 606 42.13 -31.53 -30.12
CA CYS B 606 40.97 -32.41 -30.10
C CYS B 606 41.34 -33.87 -30.34
N LEU B 607 42.36 -34.12 -31.16
CA LEU B 607 42.76 -35.49 -31.46
C LEU B 607 43.52 -36.14 -30.31
N ARG B 608 44.08 -35.34 -29.39
CA ARG B 608 44.90 -35.91 -28.32
C ARG B 608 44.10 -36.85 -27.43
N ARG B 609 42.88 -36.45 -27.07
CA ARG B 609 42.06 -37.26 -26.18
C ARG B 609 41.17 -38.25 -26.92
N GLU B 610 41.26 -38.31 -28.25
CA GLU B 610 40.57 -39.34 -28.99
C GLU B 610 41.23 -40.69 -28.74
N PRO B 611 40.48 -41.79 -28.82
CA PRO B 611 41.09 -43.11 -28.58
C PRO B 611 42.19 -43.45 -29.55
N GLY B 612 42.13 -42.93 -30.78
CA GLY B 612 43.23 -43.10 -31.72
C GLY B 612 44.11 -41.86 -31.79
N GLY B 613 45.32 -41.96 -31.27
CA GLY B 613 46.26 -40.85 -31.28
C GLY B 613 46.66 -40.32 -29.91
N ASN B 614 46.20 -40.93 -28.82
CA ASN B 614 46.62 -40.48 -27.50
C ASN B 614 48.11 -40.62 -27.31
N ARG B 615 48.68 -41.76 -27.74
CA ARG B 615 50.11 -41.98 -27.72
C ARG B 615 50.71 -42.14 -29.10
N LEU B 616 49.92 -42.00 -30.16
CA LEU B 616 50.43 -42.10 -31.52
C LEU B 616 51.09 -40.81 -31.98
N ARG B 617 51.21 -39.82 -31.09
CA ARG B 617 52.00 -38.61 -31.31
C ARG B 617 51.45 -37.80 -32.49
N CYS B 618 50.17 -37.41 -32.38
CA CYS B 618 49.56 -36.51 -33.34
C CYS B 618 50.06 -35.10 -33.04
N VAL B 619 51.28 -34.84 -33.47
CA VAL B 619 51.99 -33.59 -33.18
C VAL B 619 51.97 -32.71 -34.42
N LEU B 620 51.89 -31.40 -34.21
CA LEU B 620 51.74 -30.43 -35.28
C LEU B 620 53.02 -29.62 -35.47
N LEU B 621 53.06 -28.91 -36.60
CA LEU B 621 54.13 -27.97 -36.90
C LEU B 621 53.50 -26.84 -37.71
N SER B 622 53.25 -25.71 -37.04
CA SER B 622 52.61 -24.56 -37.65
C SER B 622 53.60 -23.41 -37.77
N ASN B 623 53.52 -22.67 -38.87
CA ASN B 623 54.35 -21.50 -39.12
C ASN B 623 53.41 -20.32 -39.30
N LEU B 624 53.05 -19.67 -38.19
CA LEU B 624 52.07 -18.58 -38.21
C LEU B 624 52.84 -17.28 -38.00
N SER B 625 53.27 -16.67 -39.10
CA SER B 625 54.02 -15.41 -39.06
C SER B 625 53.01 -14.26 -39.03
N SER B 626 52.97 -13.54 -37.91
CA SER B 626 52.04 -12.42 -37.79
C SER B 626 52.41 -11.25 -38.69
N THR B 627 53.65 -11.21 -39.20
CA THR B 627 54.08 -10.17 -40.11
C THR B 627 54.82 -10.81 -41.29
N SER B 628 54.78 -10.12 -42.43
CA SER B 628 55.47 -10.62 -43.61
C SER B 628 56.96 -10.32 -43.59
N HIS B 629 57.38 -9.37 -42.75
CA HIS B 629 58.81 -9.03 -42.68
C HIS B 629 59.64 -10.19 -42.14
N VAL B 630 59.11 -10.91 -41.16
CA VAL B 630 59.86 -12.02 -40.57
C VAL B 630 59.95 -13.16 -41.57
N PRO B 631 61.14 -13.66 -41.89
CA PRO B 631 61.23 -14.79 -42.83
C PRO B 631 60.68 -16.07 -42.21
N GLU B 632 60.17 -16.93 -43.08
CA GLU B 632 59.62 -18.20 -42.64
C GLU B 632 60.74 -19.21 -42.41
N VAL B 633 60.39 -20.33 -41.78
CA VAL B 633 61.33 -21.41 -41.48
C VAL B 633 61.18 -22.46 -42.56
N ASP B 634 62.26 -22.72 -43.29
CA ASP B 634 62.23 -23.70 -44.37
C ASP B 634 62.06 -25.11 -43.80
N PRO B 635 61.32 -25.98 -44.48
CA PRO B 635 61.18 -27.35 -44.02
C PRO B 635 62.38 -28.20 -44.42
N GLY B 636 62.48 -29.37 -43.80
CA GLY B 636 63.60 -30.27 -44.06
C GLY B 636 64.94 -29.69 -43.66
N SER B 637 65.00 -29.03 -42.51
CA SER B 637 66.23 -28.38 -42.06
C SER B 637 66.48 -28.66 -40.59
N ALA B 638 67.43 -27.94 -39.99
CA ALA B 638 67.77 -28.17 -38.59
C ALA B 638 66.67 -27.73 -37.63
N GLU B 639 65.79 -26.82 -38.06
CA GLU B 639 64.68 -26.41 -37.20
C GLU B 639 63.72 -27.56 -36.94
N LEU B 640 63.38 -28.30 -38.00
CA LEU B 640 62.52 -29.47 -37.82
C LEU B 640 63.21 -30.55 -37.01
N GLN B 641 64.53 -30.71 -37.19
CA GLN B 641 65.27 -31.67 -36.38
C GLN B 641 65.22 -31.29 -34.89
N LYS B 642 65.39 -30.00 -34.59
CA LYS B 642 65.30 -29.55 -33.21
C LYS B 642 63.89 -29.75 -32.65
N VAL B 643 62.87 -29.51 -33.48
CA VAL B 643 61.49 -29.71 -33.03
C VAL B 643 61.26 -31.19 -32.71
N LEU B 644 61.74 -32.09 -33.58
CA LEU B 644 61.61 -33.51 -33.32
C LEU B 644 62.37 -33.92 -32.06
N GLN B 645 63.56 -33.35 -31.85
CA GLN B 645 64.32 -33.64 -30.64
C GLN B 645 63.55 -33.21 -29.40
N GLY B 646 62.95 -32.02 -29.44
CA GLY B 646 62.09 -31.61 -28.33
C GLY B 646 60.83 -32.45 -28.24
N ASP B 647 60.24 -32.81 -29.38
CA ASP B 647 59.06 -33.65 -29.46
C ASP B 647 57.87 -33.04 -28.71
N LEU B 648 57.79 -31.72 -28.66
CA LEU B 648 56.67 -31.04 -28.05
C LEU B 648 55.45 -31.14 -28.95
N VAL B 649 54.29 -31.42 -28.34
CA VAL B 649 53.07 -31.62 -29.12
C VAL B 649 52.69 -30.35 -29.86
N MET B 650 52.75 -29.21 -29.17
CA MET B 650 52.42 -27.93 -29.77
C MET B 650 53.72 -27.20 -30.10
N ASN B 651 53.96 -27.00 -31.39
CA ASN B 651 55.17 -26.31 -31.85
C ASN B 651 54.77 -25.34 -32.95
N VAL B 652 54.76 -24.04 -32.63
CA VAL B 652 54.40 -23.00 -33.58
C VAL B 652 55.53 -22.00 -33.70
N TYR B 653 55.81 -21.59 -34.92
CA TYR B 653 56.82 -20.59 -35.23
C TYR B 653 56.10 -19.28 -35.51
N ARG B 654 56.34 -18.27 -34.66
CA ARG B 654 55.66 -16.98 -34.75
C ARG B 654 56.72 -15.88 -34.63
N ASP B 655 56.94 -15.16 -35.72
CA ASP B 655 57.79 -13.97 -35.75
C ASP B 655 59.18 -14.25 -35.19
N GLY B 656 59.72 -15.40 -35.58
CA GLY B 656 61.06 -15.76 -35.17
C GLY B 656 61.12 -16.61 -33.92
N ALA B 657 60.05 -16.60 -33.13
CA ALA B 657 60.03 -17.35 -31.89
C ALA B 657 59.44 -18.74 -32.10
N TRP B 658 59.92 -19.70 -31.31
CA TRP B 658 59.39 -21.05 -31.30
C TRP B 658 58.67 -21.28 -29.97
N GLY B 659 57.39 -21.65 -30.04
CA GLY B 659 56.64 -21.83 -28.82
C GLY B 659 55.29 -22.51 -29.00
N ALA B 660 54.31 -22.10 -28.21
CA ALA B 660 52.99 -22.71 -28.26
C ALA B 660 51.96 -21.73 -27.74
N PHE B 661 50.70 -22.00 -28.07
CA PHE B 661 49.58 -21.21 -27.59
C PHE B 661 49.13 -21.75 -26.24
N ARG B 662 49.14 -20.89 -25.22
CA ARG B 662 48.83 -21.30 -23.86
C ARG B 662 47.80 -20.35 -23.25
N HIS B 663 47.10 -20.88 -22.25
CA HIS B 663 46.13 -20.11 -21.47
C HIS B 663 46.83 -19.45 -20.29
N PHE B 664 46.41 -18.23 -19.97
CA PHE B 664 46.89 -17.53 -18.79
C PHE B 664 45.71 -16.91 -18.05
N LEU B 665 45.81 -16.86 -16.73
CA LEU B 665 44.75 -16.27 -15.93
C LEU B 665 44.57 -14.80 -16.28
N LEU B 666 43.32 -14.40 -16.49
CA LEU B 666 43.00 -13.02 -16.81
C LEU B 666 43.05 -12.16 -15.55
N GLU B 667 43.47 -10.91 -15.73
CA GLU B 667 43.51 -9.97 -14.62
C GLU B 667 42.11 -9.72 -14.09
N GLU B 668 41.97 -9.77 -12.76
CA GLU B 668 40.65 -9.63 -12.15
C GLU B 668 40.14 -8.20 -12.20
N ASP B 669 41.03 -7.22 -12.34
CA ASP B 669 40.60 -5.82 -12.36
C ASP B 669 39.82 -5.52 -13.63
N LYS B 670 38.74 -4.75 -13.48
CA LYS B 670 37.98 -4.30 -14.63
C LYS B 670 38.74 -3.20 -15.36
N PRO B 671 38.95 -3.31 -16.67
CA PRO B 671 39.72 -2.29 -17.37
C PRO B 671 39.05 -0.92 -17.30
N GLU B 672 39.85 0.11 -17.18
CA GLU B 672 39.37 1.48 -17.09
C GLU B 672 40.06 2.34 -18.13
N GLU B 673 39.35 3.34 -18.62
CA GLU B 673 39.86 4.25 -19.63
C GLU B 673 39.56 5.69 -19.23
N PRO B 674 40.36 6.64 -19.73
CA PRO B 674 40.05 8.07 -19.50
C PRO B 674 38.95 8.53 -20.45
N THR B 675 37.81 8.90 -19.87
CA THR B 675 36.66 9.32 -20.65
C THR B 675 36.10 10.61 -20.09
N ALA B 676 35.48 11.41 -20.97
CA ALA B 676 34.76 12.59 -20.56
C ALA B 676 33.29 12.32 -20.27
N HIS B 677 32.83 11.09 -20.51
CA HIS B 677 31.44 10.70 -20.29
C HIS B 677 31.42 9.42 -19.47
N ALA B 678 30.93 9.51 -18.23
CA ALA B 678 30.82 8.37 -17.36
C ALA B 678 29.69 8.60 -16.37
N PHE B 679 29.18 7.51 -15.80
CA PHE B 679 28.12 7.57 -14.80
C PHE B 679 28.53 6.74 -13.60
N VAL B 680 27.70 6.77 -12.56
CA VAL B 680 27.96 6.07 -11.32
C VAL B 680 27.03 4.87 -11.23
N SER B 681 27.60 3.68 -11.04
CA SER B 681 26.82 2.46 -11.04
C SER B 681 27.27 1.56 -9.90
N THR B 682 26.31 0.80 -9.36
CA THR B 682 26.60 -0.28 -8.42
C THR B 682 26.82 -1.54 -9.23
N LEU B 683 28.07 -2.00 -9.29
CA LEU B 683 28.39 -3.19 -10.07
C LEU B 683 27.65 -4.41 -9.53
N THR B 684 27.60 -4.55 -8.22
CA THR B 684 26.80 -5.58 -7.56
C THR B 684 25.68 -4.91 -6.79
N ARG B 685 24.45 -5.33 -7.05
CA ARG B 685 23.29 -4.69 -6.46
C ARG B 685 23.32 -4.78 -4.94
N GLY B 686 23.03 -3.66 -4.28
CA GLY B 686 22.95 -3.63 -2.83
C GLY B 686 24.24 -3.36 -2.11
N ASP B 687 25.36 -3.26 -2.80
CA ASP B 687 26.66 -3.05 -2.18
C ASP B 687 27.11 -1.62 -2.44
N LEU B 688 27.11 -0.80 -1.38
CA LEU B 688 27.56 0.58 -1.52
C LEU B 688 29.06 0.66 -1.76
N SER B 689 29.81 -0.38 -1.41
CA SER B 689 31.24 -0.43 -1.71
C SER B 689 31.52 -0.81 -3.16
N SER B 690 30.52 -1.26 -3.89
CA SER B 690 30.66 -1.64 -5.29
C SER B 690 30.40 -0.45 -6.23
N ILE B 691 30.21 0.74 -5.68
CA ILE B 691 29.91 1.91 -6.48
C ILE B 691 31.15 2.36 -7.23
N ARG B 692 31.03 2.51 -8.55
CA ARG B 692 32.17 2.88 -9.37
C ARG B 692 31.69 3.68 -10.57
N TRP B 693 32.64 4.40 -11.18
CA TRP B 693 32.39 5.15 -12.40
C TRP B 693 32.54 4.22 -13.60
N VAL B 694 31.46 4.07 -14.37
CA VAL B 694 31.43 3.22 -15.55
C VAL B 694 31.21 4.10 -16.77
N CYS B 695 31.90 3.78 -17.86
CA CYS B 695 31.75 4.55 -19.10
C CYS B 695 30.30 4.53 -19.56
N SER B 696 29.79 5.71 -19.92
CA SER B 696 28.39 5.85 -20.31
C SER B 696 28.24 5.76 -21.81
N SER B 697 26.99 5.66 -22.25
CA SER B 697 26.66 5.57 -23.66
C SER B 697 26.59 6.93 -24.33
N LEU B 698 26.81 8.01 -23.59
CA LEU B 698 26.71 9.36 -24.13
C LEU B 698 27.97 9.79 -24.89
N ARG B 699 29.03 8.99 -24.84
CA ARG B 699 30.27 9.32 -25.55
C ARG B 699 30.29 8.74 -26.96
N HIS B 700 30.10 7.41 -27.09
CA HIS B 700 30.13 6.79 -28.40
C HIS B 700 28.98 7.28 -29.28
N ALA B 701 27.81 7.47 -28.68
CA ALA B 701 26.64 7.99 -29.38
C ALA B 701 26.30 9.35 -28.80
N GLN B 702 26.32 10.39 -29.64
CA GLN B 702 26.01 11.76 -29.24
C GLN B 702 25.02 12.34 -30.24
N PRO B 703 23.75 11.91 -30.18
CA PRO B 703 22.74 12.45 -31.12
C PRO B 703 22.23 13.81 -30.68
N THR B 704 23.06 14.83 -30.89
CA THR B 704 22.72 16.21 -30.51
C THR B 704 21.70 16.74 -31.50
N CYS B 705 20.42 16.66 -31.13
CA CYS B 705 19.32 17.11 -31.97
C CYS B 705 18.36 17.91 -31.12
N PRO B 706 17.55 18.77 -31.73
CA PRO B 706 16.55 19.51 -30.96
C PRO B 706 15.61 18.56 -30.22
N GLY B 707 15.22 18.96 -29.01
CA GLY B 707 14.49 18.10 -28.10
C GLY B 707 15.35 17.33 -27.14
N ALA B 708 16.67 17.38 -27.29
CA ALA B 708 17.59 16.77 -26.34
C ALA B 708 18.84 17.63 -26.28
N GLN B 709 19.51 17.59 -25.13
CA GLN B 709 20.67 18.42 -24.92
C GLN B 709 21.69 17.68 -24.08
N LEU B 710 22.96 17.78 -24.47
CA LEU B 710 24.07 17.14 -23.75
C LEU B 710 24.63 18.19 -22.80
N CYS B 711 24.30 18.05 -21.52
CA CYS B 711 24.73 19.00 -20.49
C CYS B 711 25.83 18.37 -19.66
N THR B 712 26.92 19.13 -19.47
CA THR B 712 28.01 18.70 -18.61
C THR B 712 27.57 18.84 -17.15
N VAL B 713 27.71 17.78 -16.38
CA VAL B 713 27.28 17.77 -14.98
C VAL B 713 28.45 18.22 -14.11
N TYR B 714 28.25 19.29 -13.35
CA TYR B 714 29.24 19.76 -12.40
C TYR B 714 28.95 19.29 -10.99
N TYR B 715 27.70 19.32 -10.58
CA TYR B 715 27.26 18.82 -9.28
C TYR B 715 25.98 18.02 -9.49
N ALA B 716 25.94 16.81 -8.94
CA ALA B 716 24.76 15.96 -9.01
C ALA B 716 24.38 15.52 -7.61
N SER B 717 23.14 15.78 -7.22
CA SER B 717 22.73 15.49 -5.85
C SER B 717 22.17 14.09 -5.73
N LEU B 718 22.30 13.53 -4.53
CA LEU B 718 21.75 12.23 -4.22
C LEU B 718 20.40 12.39 -3.54
N ASN B 719 19.44 11.58 -3.95
CA ASN B 719 18.11 11.58 -3.37
C ASN B 719 17.87 10.27 -2.65
N PHE B 720 16.70 10.18 -2.01
CA PHE B 720 16.33 8.95 -1.33
C PHE B 720 16.25 7.79 -2.31
N ARG B 721 15.65 8.04 -3.48
CA ARG B 721 15.50 6.98 -4.48
C ARG B 721 16.84 6.43 -4.93
N ASP B 722 17.88 7.26 -4.97
CA ASP B 722 19.19 6.80 -5.42
C ASP B 722 19.73 5.71 -4.52
N ILE B 723 19.58 5.88 -3.20
CA ILE B 723 20.12 4.90 -2.27
C ILE B 723 19.14 3.75 -2.03
N MET B 724 17.83 3.98 -2.22
CA MET B 724 16.94 2.83 -2.33
C MET B 724 17.30 1.95 -3.52
N LEU B 725 17.83 2.55 -4.59
CA LEU B 725 18.36 1.76 -5.70
C LEU B 725 19.69 1.12 -5.35
N ALA B 726 20.58 1.88 -4.71
CA ALA B 726 21.95 1.42 -4.51
C ALA B 726 22.06 0.36 -3.42
N THR B 727 21.16 0.37 -2.44
CA THR B 727 21.15 -0.63 -1.40
C THR B 727 20.23 -1.81 -1.71
N GLY B 728 19.62 -1.83 -2.90
CA GLY B 728 18.78 -2.93 -3.30
C GLY B 728 17.38 -2.90 -2.72
N LYS B 729 17.03 -1.88 -1.93
CA LYS B 729 15.69 -1.81 -1.36
C LYS B 729 14.65 -1.51 -2.41
N LEU B 730 15.03 -0.87 -3.51
CA LEU B 730 14.12 -0.54 -4.60
C LEU B 730 14.62 -1.19 -5.88
N SER B 731 13.74 -1.94 -6.54
CA SER B 731 14.12 -2.56 -7.81
C SER B 731 14.25 -1.49 -8.89
N PRO B 732 15.28 -1.57 -9.73
CA PRO B 732 15.43 -0.57 -10.80
C PRO B 732 14.27 -0.54 -11.77
N ASP B 733 13.63 -1.68 -12.04
CA ASP B 733 12.51 -1.70 -12.98
C ASP B 733 11.28 -1.03 -12.41
N ALA B 734 11.20 -0.85 -11.09
CA ALA B 734 10.07 -0.14 -10.50
C ALA B 734 10.03 1.33 -10.92
N ILE B 735 11.16 1.88 -11.35
CA ILE B 735 11.19 3.24 -11.86
C ILE B 735 10.49 3.29 -13.21
N PRO B 736 9.51 4.16 -13.42
CA PRO B 736 8.83 4.23 -14.72
C PRO B 736 9.78 4.70 -15.81
N GLY B 737 9.56 4.18 -17.01
CA GLY B 737 10.40 4.52 -18.14
C GLY B 737 10.96 3.31 -18.84
N LYS B 738 11.46 3.49 -20.05
CA LYS B 738 12.05 2.40 -20.83
C LYS B 738 13.53 2.29 -20.44
N TRP B 739 13.82 1.45 -19.46
CA TRP B 739 15.16 1.27 -18.93
C TRP B 739 15.60 -0.17 -19.15
N THR B 740 16.83 -0.35 -19.61
CA THR B 740 17.39 -1.67 -19.80
C THR B 740 17.84 -2.25 -18.46
N SER B 741 18.26 -3.52 -18.49
CA SER B 741 18.72 -4.18 -17.28
C SER B 741 20.19 -3.89 -16.97
N GLN B 742 20.88 -3.15 -17.83
CA GLN B 742 22.30 -2.87 -17.64
C GLN B 742 22.57 -1.46 -17.13
N ASP B 743 21.79 -0.47 -17.58
CA ASP B 743 22.05 0.91 -17.21
C ASP B 743 21.70 1.15 -15.74
N SER B 744 22.43 2.08 -15.13
CA SER B 744 22.15 2.50 -13.77
C SER B 744 21.23 3.71 -13.76
N LEU B 745 20.35 3.76 -12.78
CA LEU B 745 19.35 4.81 -12.67
C LEU B 745 19.63 5.76 -11.50
N LEU B 746 20.90 5.99 -11.19
CA LEU B 746 21.27 6.81 -10.06
C LEU B 746 21.25 8.29 -10.43
N GLY B 747 20.55 9.08 -9.62
CA GLY B 747 20.49 10.52 -9.84
C GLY B 747 19.27 10.98 -10.61
N MET B 748 18.45 11.80 -9.98
CA MET B 748 17.28 12.38 -10.64
C MET B 748 17.43 13.85 -10.97
N GLU B 749 18.51 14.49 -10.53
CA GLU B 749 18.69 15.91 -10.80
C GLU B 749 20.17 16.23 -10.79
N PHE B 750 20.51 17.38 -11.36
CA PHE B 750 21.90 17.77 -11.52
C PHE B 750 21.98 19.28 -11.70
N SER B 751 23.21 19.78 -11.64
CA SER B 751 23.53 21.13 -12.08
C SER B 751 24.80 21.07 -12.90
N GLY B 752 25.09 22.14 -13.62
CA GLY B 752 26.29 22.17 -14.43
C GLY B 752 26.23 23.16 -15.56
N ARG B 753 26.91 22.85 -16.66
CA ARG B 753 26.93 23.69 -17.84
C ARG B 753 26.05 23.09 -18.93
N ASP B 754 25.95 23.80 -20.04
CA ASP B 754 25.14 23.38 -21.18
C ASP B 754 26.04 23.27 -22.40
N ALA B 755 25.42 22.96 -23.55
CA ALA B 755 26.17 22.94 -24.80
C ALA B 755 26.72 24.32 -25.11
N SER B 756 25.92 25.37 -24.89
CA SER B 756 26.38 26.74 -25.07
C SER B 756 27.25 27.22 -23.90
N GLY B 757 27.33 26.45 -22.82
CA GLY B 757 28.15 26.81 -21.68
C GLY B 757 27.45 27.57 -20.58
N LYS B 758 26.16 27.86 -20.72
CA LYS B 758 25.43 28.56 -19.68
C LYS B 758 25.24 27.66 -18.47
N ARG B 759 25.25 28.27 -17.29
CA ARG B 759 25.04 27.53 -16.05
C ARG B 759 23.57 27.16 -15.92
N VAL B 760 23.29 25.86 -15.95
CA VAL B 760 21.93 25.34 -15.90
C VAL B 760 21.83 24.32 -14.78
N MET B 761 20.60 23.99 -14.42
CA MET B 761 20.31 22.87 -13.54
C MET B 761 19.12 22.14 -14.11
N GLY B 762 19.02 20.84 -13.82
CA GLY B 762 18.10 19.99 -14.54
C GLY B 762 17.54 18.87 -13.69
N LEU B 763 16.39 18.38 -14.13
CA LEU B 763 15.67 17.28 -13.51
C LEU B 763 15.57 16.16 -14.54
N VAL B 764 15.98 14.95 -14.15
CA VAL B 764 15.99 13.82 -15.07
C VAL B 764 15.29 12.63 -14.44
N PRO B 765 14.67 11.74 -15.22
CA PRO B 765 14.09 10.53 -14.62
C PRO B 765 15.13 9.63 -13.98
N ALA B 766 16.33 9.58 -14.54
CA ALA B 766 17.40 8.72 -14.06
C ALA B 766 18.69 9.16 -14.72
N LYS B 767 19.79 8.51 -14.35
CA LYS B 767 21.11 8.72 -14.94
C LYS B 767 21.62 10.14 -14.73
N GLY B 768 21.07 10.86 -13.75
CA GLY B 768 21.55 12.20 -13.46
C GLY B 768 22.91 12.23 -12.78
N LEU B 769 23.28 11.15 -12.11
CA LEU B 769 24.59 11.04 -11.46
C LEU B 769 25.58 10.54 -12.50
N ALA B 770 26.15 11.49 -13.24
CA ALA B 770 27.07 11.18 -14.32
C ALA B 770 27.91 12.42 -14.60
N THR B 771 28.89 12.26 -15.50
CA THR B 771 29.66 13.40 -15.95
C THR B 771 28.90 14.25 -16.95
N SER B 772 28.10 13.62 -17.81
CA SER B 772 27.26 14.31 -18.76
C SER B 772 25.89 13.65 -18.77
N VAL B 773 24.87 14.44 -19.12
CA VAL B 773 23.51 13.93 -19.12
C VAL B 773 22.75 14.47 -20.32
N LEU B 774 21.86 13.65 -20.86
CA LEU B 774 21.08 13.96 -22.04
C LEU B 774 19.63 14.17 -21.62
N LEU B 775 19.16 15.41 -21.68
CA LEU B 775 17.80 15.73 -21.24
C LEU B 775 17.19 16.74 -22.21
N SER B 776 15.87 16.76 -22.25
CA SER B 776 15.16 17.79 -22.99
C SER B 776 15.26 19.12 -22.25
N PRO B 777 15.28 20.24 -22.98
CA PRO B 777 15.27 21.56 -22.31
C PRO B 777 13.99 21.82 -21.53
N ASP B 778 12.97 20.98 -21.67
CA ASP B 778 11.76 21.12 -20.88
C ASP B 778 12.03 20.93 -19.40
N PHE B 779 13.16 20.30 -19.05
CA PHE B 779 13.53 20.02 -17.68
C PHE B 779 14.79 20.77 -17.28
N LEU B 780 14.95 21.99 -17.76
CA LEU B 780 16.13 22.80 -17.49
C LEU B 780 15.71 24.15 -16.94
N TRP B 781 16.39 24.59 -15.89
CA TRP B 781 16.27 25.95 -15.38
C TRP B 781 17.64 26.61 -15.44
N ASP B 782 17.62 27.94 -15.61
CA ASP B 782 18.86 28.70 -15.60
C ASP B 782 19.25 29.00 -14.16
N VAL B 783 20.51 28.72 -13.82
CA VAL B 783 21.02 29.02 -12.49
C VAL B 783 21.21 30.53 -12.38
N PRO B 784 20.54 31.20 -11.44
CA PRO B 784 20.72 32.64 -11.30
C PRO B 784 22.13 33.00 -10.86
N SER B 785 22.51 34.24 -11.13
CA SER B 785 23.88 34.67 -10.92
C SER B 785 24.28 34.58 -9.44
N ASN B 786 23.36 34.93 -8.54
CA ASN B 786 23.68 34.88 -7.11
C ASN B 786 23.95 33.46 -6.64
N TRP B 787 23.27 32.48 -7.23
CA TRP B 787 23.46 31.09 -6.83
C TRP B 787 24.82 30.57 -7.28
N THR B 788 25.30 29.55 -6.58
CA THR B 788 26.46 28.77 -7.02
C THR B 788 25.95 27.47 -7.63
N LEU B 789 26.74 26.92 -8.56
CA LEU B 789 26.35 25.67 -9.21
C LEU B 789 26.18 24.55 -8.19
N GLU B 790 26.90 24.61 -7.08
CA GLU B 790 26.75 23.62 -6.03
C GLU B 790 25.37 23.73 -5.37
N GLU B 791 24.95 24.94 -5.03
CA GLU B 791 23.65 25.12 -4.39
C GLU B 791 22.51 24.78 -5.33
N ALA B 792 22.64 25.13 -6.60
CA ALA B 792 21.57 24.89 -7.57
C ALA B 792 21.31 23.40 -7.79
N ALA B 793 22.28 22.55 -7.49
CA ALA B 793 22.14 21.11 -7.68
C ALA B 793 21.26 20.46 -6.63
N SER B 794 20.59 21.24 -5.80
CA SER B 794 19.67 20.72 -4.79
C SER B 794 18.23 21.15 -5.00
N VAL B 795 17.98 22.06 -5.93
CA VAL B 795 16.66 22.65 -6.15
C VAL B 795 15.71 21.76 -6.95
N PRO B 796 16.11 21.18 -8.11
CA PRO B 796 15.10 20.61 -9.02
C PRO B 796 14.12 19.62 -8.40
N VAL B 797 14.60 18.51 -7.84
CA VAL B 797 13.68 17.46 -7.39
C VAL B 797 12.82 17.95 -6.24
N VAL B 798 13.44 18.53 -5.22
CA VAL B 798 12.71 18.86 -4.01
C VAL B 798 11.68 19.96 -4.27
N TYR B 799 12.08 21.01 -4.99
CA TYR B 799 11.16 22.12 -5.22
C TYR B 799 10.11 21.77 -6.27
N SER B 800 10.49 20.98 -7.29
CA SER B 800 9.49 20.53 -8.25
C SER B 800 8.45 19.65 -7.58
N THR B 801 8.87 18.73 -6.70
CA THR B 801 7.91 17.89 -6.00
C THR B 801 7.03 18.71 -5.07
N ALA B 802 7.62 19.67 -4.35
CA ALA B 802 6.84 20.50 -3.46
C ALA B 802 5.82 21.33 -4.21
N TYR B 803 6.21 21.88 -5.36
CA TYR B 803 5.28 22.69 -6.15
C TYR B 803 4.18 21.84 -6.77
N TYR B 804 4.55 20.64 -7.25
CA TYR B 804 3.55 19.77 -7.85
C TYR B 804 2.53 19.29 -6.82
N ALA B 805 3.00 18.92 -5.62
CA ALA B 805 2.09 18.43 -4.60
C ALA B 805 1.27 19.56 -3.97
N LEU B 806 1.91 20.68 -3.67
CA LEU B 806 1.24 21.77 -2.97
C LEU B 806 0.37 22.59 -3.91
N VAL B 807 0.96 23.13 -4.96
CA VAL B 807 0.26 24.10 -5.81
C VAL B 807 -0.55 23.41 -6.90
N VAL B 808 0.06 22.50 -7.65
CA VAL B 808 -0.63 21.88 -8.78
C VAL B 808 -1.76 20.98 -8.30
N ARG B 809 -1.48 20.14 -7.30
CA ARG B 809 -2.44 19.15 -6.85
C ARG B 809 -3.12 19.54 -5.54
N GLY B 810 -2.34 19.97 -4.55
CA GLY B 810 -2.93 20.35 -3.27
C GLY B 810 -3.71 21.65 -3.34
N ARG B 811 -3.33 22.55 -4.24
CA ARG B 811 -3.97 23.85 -4.40
C ARG B 811 -3.94 24.63 -3.09
N VAL B 812 -2.72 24.93 -2.63
CA VAL B 812 -2.52 25.59 -1.34
C VAL B 812 -2.95 27.04 -1.48
N ARG B 813 -4.11 27.36 -0.91
CA ARG B 813 -4.53 28.74 -0.81
C ARG B 813 -3.81 29.42 0.35
N PRO B 814 -3.55 30.72 0.25
CA PRO B 814 -2.83 31.42 1.32
C PRO B 814 -3.59 31.35 2.64
N GLY B 815 -2.84 31.25 3.73
CA GLY B 815 -3.41 31.21 5.06
C GLY B 815 -3.87 29.86 5.54
N GLU B 816 -3.64 28.80 4.78
CA GLU B 816 -4.10 27.48 5.16
C GLU B 816 -3.15 26.83 6.16
N THR B 817 -3.54 25.66 6.65
CA THR B 817 -2.77 24.93 7.64
C THR B 817 -2.22 23.67 6.99
N LEU B 818 -0.90 23.50 7.04
CA LEU B 818 -0.21 22.40 6.40
C LEU B 818 0.52 21.55 7.43
N LEU B 819 0.60 20.25 7.15
CA LEU B 819 1.39 19.32 7.93
C LEU B 819 2.45 18.72 7.01
N ILE B 820 3.69 19.15 7.19
CA ILE B 820 4.80 18.72 6.35
C ILE B 820 5.65 17.73 7.14
N HIS B 821 5.73 16.51 6.63
CA HIS B 821 6.53 15.48 7.27
C HIS B 821 7.97 15.54 6.78
N SER B 822 8.89 15.14 7.66
CA SER B 822 10.32 15.21 7.38
C SER B 822 10.71 16.61 6.94
N GLY B 823 10.28 17.60 7.72
CA GLY B 823 10.51 19.00 7.38
C GLY B 823 11.96 19.37 7.24
N SER B 824 12.86 18.60 7.83
CA SER B 824 14.29 18.83 7.67
C SER B 824 14.85 18.25 6.37
N GLY B 825 14.07 17.47 5.65
CA GLY B 825 14.52 16.87 4.41
C GLY B 825 14.53 17.87 3.28
N GLY B 826 14.64 17.34 2.06
CA GLY B 826 14.64 18.20 0.89
C GLY B 826 13.24 18.64 0.50
N VAL B 827 12.37 17.67 0.23
CA VAL B 827 10.99 17.98 -0.11
C VAL B 827 10.32 18.71 1.04
N GLY B 828 10.64 18.32 2.28
CA GLY B 828 10.09 19.01 3.43
C GLY B 828 10.48 20.47 3.47
N GLN B 829 11.77 20.76 3.27
CA GLN B 829 12.22 22.15 3.29
C GLN B 829 11.61 22.95 2.16
N ALA B 830 11.51 22.35 0.97
CA ALA B 830 10.90 23.06 -0.15
C ALA B 830 9.43 23.38 0.13
N ALA B 831 8.69 22.42 0.67
CA ALA B 831 7.30 22.66 1.01
C ALA B 831 7.16 23.72 2.10
N ILE B 832 8.07 23.70 3.08
CA ILE B 832 8.04 24.72 4.13
C ILE B 832 8.26 26.10 3.53
N ALA B 833 9.23 26.22 2.62
CA ALA B 833 9.49 27.50 1.99
C ALA B 833 8.28 27.99 1.20
N ILE B 834 7.66 27.09 0.44
CA ILE B 834 6.48 27.48 -0.35
C ILE B 834 5.35 27.92 0.56
N ALA B 835 5.09 27.15 1.62
CA ALA B 835 3.99 27.46 2.53
C ALA B 835 4.22 28.77 3.24
N LEU B 836 5.44 29.02 3.71
CA LEU B 836 5.73 30.30 4.36
C LEU B 836 5.66 31.45 3.38
N SER B 837 5.97 31.19 2.10
CA SER B 837 5.75 32.21 1.07
C SER B 837 4.26 32.53 0.95
N LEU B 838 3.42 31.51 1.00
CA LEU B 838 1.97 31.71 0.94
C LEU B 838 1.37 32.14 2.28
N GLY B 839 2.19 32.43 3.28
CA GLY B 839 1.68 32.88 4.56
C GLY B 839 0.83 31.84 5.26
N CYS B 840 1.28 30.59 5.29
CA CYS B 840 0.51 29.48 5.82
C CYS B 840 1.03 29.05 7.18
N ARG B 841 0.12 28.56 8.03
CA ARG B 841 0.53 27.90 9.25
C ARG B 841 1.10 26.53 8.92
N VAL B 842 2.27 26.22 9.46
CA VAL B 842 3.03 25.05 9.06
C VAL B 842 3.34 24.21 10.29
N PHE B 843 3.11 22.90 10.20
CA PHE B 843 3.47 21.95 11.25
C PHE B 843 4.48 20.98 10.64
N THR B 844 5.75 21.13 10.99
CA THR B 844 6.81 20.31 10.43
C THR B 844 7.20 19.23 11.43
N THR B 845 7.21 17.98 10.97
CA THR B 845 7.60 16.86 11.81
C THR B 845 9.05 16.50 11.52
N VAL B 846 9.89 16.57 12.53
CA VAL B 846 11.31 16.23 12.42
C VAL B 846 11.65 15.19 13.47
N GLY B 847 12.69 14.42 13.21
CA GLY B 847 13.06 13.33 14.09
C GLY B 847 14.25 13.60 14.98
N SER B 848 14.66 14.85 15.10
CA SER B 848 15.83 15.18 15.92
C SER B 848 15.69 16.61 16.44
N ALA B 849 16.42 16.89 17.52
CA ALA B 849 16.47 18.25 18.04
C ALA B 849 17.35 19.15 17.19
N GLU B 850 18.43 18.59 16.63
CA GLU B 850 19.27 19.37 15.72
C GLU B 850 18.50 19.76 14.47
N LYS B 851 17.67 18.86 13.95
CA LYS B 851 16.80 19.21 12.83
C LYS B 851 15.83 20.32 13.22
N ARG B 852 15.28 20.25 14.43
CA ARG B 852 14.41 21.32 14.91
C ARG B 852 15.14 22.66 14.93
N ALA B 853 16.36 22.68 15.46
CA ALA B 853 17.11 23.92 15.54
C ALA B 853 17.46 24.46 14.16
N TYR B 854 17.84 23.56 13.24
CA TYR B 854 18.16 24.00 11.88
C TYR B 854 16.94 24.57 11.18
N LEU B 855 15.78 23.92 11.35
CA LEU B 855 14.56 24.44 10.74
C LEU B 855 14.19 25.79 11.34
N GLN B 856 14.34 25.94 12.67
CA GLN B 856 14.02 27.21 13.30
C GLN B 856 14.93 28.33 12.80
N ALA B 857 16.24 28.05 12.68
CA ALA B 857 17.16 29.05 12.19
C ALA B 857 16.90 29.39 10.73
N ARG B 858 16.59 28.37 9.92
CA ARG B 858 16.38 28.59 8.50
C ARG B 858 15.07 29.32 8.24
N PHE B 859 14.00 28.93 8.92
CA PHE B 859 12.68 29.55 8.77
C PHE B 859 12.29 30.18 10.09
N PRO B 860 12.62 31.46 10.30
CA PRO B 860 12.23 32.12 11.55
C PRO B 860 10.73 32.25 11.73
N GLN B 861 9.95 32.19 10.65
CA GLN B 861 8.50 32.27 10.76
C GLN B 861 7.92 31.08 11.52
N LEU B 862 8.59 29.93 11.51
CA LEU B 862 8.15 28.80 12.30
C LEU B 862 8.35 29.08 13.79
N ASP B 863 7.37 28.67 14.59
CA ASP B 863 7.44 28.83 16.04
C ASP B 863 7.68 27.47 16.70
N SER B 864 7.78 27.49 18.03
CA SER B 864 8.03 26.25 18.77
C SER B 864 6.88 25.27 18.62
N THR B 865 5.67 25.77 18.38
CA THR B 865 4.51 24.91 18.17
C THR B 865 4.43 24.37 16.75
N SER B 866 5.32 24.81 15.86
CA SER B 866 5.32 24.34 14.47
C SER B 866 6.00 22.99 14.32
N PHE B 867 6.66 22.48 15.35
CA PHE B 867 7.47 21.27 15.25
C PHE B 867 6.84 20.15 16.06
N ALA B 868 6.83 18.96 15.47
CA ALA B 868 6.44 17.74 16.16
C ALA B 868 7.48 16.67 15.88
N ASN B 869 7.20 15.43 16.27
CA ASN B 869 8.15 14.33 16.10
C ASN B 869 7.70 13.43 14.96
N SER B 870 8.60 13.16 14.01
CA SER B 870 8.30 12.33 12.86
C SER B 870 8.62 10.86 13.10
N ARG B 871 9.20 10.52 14.25
CA ARG B 871 9.58 9.14 14.54
C ARG B 871 8.51 8.38 15.29
N ASP B 872 7.35 9.00 15.54
CA ASP B 872 6.28 8.35 16.28
C ASP B 872 4.96 8.98 15.88
N THR B 873 3.87 8.30 16.26
CA THR B 873 2.51 8.78 15.97
C THR B 873 2.21 10.09 16.71
N SER B 874 3.01 10.44 17.71
CA SER B 874 2.68 11.53 18.61
C SER B 874 2.34 12.83 17.89
N PHE B 875 3.00 13.09 16.75
CA PHE B 875 2.76 14.35 16.03
C PHE B 875 1.27 14.58 15.82
N GLU B 876 0.53 13.51 15.52
CA GLU B 876 -0.91 13.61 15.34
C GLU B 876 -1.55 14.40 16.45
N GLN B 877 -1.39 13.93 17.69
CA GLN B 877 -1.97 14.63 18.83
C GLN B 877 -1.52 16.08 18.85
N HIS B 878 -0.22 16.32 18.65
CA HIS B 878 0.31 17.68 18.62
C HIS B 878 -0.49 18.52 17.65
N VAL B 879 -0.64 18.03 16.41
CA VAL B 879 -1.42 18.78 15.42
C VAL B 879 -2.84 18.96 15.91
N LEU B 880 -3.46 17.85 16.36
CA LEU B 880 -4.84 17.94 16.82
C LEU B 880 -4.97 18.82 18.05
N TRP B 881 -3.87 19.10 18.74
CA TRP B 881 -3.95 20.03 19.85
C TRP B 881 -3.82 21.48 19.39
N HIS B 882 -2.97 21.74 18.40
CA HIS B 882 -2.70 23.11 18.00
C HIS B 882 -3.62 23.61 16.90
N THR B 883 -4.44 22.73 16.33
CA THR B 883 -5.49 23.12 15.39
C THR B 883 -6.85 23.16 16.05
N GLY B 884 -6.91 23.02 17.37
CA GLY B 884 -8.18 22.96 18.07
C GLY B 884 -9.02 21.75 17.69
N GLY B 885 -8.37 20.64 17.37
CA GLY B 885 -9.07 19.44 16.94
C GLY B 885 -9.61 19.50 15.54
N LYS B 886 -9.45 20.61 14.84
CA LYS B 886 -9.95 20.71 13.47
C LYS B 886 -9.09 19.90 12.52
N GLY B 887 -7.78 20.00 12.63
CA GLY B 887 -6.86 19.34 11.74
C GLY B 887 -6.24 20.31 10.76
N VAL B 888 -5.33 19.77 9.96
CA VAL B 888 -4.59 20.56 8.97
C VAL B 888 -5.31 20.46 7.63
N ASP B 889 -5.16 21.51 6.82
CA ASP B 889 -5.78 21.53 5.51
C ASP B 889 -5.03 20.63 4.52
N LEU B 890 -3.71 20.64 4.57
CA LEU B 890 -2.90 19.87 3.65
C LEU B 890 -1.88 19.04 4.42
N VAL B 891 -1.70 17.79 4.00
CA VAL B 891 -0.70 16.90 4.57
C VAL B 891 0.26 16.51 3.47
N LEU B 892 1.53 16.88 3.62
CA LEU B 892 2.60 16.41 2.74
C LEU B 892 3.26 15.22 3.43
N ASN B 893 2.75 14.03 3.14
CA ASN B 893 3.13 12.83 3.86
C ASN B 893 4.18 12.06 3.09
N SER B 894 5.35 11.88 3.70
CA SER B 894 6.38 10.99 3.20
C SER B 894 6.62 9.81 4.13
N LEU B 895 5.89 9.72 5.23
CA LEU B 895 6.07 8.63 6.20
C LEU B 895 5.25 7.42 5.74
N ALA B 896 5.15 6.42 6.61
CA ALA B 896 4.54 5.16 6.19
C ALA B 896 3.90 4.46 7.38
N GLU B 897 2.97 3.55 7.06
CA GLU B 897 2.34 2.64 8.02
C GLU B 897 1.56 3.44 9.05
N GLU B 898 1.82 3.25 10.35
CA GLU B 898 1.04 3.94 11.37
C GLU B 898 1.25 5.45 11.31
N LYS B 899 2.41 5.91 10.88
CA LYS B 899 2.61 7.34 10.69
C LYS B 899 1.76 7.87 9.55
N LEU B 900 1.61 7.08 8.48
CA LEU B 900 0.70 7.46 7.41
C LEU B 900 -0.73 7.54 7.91
N GLN B 901 -1.16 6.55 8.70
CA GLN B 901 -2.53 6.57 9.23
C GLN B 901 -2.74 7.77 10.15
N ALA B 902 -1.74 8.08 10.98
CA ALA B 902 -1.84 9.24 11.85
C ALA B 902 -1.91 10.54 11.05
N SER B 903 -1.14 10.62 9.96
CA SER B 903 -1.21 11.79 9.10
C SER B 903 -2.59 11.91 8.47
N VAL B 904 -3.18 10.79 8.06
CA VAL B 904 -4.54 10.79 7.53
C VAL B 904 -5.51 11.30 8.59
N ARG B 905 -5.32 10.86 9.84
CA ARG B 905 -6.19 11.30 10.92
C ARG B 905 -6.02 12.79 11.24
N CYS B 906 -4.95 13.41 10.77
CA CYS B 906 -4.73 14.84 10.98
C CYS B 906 -5.49 15.71 9.99
N LEU B 907 -6.10 15.12 8.98
CA LEU B 907 -6.77 15.90 7.95
C LEU B 907 -8.02 16.58 8.51
N ALA B 908 -8.22 17.84 8.12
CA ALA B 908 -9.43 18.57 8.47
C ALA B 908 -10.51 18.31 7.42
N THR B 909 -11.64 18.97 7.58
CA THR B 909 -12.66 18.95 6.53
C THR B 909 -12.13 19.67 5.30
N HIS B 910 -12.42 19.13 4.12
CA HIS B 910 -11.86 19.60 2.86
C HIS B 910 -10.33 19.52 2.88
N GLY B 911 -9.80 18.50 3.55
CA GLY B 911 -8.36 18.35 3.63
C GLY B 911 -7.78 17.66 2.40
N ARG B 912 -6.55 18.02 2.08
CA ARG B 912 -5.82 17.46 0.95
C ARG B 912 -4.66 16.64 1.48
N PHE B 913 -4.63 15.36 1.13
CA PHE B 913 -3.56 14.46 1.54
C PHE B 913 -2.70 14.18 0.31
N LEU B 914 -1.47 14.67 0.33
CA LEU B 914 -0.53 14.52 -0.78
C LEU B 914 0.48 13.44 -0.41
N GLU B 915 0.31 12.25 -0.96
CA GLU B 915 1.25 11.17 -0.73
C GLU B 915 2.51 11.39 -1.56
N ILE B 916 3.63 11.53 -0.88
CA ILE B 916 4.92 11.74 -1.53
C ILE B 916 5.72 10.46 -1.41
N GLY B 917 5.48 9.69 -0.35
CA GLY B 917 6.14 8.41 -0.18
C GLY B 917 5.54 7.34 -1.05
N LYS B 918 6.15 6.15 -1.01
CA LYS B 918 5.75 5.06 -1.89
C LYS B 918 5.61 3.71 -1.21
N PHE B 919 6.05 3.56 0.05
CA PHE B 919 6.00 2.25 0.68
C PHE B 919 4.56 1.75 0.82
N ASP B 920 3.69 2.56 1.42
CA ASP B 920 2.31 2.14 1.57
C ASP B 920 1.60 2.03 0.22
N LEU B 921 1.94 2.90 -0.73
CA LEU B 921 1.40 2.77 -2.08
C LEU B 921 1.86 1.47 -2.72
N SER B 922 3.16 1.16 -2.61
CA SER B 922 3.68 -0.04 -3.25
C SER B 922 3.14 -1.31 -2.60
N GLN B 923 2.87 -1.29 -1.30
CA GLN B 923 2.40 -2.46 -0.58
C GLN B 923 0.88 -2.60 -0.60
N ASN B 924 0.16 -1.67 -1.22
CA ASN B 924 -1.30 -1.71 -1.29
C ASN B 924 -1.92 -1.78 0.10
N HIS B 925 -1.37 -1.01 1.03
CA HIS B 925 -1.92 -1.00 2.37
C HIS B 925 -3.33 -0.42 2.35
N PRO B 926 -4.27 -1.02 3.07
CA PRO B 926 -5.65 -0.51 3.03
C PRO B 926 -5.75 0.85 3.69
N LEU B 927 -6.52 1.73 3.07
CA LEU B 927 -6.82 3.05 3.63
C LEU B 927 -8.30 3.10 3.94
N GLY B 928 -8.64 3.41 5.19
CA GLY B 928 -10.02 3.50 5.59
C GLY B 928 -10.75 4.56 4.81
N MET B 929 -11.80 4.17 4.09
CA MET B 929 -12.56 5.11 3.27
C MET B 929 -13.65 5.82 4.08
N ALA B 930 -13.27 6.38 5.22
CA ALA B 930 -14.16 7.25 5.98
C ALA B 930 -13.62 8.65 6.16
N ILE B 931 -12.33 8.87 5.91
CA ILE B 931 -11.80 10.22 5.91
C ILE B 931 -12.41 11.02 4.77
N PHE B 932 -12.82 10.34 3.69
CA PHE B 932 -13.47 11.02 2.57
C PHE B 932 -14.83 11.59 2.96
N LEU B 933 -15.41 11.13 4.07
CA LEU B 933 -16.62 11.75 4.58
C LEU B 933 -16.39 13.16 5.09
N LYS B 934 -15.14 13.57 5.25
CA LYS B 934 -14.79 14.95 5.59
C LYS B 934 -14.43 15.77 4.36
N ASN B 935 -14.99 15.42 3.21
CA ASN B 935 -14.71 16.11 1.94
C ASN B 935 -13.22 16.11 1.65
N VAL B 936 -12.54 15.04 2.02
CA VAL B 936 -11.09 14.94 1.91
C VAL B 936 -10.74 14.39 0.53
N THR B 937 -9.73 15.00 -0.09
CA THR B 937 -9.21 14.54 -1.37
C THR B 937 -7.82 13.95 -1.15
N PHE B 938 -7.65 12.70 -1.60
CA PHE B 938 -6.40 11.96 -1.43
C PHE B 938 -5.61 12.02 -2.72
N HIS B 939 -4.40 12.56 -2.66
CA HIS B 939 -3.54 12.72 -3.82
C HIS B 939 -2.39 11.75 -3.74
N GLY B 940 -2.25 10.90 -4.76
CA GLY B 940 -1.04 10.13 -4.92
C GLY B 940 -0.07 10.89 -5.79
N VAL B 941 0.87 11.60 -5.17
CA VAL B 941 1.73 12.53 -5.88
C VAL B 941 3.01 11.79 -6.26
N LEU B 942 3.22 11.60 -7.56
CA LEU B 942 4.44 11.00 -8.09
C LEU B 942 4.95 11.88 -9.22
N LEU B 943 6.06 12.58 -8.98
CA LEU B 943 6.69 13.40 -10.02
C LEU B 943 7.63 12.53 -10.86
N ASP B 944 7.06 11.44 -11.36
CA ASP B 944 7.74 10.56 -12.29
C ASP B 944 6.98 10.36 -13.59
N ALA B 945 5.68 10.63 -13.63
CA ALA B 945 4.93 10.60 -14.87
C ALA B 945 5.24 11.79 -15.77
N PHE B 946 5.94 12.80 -15.26
CA PHE B 946 6.32 13.94 -16.09
C PHE B 946 7.40 13.59 -17.10
N PHE B 947 8.08 12.46 -16.93
CA PHE B 947 9.12 12.02 -17.85
C PHE B 947 8.60 11.08 -18.92
N ASN B 948 7.36 10.60 -18.80
CA ASN B 948 6.83 9.64 -19.77
C ASN B 948 5.39 9.95 -20.18
N GLU B 949 5.01 11.23 -20.20
CA GLU B 949 3.65 11.61 -20.59
C GLU B 949 3.63 13.00 -21.19
N ALA B 952 3.69 15.22 -19.22
CA ALA B 952 3.25 16.47 -19.84
C ALA B 952 2.66 17.39 -18.79
N ASP B 953 2.20 18.56 -19.20
CA ASP B 953 1.69 19.55 -18.24
C ASP B 953 2.85 19.90 -17.33
N TRP B 954 3.88 19.07 -17.34
CA TRP B 954 5.06 19.34 -16.51
C TRP B 954 5.47 20.80 -16.58
N ARG B 955 5.30 21.44 -17.75
CA ARG B 955 5.69 22.83 -17.90
C ARG B 955 5.06 23.71 -16.84
N GLU B 956 3.79 23.44 -16.50
CA GLU B 956 3.15 24.16 -15.41
C GLU B 956 4.02 24.14 -14.17
N VAL B 957 4.36 22.94 -13.70
CA VAL B 957 5.25 22.80 -12.55
C VAL B 957 6.55 23.54 -12.82
N TRP B 958 7.11 23.36 -14.01
CA TRP B 958 8.33 24.07 -14.38
C TRP B 958 8.17 25.57 -14.14
N ALA B 959 7.08 26.14 -14.67
CA ALA B 959 6.85 27.56 -14.50
C ALA B 959 6.85 27.93 -13.02
N LEU B 960 6.12 27.15 -12.21
CA LEU B 960 6.06 27.41 -10.78
C LEU B 960 7.47 27.51 -10.21
N VAL B 961 8.30 26.51 -10.51
CA VAL B 961 9.65 26.51 -9.97
C VAL B 961 10.39 27.76 -10.43
N GLN B 962 10.28 28.09 -11.70
CA GLN B 962 10.93 29.31 -12.20
C GLN B 962 10.42 30.52 -11.45
N ALA B 963 9.10 30.59 -11.23
CA ALA B 963 8.55 31.68 -10.43
C ALA B 963 9.21 31.73 -9.07
N GLY B 964 9.32 30.57 -8.41
CA GLY B 964 9.97 30.52 -7.12
C GLY B 964 11.40 30.98 -7.17
N ILE B 965 12.08 30.74 -8.28
CA ILE B 965 13.46 31.22 -8.41
C ILE B 965 13.48 32.73 -8.55
N ARG B 966 12.50 33.30 -9.27
CA ARG B 966 12.49 34.73 -9.47
C ARG B 966 12.12 35.48 -8.19
N ASP B 967 11.07 35.03 -7.51
CA ASP B 967 10.59 35.72 -6.31
C ASP B 967 11.47 35.48 -5.10
N GLY B 968 12.42 34.56 -5.16
CA GLY B 968 13.18 34.18 -3.99
C GLY B 968 12.50 33.16 -3.10
N VAL B 969 11.31 32.68 -3.48
CA VAL B 969 10.65 31.64 -2.70
C VAL B 969 11.48 30.37 -2.70
N VAL B 970 12.01 30.00 -3.86
CA VAL B 970 12.88 28.83 -3.98
C VAL B 970 14.25 29.22 -3.47
N ARG B 971 14.64 28.68 -2.33
CA ARG B 971 15.96 28.93 -1.77
C ARG B 971 16.78 27.65 -1.79
N PRO B 972 18.04 27.72 -2.21
CA PRO B 972 18.87 26.50 -2.28
C PRO B 972 19.03 25.87 -0.90
N LEU B 973 19.03 24.54 -0.88
CA LEU B 973 19.16 23.78 0.35
C LEU B 973 20.60 23.82 0.83
N LYS B 974 20.81 23.32 2.05
CA LYS B 974 22.16 23.13 2.55
C LYS B 974 22.79 21.93 1.86
N CYS B 975 24.00 22.10 1.33
CA CYS B 975 24.64 21.11 0.48
C CYS B 975 25.85 20.54 1.19
N THR B 976 25.87 19.21 1.33
CA THR B 976 27.05 18.48 1.80
C THR B 976 27.76 17.93 0.57
N VAL B 977 28.89 18.52 0.23
CA VAL B 977 29.55 18.27 -1.04
C VAL B 977 30.54 17.12 -0.88
N PHE B 978 30.44 16.14 -1.78
CA PHE B 978 31.38 15.03 -1.85
C PHE B 978 32.03 15.02 -3.22
N HIS B 979 33.32 14.74 -3.27
CA HIS B 979 34.03 14.73 -4.54
C HIS B 979 33.57 13.55 -5.39
N GLY B 980 33.87 13.63 -6.68
CA GLY B 980 33.44 12.60 -7.61
C GLY B 980 34.04 11.25 -7.29
N ALA B 981 35.30 11.23 -6.86
CA ALA B 981 35.96 9.98 -6.49
C ALA B 981 35.43 9.39 -5.20
N GLN B 982 34.76 10.20 -4.36
CA GLN B 982 34.24 9.75 -3.08
C GLN B 982 32.73 9.52 -3.11
N VAL B 983 32.17 9.27 -4.30
CA VAL B 983 30.72 9.17 -4.44
C VAL B 983 30.15 8.12 -3.50
N GLU B 984 30.82 6.96 -3.41
CA GLU B 984 30.34 5.90 -2.53
C GLU B 984 30.21 6.40 -1.10
N ASP B 985 31.18 7.18 -0.63
CA ASP B 985 31.06 7.77 0.71
C ASP B 985 29.77 8.54 0.84
N ALA B 986 29.49 9.43 -0.13
CA ALA B 986 28.24 10.17 -0.12
C ALA B 986 27.05 9.22 -0.07
N PHE B 987 27.13 8.12 -0.83
CA PHE B 987 26.02 7.17 -0.84
C PHE B 987 25.83 6.52 0.51
N ARG B 988 26.91 6.31 1.26
CA ARG B 988 26.79 5.80 2.62
C ARG B 988 26.79 6.91 3.65
N TYR B 989 26.77 8.17 3.21
CA TYR B 989 26.72 9.27 4.16
C TYR B 989 25.29 9.60 4.56
N MET B 990 24.37 9.76 3.59
CA MET B 990 23.05 10.18 3.98
C MET B 990 22.13 8.99 4.18
N ALA B 991 22.56 7.79 3.77
CA ALA B 991 21.82 6.57 4.06
C ALA B 991 21.73 6.33 5.56
N GLN B 992 22.63 6.92 6.33
CA GLN B 992 22.54 6.87 7.78
C GLN B 992 21.47 7.82 8.31
N GLY B 993 21.03 8.78 7.50
CA GLY B 993 19.93 9.64 7.86
C GLY B 993 20.30 10.90 8.62
N LYS B 994 21.57 11.10 8.96
CA LYS B 994 21.97 12.26 9.72
C LYS B 994 22.18 13.50 8.86
N HIS B 995 22.11 13.36 7.53
CA HIS B 995 22.35 14.50 6.66
C HIS B 995 21.24 15.52 6.79
N ILE B 996 21.60 16.80 6.65
CA ILE B 996 20.64 17.89 6.64
C ILE B 996 20.72 18.59 5.29
N GLY B 997 19.56 18.97 4.76
CA GLY B 997 19.51 19.55 3.43
C GLY B 997 19.69 18.51 2.34
N LYS B 998 20.74 18.66 1.54
CA LYS B 998 21.01 17.74 0.45
C LYS B 998 22.48 17.39 0.41
N VAL B 999 22.77 16.21 -0.14
CA VAL B 999 24.14 15.74 -0.36
C VAL B 999 24.41 15.81 -1.85
N VAL B 1000 25.55 16.39 -2.22
CA VAL B 1000 25.85 16.70 -3.61
C VAL B 1000 27.22 16.12 -3.95
N VAL B 1001 27.27 15.26 -4.96
CA VAL B 1001 28.52 14.77 -5.52
C VAL B 1001 29.06 15.83 -6.46
N GLN B 1002 30.30 16.26 -6.21
CA GLN B 1002 30.95 17.26 -7.04
C GLN B 1002 31.63 16.54 -8.19
N VAL B 1003 30.92 16.36 -9.29
CA VAL B 1003 31.50 15.71 -10.46
C VAL B 1003 32.56 16.60 -11.09
N LEU B 1004 32.31 17.91 -11.15
CA LEU B 1004 33.25 18.85 -11.73
C LEU B 1004 33.14 20.18 -10.98
N ALA B 1005 34.29 20.76 -10.63
CA ALA B 1005 34.30 22.02 -9.93
C ALA B 1005 33.86 23.16 -10.84
N GLU B 1006 33.13 24.12 -10.27
CA GLU B 1006 32.69 25.27 -11.04
C GLU B 1006 33.85 26.21 -11.32
N GLU B 1007 33.97 26.65 -12.56
CA GLU B 1007 35.01 27.60 -12.94
C GLU B 1007 34.56 29.01 -12.60
N PRO B 1008 35.32 29.77 -11.82
CA PRO B 1008 34.94 31.16 -11.51
C PRO B 1008 35.25 32.15 -12.62
N GLU B 1009 35.83 31.70 -13.74
CA GLU B 1009 36.21 32.61 -14.81
C GLU B 1009 35.00 33.30 -15.41
N ALA B 1010 33.93 32.55 -15.66
CA ALA B 1010 32.74 33.11 -16.28
C ALA B 1010 31.54 32.22 -15.96
N VAL B 1011 30.35 32.76 -16.21
CA VAL B 1011 29.11 32.02 -16.04
C VAL B 1011 28.60 31.48 -17.37
N LEU B 1012 29.32 31.72 -18.47
CA LEU B 1012 28.94 31.25 -19.78
C LEU B 1012 29.98 30.36 -20.45
N LYS B 1013 31.23 30.40 -19.99
CA LYS B 1013 32.28 29.58 -20.57
C LYS B 1013 32.12 28.12 -20.19
N LYS B 1018 38.02 17.36 -18.37
CA LYS B 1018 36.96 16.66 -17.65
C LYS B 1018 37.16 15.15 -17.71
N LEU B 1019 38.34 14.73 -18.15
CA LEU B 1019 38.64 13.31 -18.28
C LEU B 1019 38.73 12.66 -16.90
N MET B 1020 38.09 11.51 -16.76
CA MET B 1020 38.18 10.72 -15.54
C MET B 1020 38.38 9.27 -15.92
N SER B 1021 39.02 8.52 -15.01
CA SER B 1021 39.24 7.09 -15.23
C SER B 1021 37.98 6.33 -14.85
N ALA B 1022 37.31 5.77 -15.84
CA ALA B 1022 36.05 5.08 -15.62
C ALA B 1022 36.13 3.67 -16.17
N ILE B 1023 35.36 2.76 -15.55
CA ILE B 1023 35.34 1.37 -15.98
C ILE B 1023 34.85 1.29 -17.42
N SER B 1024 35.61 0.60 -18.26
CA SER B 1024 35.27 0.50 -19.67
C SER B 1024 34.00 -0.33 -19.84
N LYS B 1025 33.03 0.21 -20.57
CA LYS B 1025 31.80 -0.49 -20.89
C LYS B 1025 31.58 -0.43 -22.39
N THR B 1026 31.10 -1.52 -22.96
CA THR B 1026 30.92 -1.62 -24.40
C THR B 1026 29.61 -0.94 -24.79
N PHE B 1027 29.70 0.16 -25.52
CA PHE B 1027 28.55 0.87 -26.03
C PHE B 1027 28.77 1.19 -27.50
N CYS B 1028 27.69 1.15 -28.27
CA CYS B 1028 27.79 1.28 -29.71
C CYS B 1028 26.99 2.48 -30.20
N PRO B 1029 27.54 3.27 -31.11
CA PRO B 1029 26.80 4.42 -31.65
C PRO B 1029 25.60 3.97 -32.47
N ALA B 1030 24.57 4.82 -32.48
CA ALA B 1030 23.36 4.50 -33.22
C ALA B 1030 23.54 4.66 -34.73
N HIS B 1031 24.61 5.32 -35.16
CA HIS B 1031 24.85 5.58 -36.57
C HIS B 1031 25.69 4.51 -37.24
N LYS B 1032 25.98 3.41 -36.55
CA LYS B 1032 26.80 2.34 -37.08
C LYS B 1032 25.97 1.06 -37.18
N SER B 1033 26.21 0.30 -38.25
CA SER B 1033 25.53 -0.97 -38.49
C SER B 1033 26.39 -2.12 -38.01
N TYR B 1034 25.76 -3.08 -37.34
CA TYR B 1034 26.46 -4.20 -36.73
C TYR B 1034 25.94 -5.51 -37.31
N ILE B 1035 26.86 -6.33 -37.80
CA ILE B 1035 26.53 -7.61 -38.42
C ILE B 1035 26.80 -8.71 -37.42
N ILE B 1036 25.87 -9.66 -37.32
CA ILE B 1036 26.03 -10.85 -36.50
C ILE B 1036 25.76 -12.05 -37.41
N ALA B 1037 26.82 -12.60 -38.00
CA ALA B 1037 26.68 -13.83 -38.77
C ALA B 1037 26.22 -14.95 -37.85
N GLY B 1038 25.16 -15.65 -38.24
CA GLY B 1038 24.55 -16.57 -37.32
C GLY B 1038 23.75 -15.91 -36.22
N GLY B 1039 23.31 -14.68 -36.44
CA GLY B 1039 22.61 -13.93 -35.41
C GLY B 1039 21.22 -14.43 -35.11
N LEU B 1040 20.68 -15.34 -35.91
CA LEU B 1040 19.37 -15.92 -35.64
C LEU B 1040 19.45 -17.18 -34.80
N GLY B 1041 20.65 -17.60 -34.40
CA GLY B 1041 20.82 -18.77 -33.59
C GLY B 1041 20.63 -18.48 -32.11
N GLY B 1042 20.95 -19.47 -31.29
CA GLY B 1042 20.83 -19.34 -29.85
C GLY B 1042 21.65 -18.20 -29.30
N PHE B 1043 22.98 -18.32 -29.36
CA PHE B 1043 23.83 -17.24 -28.90
C PHE B 1043 23.65 -15.99 -29.75
N GLY B 1044 23.31 -16.16 -31.03
CA GLY B 1044 23.17 -15.01 -31.90
C GLY B 1044 22.06 -14.06 -31.46
N LEU B 1045 20.89 -14.62 -31.14
CA LEU B 1045 19.77 -13.79 -30.73
C LEU B 1045 20.07 -13.04 -29.44
N GLU B 1046 20.70 -13.71 -28.48
CA GLU B 1046 21.00 -13.07 -27.20
C GLU B 1046 22.09 -12.02 -27.36
N LEU B 1047 23.09 -12.29 -28.21
CA LEU B 1047 24.10 -11.27 -28.49
C LEU B 1047 23.48 -10.07 -29.19
N ALA B 1048 22.53 -10.31 -30.09
CA ALA B 1048 21.82 -9.21 -30.73
C ALA B 1048 21.04 -8.38 -29.72
N GLN B 1049 20.36 -9.04 -28.79
CA GLN B 1049 19.62 -8.33 -27.76
C GLN B 1049 20.56 -7.51 -26.88
N TRP B 1050 21.70 -8.10 -26.51
CA TRP B 1050 22.69 -7.40 -25.70
C TRP B 1050 23.24 -6.18 -26.43
N LEU B 1051 23.56 -6.34 -27.72
CA LEU B 1051 24.06 -5.22 -28.50
C LEU B 1051 23.01 -4.12 -28.62
N ILE B 1052 21.75 -4.51 -28.82
CA ILE B 1052 20.67 -3.53 -28.92
C ILE B 1052 20.56 -2.75 -27.60
N GLN B 1053 20.66 -3.45 -26.48
CA GLN B 1053 20.66 -2.77 -25.18
C GLN B 1053 21.89 -1.89 -25.01
N ARG B 1054 22.94 -2.10 -25.80
CA ARG B 1054 24.16 -1.32 -25.72
C ARG B 1054 24.19 -0.16 -26.72
N GLY B 1055 23.10 0.08 -27.42
CA GLY B 1055 23.01 1.20 -28.34
C GLY B 1055 23.05 0.86 -29.81
N VAL B 1056 22.98 -0.41 -30.19
CA VAL B 1056 22.96 -0.79 -31.60
C VAL B 1056 21.56 -0.58 -32.14
N GLN B 1057 21.45 0.23 -33.19
CA GLN B 1057 20.17 0.48 -33.85
C GLN B 1057 20.08 -0.08 -35.26
N LYS B 1058 21.22 -0.28 -35.93
CA LYS B 1058 21.26 -0.89 -37.26
C LYS B 1058 21.91 -2.26 -37.10
N LEU B 1059 21.11 -3.30 -37.28
CA LEU B 1059 21.55 -4.67 -37.04
C LEU B 1059 21.27 -5.53 -38.27
N VAL B 1060 22.23 -6.38 -38.62
CA VAL B 1060 22.07 -7.33 -39.72
C VAL B 1060 22.33 -8.72 -39.18
N LEU B 1061 21.29 -9.57 -39.19
CA LEU B 1061 21.40 -10.94 -38.72
C LEU B 1061 21.46 -11.86 -39.92
N THR B 1062 22.50 -12.69 -39.98
CA THR B 1062 22.73 -13.57 -41.11
C THR B 1062 22.33 -14.99 -40.73
N SER B 1063 21.44 -15.58 -41.51
CA SER B 1063 21.03 -16.96 -41.30
C SER B 1063 20.99 -17.67 -42.65
N ARG B 1064 21.32 -18.97 -42.61
CA ARG B 1064 21.30 -19.77 -43.84
C ARG B 1064 19.88 -20.05 -44.32
N SER B 1065 18.89 -19.95 -43.45
CA SER B 1065 17.51 -20.26 -43.82
C SER B 1065 16.52 -19.22 -43.30
N GLY B 1066 16.99 -18.06 -42.86
CA GLY B 1066 16.08 -17.03 -42.41
C GLY B 1066 15.38 -17.37 -41.11
N ILE B 1067 14.23 -16.73 -40.90
CA ILE B 1067 13.45 -16.93 -39.69
C ILE B 1067 12.61 -18.19 -39.84
N ARG B 1068 12.78 -19.13 -38.91
CA ARG B 1068 12.05 -20.39 -38.92
C ARG B 1068 11.24 -20.62 -37.65
N THR B 1069 11.79 -20.27 -36.49
CA THR B 1069 11.14 -20.56 -35.22
C THR B 1069 10.35 -19.36 -34.73
N GLY B 1070 9.38 -19.64 -33.86
CA GLY B 1070 8.59 -18.57 -33.28
C GLY B 1070 9.40 -17.63 -32.40
N TYR B 1071 10.39 -18.17 -31.69
CA TYR B 1071 11.22 -17.34 -30.83
C TYR B 1071 12.02 -16.32 -31.63
N GLN B 1072 12.61 -16.75 -32.74
CA GLN B 1072 13.36 -15.83 -33.59
C GLN B 1072 12.45 -14.74 -34.14
N ALA B 1073 11.27 -15.11 -34.61
CA ALA B 1073 10.32 -14.14 -35.13
C ALA B 1073 9.91 -13.16 -34.05
N LYS B 1074 9.65 -13.65 -32.83
CA LYS B 1074 9.26 -12.78 -31.74
C LYS B 1074 10.36 -11.78 -31.40
N GLN B 1075 11.61 -12.26 -31.32
CA GLN B 1075 12.71 -11.37 -30.98
C GLN B 1075 12.92 -10.31 -32.07
N VAL B 1076 12.89 -10.73 -33.34
CA VAL B 1076 13.06 -9.78 -34.42
C VAL B 1076 11.92 -8.76 -34.44
N ARG B 1077 10.69 -9.22 -34.19
CA ARG B 1077 9.54 -8.33 -34.16
C ARG B 1077 9.67 -7.32 -33.04
N ARG B 1078 10.10 -7.77 -31.85
CA ARG B 1078 10.29 -6.85 -30.73
C ARG B 1078 11.36 -5.82 -31.05
N TRP B 1079 12.47 -6.26 -31.64
CA TRP B 1079 13.54 -5.33 -31.97
C TRP B 1079 13.10 -4.30 -32.99
N ARG B 1080 12.35 -4.73 -34.02
CA ARG B 1080 11.84 -3.79 -35.00
C ARG B 1080 10.84 -2.83 -34.39
N ARG B 1081 9.97 -3.33 -33.51
CA ARG B 1081 8.95 -2.48 -32.92
C ARG B 1081 9.54 -1.39 -32.04
N GLN B 1082 10.67 -1.68 -31.39
CA GLN B 1082 11.29 -0.70 -30.51
C GLN B 1082 12.22 0.25 -31.24
N GLY B 1083 12.39 0.10 -32.56
CA GLY B 1083 13.12 1.06 -33.36
C GLY B 1083 14.40 0.55 -33.98
N VAL B 1084 14.81 -0.68 -33.68
CA VAL B 1084 16.06 -1.20 -34.23
C VAL B 1084 15.82 -1.67 -35.65
N GLN B 1085 16.74 -1.31 -36.56
CA GLN B 1085 16.64 -1.69 -37.96
C GLN B 1085 17.33 -3.04 -38.18
N VAL B 1086 16.75 -4.08 -37.58
CA VAL B 1086 17.29 -5.42 -37.74
C VAL B 1086 16.84 -5.97 -39.08
N GLN B 1087 17.77 -6.59 -39.80
CA GLN B 1087 17.51 -7.10 -41.14
C GLN B 1087 18.04 -8.52 -41.22
N VAL B 1088 17.19 -9.45 -41.67
CA VAL B 1088 17.55 -10.85 -41.79
C VAL B 1088 18.13 -11.07 -43.18
N SER B 1089 19.37 -11.55 -43.24
CA SER B 1089 20.07 -11.75 -44.50
C SER B 1089 20.36 -13.23 -44.71
N THR B 1090 20.04 -13.72 -45.90
CA THR B 1090 20.35 -15.08 -46.29
C THR B 1090 21.77 -15.22 -46.80
N SER B 1091 22.45 -14.10 -47.08
CA SER B 1091 23.79 -14.13 -47.64
C SER B 1091 24.74 -14.92 -46.74
N ASN B 1092 25.52 -15.80 -47.36
CA ASN B 1092 26.42 -16.69 -46.64
C ASN B 1092 27.84 -16.13 -46.67
N ILE B 1093 28.45 -16.03 -45.50
CA ILE B 1093 29.83 -15.54 -45.41
C ILE B 1093 30.85 -16.56 -45.87
N SER B 1094 30.44 -17.83 -46.06
CA SER B 1094 31.39 -18.84 -46.49
C SER B 1094 31.95 -18.55 -47.87
N SER B 1095 31.21 -17.78 -48.68
CA SER B 1095 31.67 -17.37 -49.99
C SER B 1095 32.13 -15.91 -49.94
N LEU B 1096 33.19 -15.60 -50.68
CA LEU B 1096 33.71 -14.24 -50.69
C LEU B 1096 32.68 -13.25 -51.21
N GLU B 1097 31.99 -13.62 -52.29
CA GLU B 1097 30.94 -12.75 -52.84
C GLU B 1097 29.79 -12.62 -51.86
N GLY B 1098 29.47 -13.69 -51.13
CA GLY B 1098 28.43 -13.60 -50.12
C GLY B 1098 28.80 -12.66 -49.00
N ALA B 1099 30.04 -12.71 -48.52
CA ALA B 1099 30.50 -11.77 -47.50
C ALA B 1099 30.48 -10.34 -48.02
N ARG B 1100 30.89 -10.14 -49.27
CA ARG B 1100 30.83 -8.80 -49.86
C ARG B 1100 29.41 -8.29 -49.91
N GLY B 1101 28.47 -9.14 -50.33
CA GLY B 1101 27.07 -8.73 -50.37
C GLY B 1101 26.52 -8.41 -49.00
N LEU B 1102 26.87 -9.24 -48.00
CA LEU B 1102 26.42 -8.98 -46.63
C LEU B 1102 26.96 -7.65 -46.12
N ILE B 1103 28.23 -7.37 -46.38
CA ILE B 1103 28.81 -6.09 -45.98
C ILE B 1103 28.13 -4.94 -46.71
N ALA B 1104 27.74 -5.15 -47.97
CA ALA B 1104 27.02 -4.13 -48.71
C ALA B 1104 25.66 -3.84 -48.08
N GLU B 1105 24.93 -4.89 -47.71
CA GLU B 1105 23.64 -4.68 -47.04
C GLU B 1105 23.82 -3.96 -45.71
N ALA B 1106 24.87 -4.31 -44.97
CA ALA B 1106 25.13 -3.63 -43.70
C ALA B 1106 25.46 -2.16 -43.93
N ALA B 1107 26.31 -1.87 -44.92
CA ALA B 1107 26.68 -0.49 -45.22
C ALA B 1107 25.51 0.31 -45.74
N GLN B 1108 24.50 -0.35 -46.32
CA GLN B 1108 23.29 0.36 -46.72
C GLN B 1108 22.60 0.99 -45.51
N LEU B 1109 22.55 0.27 -44.38
CA LEU B 1109 21.99 0.84 -43.17
C LEU B 1109 22.88 1.92 -42.59
N GLY B 1110 24.19 1.68 -42.54
CA GLY B 1110 25.14 2.63 -42.02
C GLY B 1110 26.54 2.07 -42.05
N PRO B 1111 27.53 2.88 -41.72
CA PRO B 1111 28.91 2.40 -41.73
C PRO B 1111 29.08 1.20 -40.81
N VAL B 1112 29.84 0.22 -41.28
CA VAL B 1112 29.98 -1.04 -40.55
C VAL B 1112 30.85 -0.80 -39.32
N GLY B 1113 30.32 -1.13 -38.15
CA GLY B 1113 31.06 -0.91 -36.92
C GLY B 1113 31.38 -2.19 -36.18
N GLY B 1114 30.66 -3.27 -36.48
CA GLY B 1114 30.89 -4.52 -35.81
C GLY B 1114 30.47 -5.75 -36.60
N VAL B 1115 31.37 -6.72 -36.68
CA VAL B 1115 31.13 -7.99 -37.36
C VAL B 1115 31.30 -9.10 -36.35
N PHE B 1116 30.24 -9.87 -36.13
CA PHE B 1116 30.23 -10.95 -35.14
C PHE B 1116 29.99 -12.27 -35.85
N ASN B 1117 31.02 -13.12 -35.85
CA ASN B 1117 30.97 -14.43 -36.50
C ASN B 1117 30.51 -15.45 -35.46
N LEU B 1118 29.22 -15.79 -35.51
CA LEU B 1118 28.63 -16.81 -34.67
C LEU B 1118 28.10 -17.98 -35.48
N ALA B 1119 28.38 -18.03 -36.77
CA ALA B 1119 27.93 -19.15 -37.60
C ALA B 1119 28.63 -20.43 -37.18
N VAL B 1120 27.88 -21.52 -37.14
CA VAL B 1120 28.43 -22.82 -36.74
C VAL B 1120 27.51 -23.90 -37.27
N VAL B 1121 28.13 -24.99 -37.74
CA VAL B 1121 27.42 -26.23 -38.04
C VAL B 1121 28.16 -27.36 -37.33
N LEU B 1122 27.41 -28.43 -37.06
CA LEU B 1122 27.93 -29.55 -36.27
C LEU B 1122 28.01 -30.80 -37.14
N ARG B 1123 29.22 -31.30 -37.34
CA ARG B 1123 29.48 -32.60 -37.93
C ARG B 1123 30.31 -33.44 -36.98
N ASP B 1124 29.93 -33.42 -35.69
CA ASP B 1124 30.71 -34.07 -34.65
C ASP B 1124 30.74 -35.57 -34.84
N GLY B 1125 31.89 -36.17 -34.57
CA GLY B 1125 32.04 -37.61 -34.67
C GLY B 1125 33.50 -37.97 -34.52
N LEU B 1126 33.72 -39.27 -34.28
CA LEU B 1126 35.09 -39.75 -34.14
C LEU B 1126 35.84 -39.59 -35.46
N LEU B 1127 37.17 -39.55 -35.35
CA LEU B 1127 38.00 -39.28 -36.52
C LEU B 1127 37.80 -40.32 -37.61
N GLU B 1128 37.49 -41.56 -37.24
CA GLU B 1128 37.26 -42.58 -38.26
C GLU B 1128 35.93 -42.38 -38.96
N ASN B 1129 34.98 -41.67 -38.35
CA ASN B 1129 33.75 -41.28 -39.02
C ASN B 1129 33.92 -40.02 -39.86
N GLN B 1130 35.02 -39.30 -39.70
CA GLN B 1130 35.18 -38.00 -40.35
C GLN B 1130 35.42 -38.16 -41.84
N THR B 1131 34.88 -37.23 -42.63
CA THR B 1131 35.03 -37.21 -44.07
C THR B 1131 35.49 -35.82 -44.49
N PRO B 1132 36.19 -35.72 -45.63
CA PRO B 1132 36.64 -34.39 -46.09
C PRO B 1132 35.50 -33.41 -46.29
N GLU B 1133 34.34 -33.88 -46.76
CA GLU B 1133 33.21 -32.99 -46.93
C GLU B 1133 32.71 -32.45 -45.59
N PHE B 1134 32.78 -33.25 -44.54
CA PHE B 1134 32.38 -32.78 -43.22
C PHE B 1134 33.27 -31.64 -42.75
N PHE B 1135 34.59 -31.80 -42.93
CA PHE B 1135 35.52 -30.73 -42.59
C PHE B 1135 35.26 -29.50 -43.44
N GLN B 1136 34.99 -29.69 -44.73
CA GLN B 1136 34.71 -28.56 -45.62
C GLN B 1136 33.50 -27.78 -45.14
N ASP B 1137 32.38 -28.47 -44.91
CA ASP B 1137 31.14 -27.78 -44.54
C ASP B 1137 31.14 -27.32 -43.09
N VAL B 1138 32.08 -27.77 -42.27
CA VAL B 1138 32.23 -27.23 -40.93
C VAL B 1138 33.11 -25.99 -40.93
N CYS B 1139 34.20 -26.00 -41.69
CA CYS B 1139 35.09 -24.85 -41.75
C CYS B 1139 34.54 -23.72 -42.61
N LYS B 1140 33.61 -24.01 -43.53
CA LYS B 1140 33.04 -22.93 -44.34
C LYS B 1140 32.31 -21.88 -43.49
N PRO B 1141 31.41 -22.23 -42.57
CA PRO B 1141 30.79 -21.18 -41.74
C PRO B 1141 31.77 -20.44 -40.85
N LYS B 1142 32.87 -21.09 -40.43
CA LYS B 1142 33.76 -20.51 -39.43
C LYS B 1142 35.11 -20.10 -40.01
N TYR B 1143 35.82 -21.00 -40.67
CA TYR B 1143 37.14 -20.63 -41.19
C TYR B 1143 37.03 -19.78 -42.45
N SER B 1144 36.43 -20.33 -43.50
CA SER B 1144 36.31 -19.59 -44.75
C SER B 1144 35.45 -18.34 -44.55
N GLY B 1145 34.40 -18.45 -43.75
CA GLY B 1145 33.57 -17.28 -43.47
C GLY B 1145 34.34 -16.18 -42.79
N THR B 1146 35.17 -16.52 -41.80
CA THR B 1146 35.96 -15.50 -41.12
C THR B 1146 37.05 -14.94 -42.04
N LEU B 1147 37.62 -15.78 -42.90
CA LEU B 1147 38.59 -15.27 -43.86
C LEU B 1147 37.96 -14.26 -44.79
N ASN B 1148 36.76 -14.57 -45.31
CA ASN B 1148 36.07 -13.65 -46.19
C ASN B 1148 35.68 -12.37 -45.46
N LEU B 1149 35.20 -12.49 -44.22
CA LEU B 1149 34.86 -11.31 -43.44
C LEU B 1149 36.09 -10.45 -43.19
N ASP B 1150 37.23 -11.09 -42.89
CA ASP B 1150 38.48 -10.36 -42.72
C ASP B 1150 38.83 -9.58 -43.97
N ARG B 1151 38.81 -10.25 -45.12
CA ARG B 1151 39.21 -9.60 -46.36
C ARG B 1151 38.28 -8.43 -46.69
N VAL B 1152 36.98 -8.65 -46.57
CA VAL B 1152 36.01 -7.61 -46.93
C VAL B 1152 36.09 -6.44 -45.96
N THR B 1153 36.30 -6.71 -44.67
CA THR B 1153 36.42 -5.63 -43.70
C THR B 1153 37.70 -4.84 -43.92
N ARG B 1154 38.79 -5.51 -44.27
CA ARG B 1154 40.03 -4.81 -44.59
C ARG B 1154 39.85 -3.91 -45.81
N GLU B 1155 39.16 -4.42 -46.84
CA GLU B 1155 39.07 -3.68 -48.10
C GLU B 1155 37.95 -2.65 -48.13
N ALA B 1156 36.97 -2.74 -47.23
CA ALA B 1156 35.79 -1.89 -47.36
C ALA B 1156 35.23 -1.36 -46.03
N CYS B 1157 35.88 -1.59 -44.91
CA CYS B 1157 35.37 -1.19 -43.60
C CYS B 1157 36.44 -0.43 -42.84
N PRO B 1158 36.69 0.83 -43.20
CA PRO B 1158 37.70 1.62 -42.48
C PRO B 1158 37.27 2.03 -41.08
N GLU B 1159 35.96 2.07 -40.81
CA GLU B 1159 35.44 2.51 -39.52
C GLU B 1159 35.02 1.35 -38.62
N LEU B 1160 35.47 0.14 -38.92
CA LEU B 1160 35.13 -1.01 -38.10
C LEU B 1160 35.72 -0.86 -36.70
N ASP B 1161 34.92 -1.20 -35.70
CA ASP B 1161 35.35 -1.15 -34.31
C ASP B 1161 35.45 -2.52 -33.65
N TYR B 1162 34.53 -3.43 -33.96
CA TYR B 1162 34.48 -4.76 -33.35
C TYR B 1162 34.56 -5.81 -34.45
N PHE B 1163 35.50 -6.74 -34.31
CA PHE B 1163 35.59 -7.91 -35.18
C PHE B 1163 35.69 -9.12 -34.25
N VAL B 1164 34.55 -9.66 -33.85
CA VAL B 1164 34.48 -10.69 -32.83
C VAL B 1164 34.06 -12.00 -33.49
N VAL B 1165 34.74 -13.08 -33.13
CA VAL B 1165 34.37 -14.43 -33.58
C VAL B 1165 34.19 -15.29 -32.33
N PHE B 1166 33.19 -16.17 -32.38
CA PHE B 1166 32.85 -17.02 -31.23
C PHE B 1166 33.34 -18.43 -31.51
N SER B 1167 34.51 -18.76 -30.96
CA SER B 1167 35.04 -20.11 -31.03
C SER B 1167 34.66 -20.85 -29.74
N SER B 1168 34.96 -22.14 -29.69
CA SER B 1168 34.65 -22.96 -28.54
C SER B 1168 35.92 -23.30 -27.78
N VAL B 1169 35.76 -23.67 -26.51
CA VAL B 1169 36.88 -24.10 -25.69
C VAL B 1169 37.48 -25.41 -26.16
N SER B 1170 36.80 -26.12 -27.06
CA SER B 1170 37.33 -27.36 -27.59
C SER B 1170 38.64 -27.13 -28.32
N CYS B 1171 38.84 -25.94 -28.90
CA CYS B 1171 40.12 -25.63 -29.53
C CYS B 1171 41.18 -25.33 -28.48
N GLY B 1172 40.82 -24.62 -27.41
CA GLY B 1172 41.80 -24.22 -26.42
C GLY B 1172 42.38 -25.40 -25.67
N ARG B 1173 41.54 -26.34 -25.27
CA ARG B 1173 41.99 -27.50 -24.50
C ARG B 1173 41.83 -28.80 -25.26
N GLY B 1174 40.65 -29.08 -25.80
CA GLY B 1174 40.43 -30.31 -26.53
C GLY B 1174 39.15 -31.00 -26.14
N ASN B 1175 38.38 -31.47 -27.14
CA ASN B 1175 37.16 -32.23 -26.91
C ASN B 1175 37.07 -33.33 -27.95
N ALA B 1176 36.98 -34.57 -27.49
CA ALA B 1176 36.90 -35.70 -28.40
C ALA B 1176 35.55 -35.71 -29.12
N GLY B 1177 35.57 -36.06 -30.40
CA GLY B 1177 34.38 -36.15 -31.21
C GLY B 1177 34.16 -34.98 -32.14
N GLN B 1178 34.83 -33.84 -31.90
CA GLN B 1178 34.73 -32.67 -32.77
C GLN B 1178 36.14 -32.17 -33.07
N SER B 1179 36.75 -32.72 -34.11
CA SER B 1179 38.06 -32.26 -34.56
C SER B 1179 37.96 -31.17 -35.61
N ASN B 1180 36.97 -31.27 -36.50
CA ASN B 1180 36.73 -30.21 -37.47
C ASN B 1180 36.31 -28.92 -36.77
N TYR B 1181 35.49 -29.06 -35.73
CA TYR B 1181 35.07 -27.89 -34.95
C TYR B 1181 36.29 -27.19 -34.35
N GLY B 1182 37.20 -27.97 -33.77
CA GLY B 1182 38.41 -27.40 -33.21
C GLY B 1182 39.31 -26.77 -34.26
N PHE B 1183 39.42 -27.41 -35.43
CA PHE B 1183 40.22 -26.85 -36.51
C PHE B 1183 39.66 -25.50 -36.95
N ALA B 1184 38.34 -25.42 -37.13
CA ALA B 1184 37.71 -24.17 -37.52
C ALA B 1184 37.93 -23.10 -36.45
N ASN B 1185 37.79 -23.47 -35.18
CA ASN B 1185 37.98 -22.51 -34.10
C ASN B 1185 39.41 -21.98 -34.07
N SER B 1186 40.39 -22.87 -34.20
CA SER B 1186 41.78 -22.45 -34.15
C SER B 1186 42.13 -21.58 -35.36
N ALA B 1187 41.59 -21.92 -36.53
CA ALA B 1187 41.82 -21.09 -37.70
C ALA B 1187 41.22 -19.70 -37.51
N MET B 1188 40.02 -19.64 -36.93
CA MET B 1188 39.41 -18.35 -36.61
C MET B 1188 40.29 -17.56 -35.64
N GLU B 1189 40.85 -18.23 -34.64
CA GLU B 1189 41.71 -17.55 -33.68
C GLU B 1189 42.97 -17.02 -34.35
N ARG B 1190 43.56 -17.80 -35.26
CA ARG B 1190 44.73 -17.31 -35.99
C ARG B 1190 44.39 -16.10 -36.85
N ILE B 1191 43.21 -16.14 -37.48
CA ILE B 1191 42.76 -14.98 -38.27
C ILE B 1191 42.65 -13.76 -37.37
N CYS B 1192 42.06 -13.92 -36.20
CA CYS B 1192 41.89 -12.79 -35.28
C CYS B 1192 43.24 -12.27 -34.79
N GLU B 1193 44.18 -13.17 -34.51
CA GLU B 1193 45.51 -12.74 -34.09
C GLU B 1193 46.21 -11.97 -35.19
N LYS B 1194 46.10 -12.43 -36.44
CA LYS B 1194 46.66 -11.69 -37.56
C LYS B 1194 46.03 -10.32 -37.70
N ARG B 1195 44.71 -10.24 -37.52
CA ARG B 1195 44.02 -8.97 -37.59
C ARG B 1195 44.50 -8.01 -36.50
N ARG B 1196 44.63 -8.52 -35.28
CA ARG B 1196 45.02 -7.65 -34.15
C ARG B 1196 46.48 -7.26 -34.22
N HIS B 1197 47.32 -8.08 -34.83
CA HIS B 1197 48.75 -7.74 -34.93
C HIS B 1197 48.96 -6.50 -35.79
N GLU B 1198 48.16 -6.34 -36.83
CA GLU B 1198 48.28 -5.20 -37.73
C GLU B 1198 47.58 -3.95 -37.19
N GLY B 1199 46.96 -4.03 -36.03
CA GLY B 1199 46.27 -2.90 -35.44
C GLY B 1199 44.78 -2.87 -35.67
N LEU B 1200 44.26 -3.66 -36.60
CA LEU B 1200 42.83 -3.71 -36.82
C LEU B 1200 42.13 -4.45 -35.68
N PRO B 1201 40.86 -4.15 -35.45
CA PRO B 1201 40.13 -4.84 -34.38
C PRO B 1201 40.07 -6.34 -34.63
N GLY B 1202 40.16 -7.10 -33.54
CA GLY B 1202 40.11 -8.55 -33.62
C GLY B 1202 39.95 -9.19 -32.27
N LEU B 1203 39.02 -10.13 -32.15
CA LEU B 1203 38.75 -10.78 -30.89
C LEU B 1203 38.18 -12.17 -31.16
N ALA B 1204 38.73 -13.17 -30.49
CA ALA B 1204 38.24 -14.55 -30.57
C ALA B 1204 37.87 -14.98 -29.16
N VAL B 1205 36.59 -15.29 -28.94
CA VAL B 1205 36.10 -15.66 -27.63
C VAL B 1205 35.92 -17.17 -27.61
N GLN B 1206 36.70 -17.85 -26.77
CA GLN B 1206 36.64 -19.31 -26.64
C GLN B 1206 35.62 -19.64 -25.57
N TRP B 1207 34.36 -19.77 -25.98
CA TRP B 1207 33.29 -20.06 -25.04
C TRP B 1207 33.28 -21.52 -24.64
N GLY B 1208 32.96 -21.78 -23.38
CA GLY B 1208 32.62 -23.12 -22.94
C GLY B 1208 31.19 -23.42 -23.28
N ALA B 1209 30.63 -24.42 -22.59
CA ALA B 1209 29.22 -24.73 -22.79
C ALA B 1209 28.36 -23.56 -22.37
N ILE B 1210 27.34 -23.27 -23.18
CA ILE B 1210 26.44 -22.14 -22.94
C ILE B 1210 25.10 -22.69 -22.46
N GLY B 1211 24.61 -22.15 -21.36
CA GLY B 1211 23.50 -22.78 -20.65
C GLY B 1211 22.10 -22.43 -21.12
N ASP B 1212 21.75 -21.14 -21.08
CA ASP B 1212 20.36 -20.76 -21.31
C ASP B 1212 19.91 -21.10 -22.72
N VAL B 1213 20.74 -20.81 -23.72
CA VAL B 1213 20.42 -21.04 -25.11
C VAL B 1213 21.61 -21.71 -25.78
N GLY B 1214 21.44 -22.04 -27.07
CA GLY B 1214 22.49 -22.68 -27.83
C GLY B 1214 21.94 -23.75 -28.75
N ILE B 1215 22.74 -24.80 -28.98
CA ILE B 1215 22.29 -25.95 -29.75
C ILE B 1215 22.35 -27.24 -28.93
N LEU B 1216 23.44 -27.44 -28.18
CA LEU B 1216 23.54 -28.65 -27.37
C LEU B 1216 22.53 -28.67 -26.24
N VAL B 1217 22.20 -27.50 -25.69
CA VAL B 1217 21.23 -27.44 -24.60
C VAL B 1217 19.83 -27.74 -25.11
N GLU B 1218 19.47 -27.18 -26.26
CA GLU B 1218 18.10 -27.32 -26.77
C GLU B 1218 17.80 -28.76 -27.14
N THR B 1219 18.74 -29.45 -27.77
CA THR B 1219 18.50 -30.83 -28.21
C THR B 1219 18.23 -31.77 -27.05
N MET B 1220 19.24 -32.00 -26.19
CA MET B 1220 19.07 -32.96 -25.11
C MET B 1220 19.75 -32.57 -23.80
N SER B 1221 20.38 -31.40 -23.71
CA SER B 1221 21.08 -30.99 -22.49
C SER B 1221 20.18 -30.05 -21.70
N THR B 1222 19.21 -30.65 -21.01
CA THR B 1222 18.32 -29.88 -20.17
C THR B 1222 19.04 -29.37 -18.93
N ASN B 1223 18.62 -28.20 -18.47
CA ASN B 1223 19.20 -27.54 -17.28
C ASN B 1223 20.69 -27.32 -17.54
N ASP B 1224 21.55 -27.57 -16.56
CA ASP B 1224 23.00 -27.37 -16.70
C ASP B 1224 23.70 -28.64 -16.23
N THR B 1225 23.95 -29.55 -17.17
CA THR B 1225 24.63 -30.80 -16.88
C THR B 1225 26.12 -30.66 -17.16
N ILE B 1226 26.92 -31.47 -16.46
CA ILE B 1226 28.37 -31.40 -16.59
C ILE B 1226 28.75 -31.90 -17.98
N VAL B 1227 29.26 -30.99 -18.82
CA VAL B 1227 29.66 -31.30 -20.18
C VAL B 1227 31.17 -31.09 -20.28
N SER B 1228 31.91 -32.18 -20.48
CA SER B 1228 33.37 -32.13 -20.64
C SER B 1228 34.05 -31.47 -19.46
N GLY B 1229 33.46 -31.59 -18.27
CA GLY B 1229 34.02 -30.99 -17.08
C GLY B 1229 33.75 -29.50 -16.93
N THR B 1230 33.04 -28.89 -17.88
CA THR B 1230 32.72 -27.47 -17.83
C THR B 1230 31.21 -27.31 -17.75
N LEU B 1231 30.74 -26.60 -16.73
CA LEU B 1231 29.31 -26.39 -16.57
C LEU B 1231 28.79 -25.42 -17.62
N PRO B 1232 27.56 -25.60 -18.10
CA PRO B 1232 27.02 -24.67 -19.10
C PRO B 1232 26.85 -23.28 -18.53
N GLN B 1233 27.63 -22.33 -19.05
CA GLN B 1233 27.58 -20.95 -18.57
C GLN B 1233 26.24 -20.31 -18.89
N ARG B 1234 25.69 -19.60 -17.91
CA ARG B 1234 24.43 -18.91 -18.11
C ARG B 1234 24.63 -17.73 -19.04
N MET B 1235 23.53 -17.31 -19.70
CA MET B 1235 23.62 -16.25 -20.68
C MET B 1235 23.95 -14.90 -20.05
N ALA B 1236 23.42 -14.61 -18.87
CA ALA B 1236 23.77 -13.35 -18.22
C ALA B 1236 25.26 -13.29 -17.94
N SER B 1237 25.83 -14.37 -17.39
CA SER B 1237 27.26 -14.43 -17.16
C SER B 1237 28.03 -14.34 -18.47
N CYS B 1238 27.50 -14.98 -19.52
CA CYS B 1238 28.16 -14.91 -20.82
C CYS B 1238 28.22 -13.47 -21.33
N LEU B 1239 27.12 -12.72 -21.17
CA LEU B 1239 27.10 -11.35 -21.65
C LEU B 1239 28.02 -10.45 -20.83
N GLU B 1240 28.07 -10.63 -19.52
CA GLU B 1240 29.02 -9.86 -18.72
C GLU B 1240 30.45 -10.20 -19.10
N VAL B 1241 30.74 -11.47 -19.34
CA VAL B 1241 32.08 -11.88 -19.74
C VAL B 1241 32.44 -11.29 -21.09
N LEU B 1242 31.49 -11.28 -22.02
CA LEU B 1242 31.74 -10.68 -23.33
C LEU B 1242 31.99 -9.18 -23.22
N ASP B 1243 31.23 -8.50 -22.35
CA ASP B 1243 31.46 -7.08 -22.13
C ASP B 1243 32.86 -6.85 -21.58
N LEU B 1244 33.29 -7.70 -20.65
CA LEU B 1244 34.66 -7.59 -20.13
C LEU B 1244 35.69 -7.85 -21.24
N PHE B 1245 35.44 -8.86 -22.08
CA PHE B 1245 36.41 -9.24 -23.10
C PHE B 1245 36.55 -8.16 -24.16
N LEU B 1246 35.45 -7.50 -24.51
CA LEU B 1246 35.48 -6.51 -25.58
C LEU B 1246 36.33 -5.30 -25.26
N ASN B 1247 36.72 -5.11 -24.00
CA ASN B 1247 37.52 -3.98 -23.58
C ASN B 1247 38.92 -4.41 -23.15
N GLN B 1248 39.48 -5.42 -23.79
CA GLN B 1248 40.80 -5.93 -23.48
C GLN B 1248 41.65 -5.96 -24.74
N PRO B 1249 42.97 -5.78 -24.62
CA PRO B 1249 43.85 -5.83 -25.79
C PRO B 1249 44.23 -7.23 -26.24
N HIS B 1250 43.73 -8.27 -25.56
CA HIS B 1250 44.12 -9.63 -25.88
C HIS B 1250 43.39 -10.14 -27.11
N MET B 1251 44.12 -10.84 -27.97
CA MET B 1251 43.55 -11.30 -29.24
C MET B 1251 42.48 -12.37 -29.01
N VAL B 1252 42.80 -13.38 -28.21
CA VAL B 1252 41.90 -14.52 -27.98
C VAL B 1252 41.68 -14.66 -26.49
N LEU B 1253 40.42 -14.75 -26.09
CA LEU B 1253 40.07 -14.96 -24.69
C LEU B 1253 39.11 -16.12 -24.57
N SER B 1254 39.20 -16.83 -23.44
CA SER B 1254 38.41 -18.01 -23.17
C SER B 1254 37.65 -17.82 -21.86
N SER B 1255 36.46 -18.41 -21.79
CA SER B 1255 35.64 -18.31 -20.59
C SER B 1255 34.86 -19.60 -20.41
N PHE B 1256 34.90 -20.16 -19.22
CA PHE B 1256 34.09 -21.35 -18.95
C PHE B 1256 33.81 -21.44 -17.46
N VAL B 1257 32.94 -22.36 -17.09
CA VAL B 1257 32.53 -22.56 -15.71
C VAL B 1257 32.89 -23.98 -15.31
N LEU B 1258 33.69 -24.11 -14.25
CA LEU B 1258 34.11 -25.43 -13.78
C LEU B 1258 32.93 -26.21 -13.24
N ALA B 1259 33.00 -27.53 -13.39
CA ALA B 1259 31.94 -28.41 -12.91
C ALA B 1259 31.94 -28.47 -11.39
#